data_2QAC
# 
_entry.id   2QAC 
# 
_audit_conform.dict_name       mmcif_pdbx.dic 
_audit_conform.dict_version    5.403 
_audit_conform.dict_location   http://mmcif.pdb.org/dictionaries/ascii/mmcif_pdbx.dic 
# 
loop_
_database_2.database_id 
_database_2.database_code 
_database_2.pdbx_database_accession 
_database_2.pdbx_DOI 
PDB   2QAC         pdb_00002qac 10.2210/pdb2qac/pdb 
RCSB  RCSB043348   ?            ?                   
WWPDB D_1000043348 ?            ?                   
# 
loop_
_pdbx_audit_revision_history.ordinal 
_pdbx_audit_revision_history.data_content_type 
_pdbx_audit_revision_history.major_revision 
_pdbx_audit_revision_history.minor_revision 
_pdbx_audit_revision_history.revision_date 
_pdbx_audit_revision_history.part_number 
1 'Structure model' 1 0 2007-06-26 ? 
2 'Structure model' 1 1 2008-05-01 ? 
3 'Structure model' 1 2 2011-07-13 ? 
4 'Structure model' 1 3 2025-03-26 ? 
# 
_pdbx_audit_revision_details.ordinal             1 
_pdbx_audit_revision_details.revision_ordinal    1 
_pdbx_audit_revision_details.data_content_type   'Structure model' 
_pdbx_audit_revision_details.provider            repository 
_pdbx_audit_revision_details.type                'Initial release' 
_pdbx_audit_revision_details.description         ? 
_pdbx_audit_revision_details.details             ? 
# 
loop_
_pdbx_audit_revision_group.ordinal 
_pdbx_audit_revision_group.revision_ordinal 
_pdbx_audit_revision_group.data_content_type 
_pdbx_audit_revision_group.group 
1 2 'Structure model' 'Version format compliance' 
2 3 'Structure model' Advisory                    
3 3 'Structure model' 'Source and taxonomy'       
4 3 'Structure model' 'Version format compliance' 
5 4 'Structure model' 'Data collection'           
6 4 'Structure model' 'Database references'       
7 4 'Structure model' 'Derived calculations'      
8 4 'Structure model' 'Structure summary'         
# 
loop_
_pdbx_audit_revision_category.ordinal 
_pdbx_audit_revision_category.revision_ordinal 
_pdbx_audit_revision_category.data_content_type 
_pdbx_audit_revision_category.category 
1 4 'Structure model' chem_comp_atom            
2 4 'Structure model' chem_comp_bond            
3 4 'Structure model' database_2                
4 4 'Structure model' pdbx_entry_details        
5 4 'Structure model' pdbx_modification_feature 
6 4 'Structure model' struct_conn               
7 4 'Structure model' struct_ref_seq_dif        
# 
loop_
_pdbx_audit_revision_item.ordinal 
_pdbx_audit_revision_item.revision_ordinal 
_pdbx_audit_revision_item.data_content_type 
_pdbx_audit_revision_item.item 
1 4 'Structure model' '_database_2.pdbx_DOI'                
2 4 'Structure model' '_database_2.pdbx_database_accession' 
3 4 'Structure model' '_struct_conn.pdbx_leaving_atom_flag' 
4 4 'Structure model' '_struct_ref_seq_dif.details'         
# 
_pdbx_database_status.status_code                     REL 
_pdbx_database_status.entry_id                        2QAC 
_pdbx_database_status.recvd_initial_deposition_date   2007-06-14 
_pdbx_database_status.deposit_site                    RCSB 
_pdbx_database_status.process_site                    RCSB 
_pdbx_database_status.status_code_sf                  REL 
_pdbx_database_status.status_code_mr                  ? 
_pdbx_database_status.SG_entry                        Y 
_pdbx_database_status.pdb_format_compatible           Y 
_pdbx_database_status.status_code_cs                  ? 
_pdbx_database_status.status_code_nmr_data            ? 
_pdbx_database_status.methods_development_category    ? 
# 
loop_
_pdbx_database_related.db_name 
_pdbx_database_related.db_id 
_pdbx_database_related.details 
_pdbx_database_related.content_type 
TargetDB Pfal002849BAT .                                                            unspecified 
PDB      2AUC          'Crystal structure of Plasmodium knowlesi MTIP-MyoA complex' unspecified 
# 
loop_
_audit_author.name 
_audit_author.pdbx_ordinal 
'Bosch, J.'                                                    1 
'Turley, S.'                                                   2 
'Roach, C.M.'                                                  3 
'Daly, T.M.'                                                   4 
'Bergman, L.W.'                                                5 
'Hol, W.G.J.'                                                  6 
'Structural Genomics of Pathogenic Protozoa Consortium (SGPP)' 7 
# 
_citation.id                        primary 
_citation.title                     'The Closed MTIP-Myosin A-Tail Complex from the Malaria Parasite Invasion Machinery.' 
_citation.journal_abbrev            J.Mol.Biol. 
_citation.journal_volume            372 
_citation.page_first                77 
_citation.page_last                 88 
_citation.year                      2007 
_citation.journal_id_ASTM           JMOBAK 
_citation.country                   UK 
_citation.journal_id_ISSN           0022-2836 
_citation.journal_id_CSD            0070 
_citation.book_publisher            ? 
_citation.pdbx_database_id_PubMed   17628590 
_citation.pdbx_database_id_DOI      10.1016/j.jmb.2007.06.016 
# 
loop_
_citation_author.citation_id 
_citation_author.name 
_citation_author.ordinal 
_citation_author.identifier_ORCID 
primary 'Bosch, J.'     1 ? 
primary 'Turley, S.'    2 ? 
primary 'Roach, C.M.'   3 ? 
primary 'Daly, T.M.'    4 ? 
primary 'Bergman, L.W.' 5 ? 
primary 'Hol, W.G.'     6 ? 
# 
loop_
_entity.id 
_entity.type 
_entity.src_method 
_entity.pdbx_description 
_entity.formula_weight 
_entity.pdbx_number_of_molecules 
_entity.pdbx_ec 
_entity.pdbx_mutation 
_entity.pdbx_fragment 
_entity.details 
1 polymer man 'Myosin A tail domain interacting protein MTIP' 16701.496 1   ? ? 'Residues 61-204'                   ? 
2 polymer syn Myosin-A                                        1843.290  1   ? ? 'C-terminal tail, residues 803-817' ? 
3 water   nat water                                           18.015    228 ? ? ?                                   ? 
# 
loop_
_entity_poly.entity_id 
_entity_poly.type 
_entity_poly.nstd_linkage 
_entity_poly.nstd_monomer 
_entity_poly.pdbx_seq_one_letter_code 
_entity_poly.pdbx_seq_one_letter_code_can 
_entity_poly.pdbx_strand_id 
_entity_poly.pdbx_target_identifier 
1 'polypeptide(L)' no no  
;MESVADIQQLEEKVDESDVRIYFNEKSSGGKISIDNASYNARKLGLAPSSIDEKKIKELYGDNLTYEQYLEYLSICVHDK
DNVEELIKMFAHFDNNCTGYLTKSQMKNILTTWGDALTDQEAIDALNAFSSEDNIDYKLFCEDILQ
;
;MESVADIQQLEEKVDESDVRIYFNEKSSGGKISIDNASYNARKLGLAPSSIDEKKIKELYGDNLTYEQYLEYLSICVHDK
DNVEELIKMFAHFDNNCTGYLTKSQMKNILTTWGDALTDQEAIDALNAFSSEDNIDYKLFCEDILQ
;
A Pfal002849BAT 
2 'polypeptide(L)' no yes '(SAC)LMRVQAHIRKRMVA' SLMRVQAHIRKRMVA T ?             
# 
_pdbx_entity_nonpoly.entity_id   3 
_pdbx_entity_nonpoly.name        water 
_pdbx_entity_nonpoly.comp_id     HOH 
# 
loop_
_entity_poly_seq.entity_id 
_entity_poly_seq.num 
_entity_poly_seq.mon_id 
_entity_poly_seq.hetero 
1 1   MET n 
1 2   GLU n 
1 3   SER n 
1 4   VAL n 
1 5   ALA n 
1 6   ASP n 
1 7   ILE n 
1 8   GLN n 
1 9   GLN n 
1 10  LEU n 
1 11  GLU n 
1 12  GLU n 
1 13  LYS n 
1 14  VAL n 
1 15  ASP n 
1 16  GLU n 
1 17  SER n 
1 18  ASP n 
1 19  VAL n 
1 20  ARG n 
1 21  ILE n 
1 22  TYR n 
1 23  PHE n 
1 24  ASN n 
1 25  GLU n 
1 26  LYS n 
1 27  SER n 
1 28  SER n 
1 29  GLY n 
1 30  GLY n 
1 31  LYS n 
1 32  ILE n 
1 33  SER n 
1 34  ILE n 
1 35  ASP n 
1 36  ASN n 
1 37  ALA n 
1 38  SER n 
1 39  TYR n 
1 40  ASN n 
1 41  ALA n 
1 42  ARG n 
1 43  LYS n 
1 44  LEU n 
1 45  GLY n 
1 46  LEU n 
1 47  ALA n 
1 48  PRO n 
1 49  SER n 
1 50  SER n 
1 51  ILE n 
1 52  ASP n 
1 53  GLU n 
1 54  LYS n 
1 55  LYS n 
1 56  ILE n 
1 57  LYS n 
1 58  GLU n 
1 59  LEU n 
1 60  TYR n 
1 61  GLY n 
1 62  ASP n 
1 63  ASN n 
1 64  LEU n 
1 65  THR n 
1 66  TYR n 
1 67  GLU n 
1 68  GLN n 
1 69  TYR n 
1 70  LEU n 
1 71  GLU n 
1 72  TYR n 
1 73  LEU n 
1 74  SER n 
1 75  ILE n 
1 76  CYS n 
1 77  VAL n 
1 78  HIS n 
1 79  ASP n 
1 80  LYS n 
1 81  ASP n 
1 82  ASN n 
1 83  VAL n 
1 84  GLU n 
1 85  GLU n 
1 86  LEU n 
1 87  ILE n 
1 88  LYS n 
1 89  MET n 
1 90  PHE n 
1 91  ALA n 
1 92  HIS n 
1 93  PHE n 
1 94  ASP n 
1 95  ASN n 
1 96  ASN n 
1 97  CYS n 
1 98  THR n 
1 99  GLY n 
1 100 TYR n 
1 101 LEU n 
1 102 THR n 
1 103 LYS n 
1 104 SER n 
1 105 GLN n 
1 106 MET n 
1 107 LYS n 
1 108 ASN n 
1 109 ILE n 
1 110 LEU n 
1 111 THR n 
1 112 THR n 
1 113 TRP n 
1 114 GLY n 
1 115 ASP n 
1 116 ALA n 
1 117 LEU n 
1 118 THR n 
1 119 ASP n 
1 120 GLN n 
1 121 GLU n 
1 122 ALA n 
1 123 ILE n 
1 124 ASP n 
1 125 ALA n 
1 126 LEU n 
1 127 ASN n 
1 128 ALA n 
1 129 PHE n 
1 130 SER n 
1 131 SER n 
1 132 GLU n 
1 133 ASP n 
1 134 ASN n 
1 135 ILE n 
1 136 ASP n 
1 137 TYR n 
1 138 LYS n 
1 139 LEU n 
1 140 PHE n 
1 141 CYS n 
1 142 GLU n 
1 143 ASP n 
1 144 ILE n 
1 145 LEU n 
1 146 GLN n 
2 1   SAC n 
2 2   LEU n 
2 3   MET n 
2 4   ARG n 
2 5   VAL n 
2 6   GLN n 
2 7   ALA n 
2 8   HIS n 
2 9   ILE n 
2 10  ARG n 
2 11  LYS n 
2 12  ARG n 
2 13  MET n 
2 14  VAL n 
2 15  ALA n 
# 
_entity_src_gen.entity_id                          1 
_entity_src_gen.pdbx_src_id                        1 
_entity_src_gen.pdbx_alt_source_flag               sample 
_entity_src_gen.pdbx_seq_type                      ? 
_entity_src_gen.pdbx_beg_seq_num                   ? 
_entity_src_gen.pdbx_end_seq_num                   ? 
_entity_src_gen.gene_src_common_name               ? 
_entity_src_gen.gene_src_genus                     Plasmodium 
_entity_src_gen.pdbx_gene_src_gene                 PFL2225w 
_entity_src_gen.gene_src_species                   'Plasmodium falciparum' 
_entity_src_gen.gene_src_strain                    3D7 
_entity_src_gen.gene_src_tissue                    ? 
_entity_src_gen.gene_src_tissue_fraction           ? 
_entity_src_gen.gene_src_details                   ? 
_entity_src_gen.pdbx_gene_src_fragment             ? 
_entity_src_gen.pdbx_gene_src_scientific_name      'Plasmodium falciparum' 
_entity_src_gen.pdbx_gene_src_ncbi_taxonomy_id     36329 
_entity_src_gen.pdbx_gene_src_variant              ? 
_entity_src_gen.pdbx_gene_src_cell_line            ? 
_entity_src_gen.pdbx_gene_src_atcc                 ? 
_entity_src_gen.pdbx_gene_src_organ                ? 
_entity_src_gen.pdbx_gene_src_organelle            ? 
_entity_src_gen.pdbx_gene_src_cell                 ? 
_entity_src_gen.pdbx_gene_src_cellular_location    ? 
_entity_src_gen.host_org_common_name               ? 
_entity_src_gen.pdbx_host_org_scientific_name      'Escherichia coli' 
_entity_src_gen.pdbx_host_org_ncbi_taxonomy_id     562 
_entity_src_gen.host_org_genus                     Escherichia 
_entity_src_gen.pdbx_host_org_gene                 ? 
_entity_src_gen.pdbx_host_org_organ                ? 
_entity_src_gen.host_org_species                   ? 
_entity_src_gen.pdbx_host_org_tissue               ? 
_entity_src_gen.pdbx_host_org_tissue_fraction      ? 
_entity_src_gen.pdbx_host_org_strain               'BL21STAR(DE3)' 
_entity_src_gen.pdbx_host_org_variant              ? 
_entity_src_gen.pdbx_host_org_cell_line            ? 
_entity_src_gen.pdbx_host_org_atcc                 ? 
_entity_src_gen.pdbx_host_org_culture_collection   ? 
_entity_src_gen.pdbx_host_org_cell                 ? 
_entity_src_gen.pdbx_host_org_organelle            ? 
_entity_src_gen.pdbx_host_org_cellular_location    ? 
_entity_src_gen.pdbx_host_org_vector_type          Plasmid 
_entity_src_gen.pdbx_host_org_vector               'T7 System' 
_entity_src_gen.host_org_details                   ? 
_entity_src_gen.expression_system_id               ? 
_entity_src_gen.plasmid_name                       pET28a 
_entity_src_gen.plasmid_details                    ? 
_entity_src_gen.pdbx_description                   ? 
# 
_pdbx_entity_src_syn.entity_id              2 
_pdbx_entity_src_syn.pdbx_src_id            1 
_pdbx_entity_src_syn.pdbx_alt_source_flag   sample 
_pdbx_entity_src_syn.pdbx_beg_seq_num       ? 
_pdbx_entity_src_syn.pdbx_end_seq_num       ? 
_pdbx_entity_src_syn.organism_scientific    ? 
_pdbx_entity_src_syn.organism_common_name   ? 
_pdbx_entity_src_syn.ncbi_taxonomy_id       ? 
_pdbx_entity_src_syn.details                
;Synthetic peptide containing the C-terminal residues of Plasmodium yoelii Myosin A, UNP entry Q7RQ71, MYOA_PLAYO, sequence position 803-817
;
# 
loop_
_chem_comp.id 
_chem_comp.type 
_chem_comp.mon_nstd_flag 
_chem_comp.name 
_chem_comp.pdbx_synonyms 
_chem_comp.formula 
_chem_comp.formula_weight 
ALA 'L-peptide linking' y ALANINE         ? 'C3 H7 N O2'     89.093  
ARG 'L-peptide linking' y ARGININE        ? 'C6 H15 N4 O2 1' 175.209 
ASN 'L-peptide linking' y ASPARAGINE      ? 'C4 H8 N2 O3'    132.118 
ASP 'L-peptide linking' y 'ASPARTIC ACID' ? 'C4 H7 N O4'     133.103 
CYS 'L-peptide linking' y CYSTEINE        ? 'C3 H7 N O2 S'   121.158 
GLN 'L-peptide linking' y GLUTAMINE       ? 'C5 H10 N2 O3'   146.144 
GLU 'L-peptide linking' y 'GLUTAMIC ACID' ? 'C5 H9 N O4'     147.129 
GLY 'peptide linking'   y GLYCINE         ? 'C2 H5 N O2'     75.067  
HIS 'L-peptide linking' y HISTIDINE       ? 'C6 H10 N3 O2 1' 156.162 
HOH non-polymer         . WATER           ? 'H2 O'           18.015  
ILE 'L-peptide linking' y ISOLEUCINE      ? 'C6 H13 N O2'    131.173 
LEU 'L-peptide linking' y LEUCINE         ? 'C6 H13 N O2'    131.173 
LYS 'L-peptide linking' y LYSINE          ? 'C6 H15 N2 O2 1' 147.195 
MET 'L-peptide linking' y METHIONINE      ? 'C5 H11 N O2 S'  149.211 
PHE 'L-peptide linking' y PHENYLALANINE   ? 'C9 H11 N O2'    165.189 
PRO 'L-peptide linking' y PROLINE         ? 'C5 H9 N O2'     115.130 
SAC 'L-peptide linking' n N-ACETYL-SERINE ? 'C5 H9 N O4'     147.129 
SER 'L-peptide linking' y SERINE          ? 'C3 H7 N O3'     105.093 
THR 'L-peptide linking' y THREONINE       ? 'C4 H9 N O3'     119.119 
TRP 'L-peptide linking' y TRYPTOPHAN      ? 'C11 H12 N2 O2'  204.225 
TYR 'L-peptide linking' y TYROSINE        ? 'C9 H11 N O3'    181.189 
VAL 'L-peptide linking' y VALINE          ? 'C5 H11 N O2'    117.146 
# 
loop_
_pdbx_poly_seq_scheme.asym_id 
_pdbx_poly_seq_scheme.entity_id 
_pdbx_poly_seq_scheme.seq_id 
_pdbx_poly_seq_scheme.mon_id 
_pdbx_poly_seq_scheme.ndb_seq_num 
_pdbx_poly_seq_scheme.pdb_seq_num 
_pdbx_poly_seq_scheme.auth_seq_num 
_pdbx_poly_seq_scheme.pdb_mon_id 
_pdbx_poly_seq_scheme.auth_mon_id 
_pdbx_poly_seq_scheme.pdb_strand_id 
_pdbx_poly_seq_scheme.pdb_ins_code 
_pdbx_poly_seq_scheme.hetero 
A 1 1   MET 1   59  ?   ?   ?   A . n 
A 1 2   GLU 2   60  ?   ?   ?   A . n 
A 1 3   SER 3   61  61  SER SER A . n 
A 1 4   VAL 4   62  62  VAL VAL A . n 
A 1 5   ALA 5   63  63  ALA ALA A . n 
A 1 6   ASP 6   64  64  ASP ASP A . n 
A 1 7   ILE 7   65  65  ILE ILE A . n 
A 1 8   GLN 8   66  66  GLN GLN A . n 
A 1 9   GLN 9   67  67  GLN GLN A . n 
A 1 10  LEU 10  68  68  LEU LEU A . n 
A 1 11  GLU 11  69  69  GLU GLU A . n 
A 1 12  GLU 12  70  70  GLU GLU A . n 
A 1 13  LYS 13  71  71  LYS LYS A . n 
A 1 14  VAL 14  72  72  VAL VAL A . n 
A 1 15  ASP 15  73  73  ASP ASP A . n 
A 1 16  GLU 16  74  74  GLU GLU A . n 
A 1 17  SER 17  75  75  SER SER A . n 
A 1 18  ASP 18  76  76  ASP ASP A . n 
A 1 19  VAL 19  77  77  VAL VAL A . n 
A 1 20  ARG 20  78  78  ARG ARG A . n 
A 1 21  ILE 21  79  79  ILE ILE A . n 
A 1 22  TYR 22  80  80  TYR TYR A . n 
A 1 23  PHE 23  81  81  PHE PHE A . n 
A 1 24  ASN 24  82  82  ASN ASN A . n 
A 1 25  GLU 25  83  83  GLU GLU A . n 
A 1 26  LYS 26  84  84  LYS LYS A . n 
A 1 27  SER 27  85  85  SER SER A . n 
A 1 28  SER 28  86  86  SER SER A . n 
A 1 29  GLY 29  87  87  GLY GLY A . n 
A 1 30  GLY 30  88  88  GLY GLY A . n 
A 1 31  LYS 31  89  89  LYS LYS A . n 
A 1 32  ILE 32  90  90  ILE ILE A . n 
A 1 33  SER 33  91  91  SER SER A . n 
A 1 34  ILE 34  92  92  ILE ILE A . n 
A 1 35  ASP 35  93  93  ASP ASP A . n 
A 1 36  ASN 36  94  94  ASN ASN A . n 
A 1 37  ALA 37  95  95  ALA ALA A . n 
A 1 38  SER 38  96  96  SER SER A . n 
A 1 39  TYR 39  97  97  TYR TYR A . n 
A 1 40  ASN 40  98  98  ASN ASN A . n 
A 1 41  ALA 41  99  99  ALA ALA A . n 
A 1 42  ARG 42  100 100 ARG ARG A . n 
A 1 43  LYS 43  101 101 LYS LYS A . n 
A 1 44  LEU 44  102 102 LEU LEU A . n 
A 1 45  GLY 45  103 103 GLY GLY A . n 
A 1 46  LEU 46  104 104 LEU LEU A . n 
A 1 47  ALA 47  105 105 ALA ALA A . n 
A 1 48  PRO 48  106 106 PRO PRO A . n 
A 1 49  SER 49  107 107 SER SER A . n 
A 1 50  SER 50  108 108 SER SER A . n 
A 1 51  ILE 51  109 109 ILE ILE A . n 
A 1 52  ASP 52  110 110 ASP ASP A . n 
A 1 53  GLU 53  111 111 GLU GLU A . n 
A 1 54  LYS 54  112 112 LYS LYS A . n 
A 1 55  LYS 55  113 113 LYS LYS A . n 
A 1 56  ILE 56  114 114 ILE ILE A . n 
A 1 57  LYS 57  115 115 LYS LYS A . n 
A 1 58  GLU 58  116 116 GLU GLU A . n 
A 1 59  LEU 59  117 117 LEU LEU A . n 
A 1 60  TYR 60  118 118 TYR TYR A . n 
A 1 61  GLY 61  119 119 GLY GLY A . n 
A 1 62  ASP 62  120 120 ASP ASP A . n 
A 1 63  ASN 63  121 121 ASN ASN A . n 
A 1 64  LEU 64  122 122 LEU LEU A . n 
A 1 65  THR 65  123 123 THR THR A . n 
A 1 66  TYR 66  124 124 TYR TYR A . n 
A 1 67  GLU 67  125 125 GLU GLU A . n 
A 1 68  GLN 68  126 126 GLN GLN A . n 
A 1 69  TYR 69  127 127 TYR TYR A . n 
A 1 70  LEU 70  128 128 LEU LEU A . n 
A 1 71  GLU 71  129 129 GLU GLU A . n 
A 1 72  TYR 72  130 130 TYR TYR A . n 
A 1 73  LEU 73  131 131 LEU LEU A . n 
A 1 74  SER 74  132 132 SER SER A . n 
A 1 75  ILE 75  133 133 ILE ILE A . n 
A 1 76  CYS 76  134 134 CYS CYS A . n 
A 1 77  VAL 77  135 135 VAL VAL A . n 
A 1 78  HIS 78  136 136 HIS HIS A . n 
A 1 79  ASP 79  137 137 ASP ASP A . n 
A 1 80  LYS 80  138 138 LYS LYS A . n 
A 1 81  ASP 81  139 139 ASP ASP A . n 
A 1 82  ASN 82  140 140 ASN ASN A . n 
A 1 83  VAL 83  141 141 VAL VAL A . n 
A 1 84  GLU 84  142 142 GLU GLU A . n 
A 1 85  GLU 85  143 143 GLU GLU A . n 
A 1 86  LEU 86  144 144 LEU LEU A . n 
A 1 87  ILE 87  145 145 ILE ILE A . n 
A 1 88  LYS 88  146 146 LYS LYS A . n 
A 1 89  MET 89  147 147 MET MET A . n 
A 1 90  PHE 90  148 148 PHE PHE A . n 
A 1 91  ALA 91  149 149 ALA ALA A . n 
A 1 92  HIS 92  150 150 HIS HIS A . n 
A 1 93  PHE 93  151 151 PHE PHE A . n 
A 1 94  ASP 94  152 152 ASP ASP A . n 
A 1 95  ASN 95  153 153 ASN ASN A . n 
A 1 96  ASN 96  154 154 ASN ASN A . n 
A 1 97  CYS 97  155 155 CYS CYS A . n 
A 1 98  THR 98  156 156 THR THR A . n 
A 1 99  GLY 99  157 157 GLY GLY A . n 
A 1 100 TYR 100 158 158 TYR TYR A . n 
A 1 101 LEU 101 159 159 LEU LEU A . n 
A 1 102 THR 102 160 160 THR THR A . n 
A 1 103 LYS 103 161 161 LYS LYS A . n 
A 1 104 SER 104 162 162 SER SER A . n 
A 1 105 GLN 105 163 163 GLN GLN A . n 
A 1 106 MET 106 164 164 MET MET A . n 
A 1 107 LYS 107 165 165 LYS LYS A . n 
A 1 108 ASN 108 166 166 ASN ASN A . n 
A 1 109 ILE 109 167 167 ILE ILE A . n 
A 1 110 LEU 110 168 168 LEU LEU A . n 
A 1 111 THR 111 169 169 THR THR A . n 
A 1 112 THR 112 170 170 THR THR A . n 
A 1 113 TRP 113 171 171 TRP TRP A . n 
A 1 114 GLY 114 172 172 GLY GLY A . n 
A 1 115 ASP 115 173 173 ASP ASP A . n 
A 1 116 ALA 116 174 174 ALA ALA A . n 
A 1 117 LEU 117 175 175 LEU LEU A . n 
A 1 118 THR 118 176 176 THR THR A . n 
A 1 119 ASP 119 177 177 ASP ASP A . n 
A 1 120 GLN 120 178 178 GLN GLN A . n 
A 1 121 GLU 121 179 179 GLU GLU A . n 
A 1 122 ALA 122 180 180 ALA ALA A . n 
A 1 123 ILE 123 181 181 ILE ILE A . n 
A 1 124 ASP 124 182 182 ASP ASP A . n 
A 1 125 ALA 125 183 183 ALA ALA A . n 
A 1 126 LEU 126 184 184 LEU LEU A . n 
A 1 127 ASN 127 185 185 ASN ASN A . n 
A 1 128 ALA 128 186 186 ALA ALA A . n 
A 1 129 PHE 129 187 187 PHE PHE A . n 
A 1 130 SER 130 188 188 SER SER A . n 
A 1 131 SER 131 189 189 SER SER A . n 
A 1 132 GLU 132 190 190 GLU GLU A . n 
A 1 133 ASP 133 191 191 ASP ASP A . n 
A 1 134 ASN 134 192 192 ASN ASN A . n 
A 1 135 ILE 135 193 193 ILE ILE A . n 
A 1 136 ASP 136 194 194 ASP ASP A . n 
A 1 137 TYR 137 195 195 TYR TYR A . n 
A 1 138 LYS 138 196 196 LYS LYS A . n 
A 1 139 LEU 139 197 197 LEU LEU A . n 
A 1 140 PHE 140 198 198 PHE PHE A . n 
A 1 141 CYS 141 199 199 CYS CYS A . n 
A 1 142 GLU 142 200 200 GLU GLU A . n 
A 1 143 ASP 143 201 201 ASP ASP A . n 
A 1 144 ILE 144 202 202 ILE ILE A . n 
A 1 145 LEU 145 203 203 LEU LEU A . n 
A 1 146 GLN 146 204 204 GLN GLN A . n 
B 2 1   SAC 1   803 803 SAC SAC T . n 
B 2 2   LEU 2   804 804 LEU LEU T . n 
B 2 3   MET 3   805 805 MET MET T . n 
B 2 4   ARG 4   806 806 ARG ARG T . n 
B 2 5   VAL 5   807 807 VAL VAL T . n 
B 2 6   GLN 6   808 808 GLN GLN T . n 
B 2 7   ALA 7   809 809 ALA ALA T . n 
B 2 8   HIS 8   810 810 HIS HIS T . n 
B 2 9   ILE 9   811 811 ILE ILE T . n 
B 2 10  ARG 10  812 812 ARG ARG T . n 
B 2 11  LYS 11  813 813 LYS LYS T . n 
B 2 12  ARG 12  814 814 ARG ARG T . n 
B 2 13  MET 13  815 815 MET MET T . n 
B 2 14  VAL 14  816 816 VAL VAL T . n 
B 2 15  ALA 15  817 817 ALA ALA T . n 
# 
loop_
_pdbx_nonpoly_scheme.asym_id 
_pdbx_nonpoly_scheme.entity_id 
_pdbx_nonpoly_scheme.mon_id 
_pdbx_nonpoly_scheme.ndb_seq_num 
_pdbx_nonpoly_scheme.pdb_seq_num 
_pdbx_nonpoly_scheme.auth_seq_num 
_pdbx_nonpoly_scheme.pdb_mon_id 
_pdbx_nonpoly_scheme.auth_mon_id 
_pdbx_nonpoly_scheme.pdb_strand_id 
_pdbx_nonpoly_scheme.pdb_ins_code 
C 3 HOH 1   205 1   HOH HOH A . 
C 3 HOH 2   206 2   HOH HOH A . 
C 3 HOH 3   207 3   HOH HOH A . 
C 3 HOH 4   208 4   HOH HOH A . 
C 3 HOH 5   209 6   HOH HOH A . 
C 3 HOH 6   210 7   HOH HOH A . 
C 3 HOH 7   211 8   HOH HOH A . 
C 3 HOH 8   212 9   HOH HOH A . 
C 3 HOH 9   213 10  HOH HOH A . 
C 3 HOH 10  214 11  HOH HOH A . 
C 3 HOH 11  215 12  HOH HOH A . 
C 3 HOH 12  216 13  HOH HOH A . 
C 3 HOH 13  217 14  HOH HOH A . 
C 3 HOH 14  218 15  HOH HOH A . 
C 3 HOH 15  219 16  HOH HOH A . 
C 3 HOH 16  220 17  HOH HOH A . 
C 3 HOH 17  221 18  HOH HOH A . 
C 3 HOH 18  222 19  HOH HOH A . 
C 3 HOH 19  223 20  HOH HOH A . 
C 3 HOH 20  224 21  HOH HOH A . 
C 3 HOH 21  225 22  HOH HOH A . 
C 3 HOH 22  226 23  HOH HOH A . 
C 3 HOH 23  227 24  HOH HOH A . 
C 3 HOH 24  228 25  HOH HOH A . 
C 3 HOH 25  229 26  HOH HOH A . 
C 3 HOH 26  230 27  HOH HOH A . 
C 3 HOH 27  231 29  HOH HOH A . 
C 3 HOH 28  232 30  HOH HOH A . 
C 3 HOH 29  233 31  HOH HOH A . 
C 3 HOH 30  234 32  HOH HOH A . 
C 3 HOH 31  235 33  HOH HOH A . 
C 3 HOH 32  236 34  HOH HOH A . 
C 3 HOH 33  237 37  HOH HOH A . 
C 3 HOH 34  238 39  HOH HOH A . 
C 3 HOH 35  239 40  HOH HOH A . 
C 3 HOH 36  240 41  HOH HOH A . 
C 3 HOH 37  241 42  HOH HOH A . 
C 3 HOH 38  242 43  HOH HOH A . 
C 3 HOH 39  243 44  HOH HOH A . 
C 3 HOH 40  244 45  HOH HOH A . 
C 3 HOH 41  245 46  HOH HOH A . 
C 3 HOH 42  246 48  HOH HOH A . 
C 3 HOH 43  247 49  HOH HOH A . 
C 3 HOH 44  248 50  HOH HOH A . 
C 3 HOH 45  249 52  HOH HOH A . 
C 3 HOH 46  250 53  HOH HOH A . 
C 3 HOH 47  251 56  HOH HOH A . 
C 3 HOH 48  252 57  HOH HOH A . 
C 3 HOH 49  253 59  HOH HOH A . 
C 3 HOH 50  254 61  HOH HOH A . 
C 3 HOH 51  255 62  HOH HOH A . 
C 3 HOH 52  256 63  HOH HOH A . 
C 3 HOH 53  257 64  HOH HOH A . 
C 3 HOH 54  258 65  HOH HOH A . 
C 3 HOH 55  259 66  HOH HOH A . 
C 3 HOH 56  260 67  HOH HOH A . 
C 3 HOH 57  261 68  HOH HOH A . 
C 3 HOH 58  262 69  HOH HOH A . 
C 3 HOH 59  263 70  HOH HOH A . 
C 3 HOH 60  264 71  HOH HOH A . 
C 3 HOH 61  265 72  HOH HOH A . 
C 3 HOH 62  266 73  HOH HOH A . 
C 3 HOH 63  267 74  HOH HOH A . 
C 3 HOH 64  268 75  HOH HOH A . 
C 3 HOH 65  269 77  HOH HOH A . 
C 3 HOH 66  270 78  HOH HOH A . 
C 3 HOH 67  271 79  HOH HOH A . 
C 3 HOH 68  272 80  HOH HOH A . 
C 3 HOH 69  273 81  HOH HOH A . 
C 3 HOH 70  274 82  HOH HOH A . 
C 3 HOH 71  275 83  HOH HOH A . 
C 3 HOH 72  276 84  HOH HOH A . 
C 3 HOH 73  277 85  HOH HOH A . 
C 3 HOH 74  278 86  HOH HOH A . 
C 3 HOH 75  279 87  HOH HOH A . 
C 3 HOH 76  280 88  HOH HOH A . 
C 3 HOH 77  281 89  HOH HOH A . 
C 3 HOH 78  282 90  HOH HOH A . 
C 3 HOH 79  283 91  HOH HOH A . 
C 3 HOH 80  284 92  HOH HOH A . 
C 3 HOH 81  285 93  HOH HOH A . 
C 3 HOH 82  286 94  HOH HOH A . 
C 3 HOH 83  287 95  HOH HOH A . 
C 3 HOH 84  288 96  HOH HOH A . 
C 3 HOH 85  289 97  HOH HOH A . 
C 3 HOH 86  290 98  HOH HOH A . 
C 3 HOH 87  291 99  HOH HOH A . 
C 3 HOH 88  292 100 HOH HOH A . 
C 3 HOH 89  293 101 HOH HOH A . 
C 3 HOH 90  294 102 HOH HOH A . 
C 3 HOH 91  295 103 HOH HOH A . 
C 3 HOH 92  296 104 HOH HOH A . 
C 3 HOH 93  297 105 HOH HOH A . 
C 3 HOH 94  298 106 HOH HOH A . 
C 3 HOH 95  299 107 HOH HOH A . 
C 3 HOH 96  300 108 HOH HOH A . 
C 3 HOH 97  301 109 HOH HOH A . 
C 3 HOH 98  302 110 HOH HOH A . 
C 3 HOH 99  303 111 HOH HOH A . 
C 3 HOH 100 304 112 HOH HOH A . 
C 3 HOH 101 305 113 HOH HOH A . 
C 3 HOH 102 306 115 HOH HOH A . 
C 3 HOH 103 307 116 HOH HOH A . 
C 3 HOH 104 308 117 HOH HOH A . 
C 3 HOH 105 309 118 HOH HOH A . 
C 3 HOH 106 310 119 HOH HOH A . 
C 3 HOH 107 311 120 HOH HOH A . 
C 3 HOH 108 312 121 HOH HOH A . 
C 3 HOH 109 313 122 HOH HOH A . 
C 3 HOH 110 314 123 HOH HOH A . 
C 3 HOH 111 315 124 HOH HOH A . 
C 3 HOH 112 316 125 HOH HOH A . 
C 3 HOH 113 317 126 HOH HOH A . 
C 3 HOH 114 318 127 HOH HOH A . 
C 3 HOH 115 319 128 HOH HOH A . 
C 3 HOH 116 320 129 HOH HOH A . 
C 3 HOH 117 321 130 HOH HOH A . 
C 3 HOH 118 322 131 HOH HOH A . 
C 3 HOH 119 323 132 HOH HOH A . 
C 3 HOH 120 324 133 HOH HOH A . 
C 3 HOH 121 325 134 HOH HOH A . 
C 3 HOH 122 326 135 HOH HOH A . 
C 3 HOH 123 327 136 HOH HOH A . 
C 3 HOH 124 328 137 HOH HOH A . 
C 3 HOH 125 329 139 HOH HOH A . 
C 3 HOH 126 330 140 HOH HOH A . 
C 3 HOH 127 331 141 HOH HOH A . 
C 3 HOH 128 332 142 HOH HOH A . 
C 3 HOH 129 333 144 HOH HOH A . 
C 3 HOH 130 334 145 HOH HOH A . 
C 3 HOH 131 335 146 HOH HOH A . 
C 3 HOH 132 336 148 HOH HOH A . 
C 3 HOH 133 337 149 HOH HOH A . 
C 3 HOH 134 338 150 HOH HOH A . 
C 3 HOH 135 339 152 HOH HOH A . 
C 3 HOH 136 340 153 HOH HOH A . 
C 3 HOH 137 341 154 HOH HOH A . 
C 3 HOH 138 342 155 HOH HOH A . 
C 3 HOH 139 343 156 HOH HOH A . 
C 3 HOH 140 344 157 HOH HOH A . 
C 3 HOH 141 345 158 HOH HOH A . 
C 3 HOH 142 346 159 HOH HOH A . 
C 3 HOH 143 347 160 HOH HOH A . 
C 3 HOH 144 348 161 HOH HOH A . 
C 3 HOH 145 349 163 HOH HOH A . 
C 3 HOH 146 350 164 HOH HOH A . 
C 3 HOH 147 351 165 HOH HOH A . 
C 3 HOH 148 352 167 HOH HOH A . 
C 3 HOH 149 353 168 HOH HOH A . 
C 3 HOH 150 354 169 HOH HOH A . 
C 3 HOH 151 355 171 HOH HOH A . 
C 3 HOH 152 356 172 HOH HOH A . 
C 3 HOH 153 357 173 HOH HOH A . 
C 3 HOH 154 358 174 HOH HOH A . 
C 3 HOH 155 359 175 HOH HOH A . 
C 3 HOH 156 360 176 HOH HOH A . 
C 3 HOH 157 361 177 HOH HOH A . 
C 3 HOH 158 362 178 HOH HOH A . 
C 3 HOH 159 363 181 HOH HOH A . 
C 3 HOH 160 364 182 HOH HOH A . 
C 3 HOH 161 365 184 HOH HOH A . 
C 3 HOH 162 366 185 HOH HOH A . 
C 3 HOH 163 367 186 HOH HOH A . 
C 3 HOH 164 368 187 HOH HOH A . 
C 3 HOH 165 369 188 HOH HOH A . 
C 3 HOH 166 370 189 HOH HOH A . 
C 3 HOH 167 371 192 HOH HOH A . 
C 3 HOH 168 372 193 HOH HOH A . 
C 3 HOH 169 373 194 HOH HOH A . 
C 3 HOH 170 374 195 HOH HOH A . 
C 3 HOH 171 375 196 HOH HOH A . 
C 3 HOH 172 376 198 HOH HOH A . 
C 3 HOH 173 377 199 HOH HOH A . 
C 3 HOH 174 378 200 HOH HOH A . 
C 3 HOH 175 379 201 HOH HOH A . 
C 3 HOH 176 380 202 HOH HOH A . 
C 3 HOH 177 381 203 HOH HOH A . 
C 3 HOH 178 382 204 HOH HOH A . 
C 3 HOH 179 383 205 HOH HOH A . 
C 3 HOH 180 384 206 HOH HOH A . 
C 3 HOH 181 385 208 HOH HOH A . 
C 3 HOH 182 386 209 HOH HOH A . 
C 3 HOH 183 387 210 HOH HOH A . 
C 3 HOH 184 388 211 HOH HOH A . 
C 3 HOH 185 389 213 HOH HOH A . 
C 3 HOH 186 390 214 HOH HOH A . 
C 3 HOH 187 391 215 HOH HOH A . 
C 3 HOH 188 392 217 HOH HOH A . 
C 3 HOH 189 393 219 HOH HOH A . 
C 3 HOH 190 394 221 HOH HOH A . 
C 3 HOH 191 395 222 HOH HOH A . 
C 3 HOH 192 396 223 HOH HOH A . 
C 3 HOH 193 397 228 HOH HOH A . 
C 3 HOH 194 398 229 HOH HOH A . 
C 3 HOH 195 399 231 HOH HOH A . 
C 3 HOH 196 400 234 HOH HOH A . 
C 3 HOH 197 401 235 HOH HOH A . 
C 3 HOH 198 402 237 HOH HOH A . 
C 3 HOH 199 403 238 HOH HOH A . 
C 3 HOH 200 404 239 HOH HOH A . 
C 3 HOH 201 405 240 HOH HOH A . 
C 3 HOH 202 406 241 HOH HOH A . 
C 3 HOH 203 407 242 HOH HOH A . 
C 3 HOH 204 408 243 HOH HOH A . 
C 3 HOH 205 409 245 HOH HOH A . 
D 3 HOH 1   5   5   HOH HOH T . 
D 3 HOH 2   28  28  HOH HOH T . 
D 3 HOH 3   35  35  HOH HOH T . 
D 3 HOH 4   36  36  HOH HOH T . 
D 3 HOH 5   38  38  HOH HOH T . 
D 3 HOH 6   47  47  HOH HOH T . 
D 3 HOH 7   51  51  HOH HOH T . 
D 3 HOH 8   54  54  HOH HOH T . 
D 3 HOH 9   76  76  HOH HOH T . 
D 3 HOH 10  114 114 HOH HOH T . 
D 3 HOH 11  138 138 HOH HOH T . 
D 3 HOH 12  143 143 HOH HOH T . 
D 3 HOH 13  151 151 HOH HOH T . 
D 3 HOH 14  166 166 HOH HOH T . 
D 3 HOH 15  179 179 HOH HOH T . 
D 3 HOH 16  180 180 HOH HOH T . 
D 3 HOH 17  183 183 HOH HOH T . 
D 3 HOH 18  216 216 HOH HOH T . 
D 3 HOH 19  225 225 HOH HOH T . 
D 3 HOH 20  233 233 HOH HOH T . 
D 3 HOH 21  236 236 HOH HOH T . 
D 3 HOH 22  244 244 HOH HOH T . 
D 3 HOH 23  246 246 HOH HOH T . 
# 
loop_
_software.name 
_software.classification 
_software.version 
_software.citation_id 
_software.pdbx_ordinal 
REFMAC refinement        5.2.0019 ? 1 
ADSC   'data collection' Quantum  ? 2 
MOSFLM 'data reduction'  .        ? 3 
SCALA  'data scaling'    .        ? 4 
SHELXS phasing           .        ? 5 
# 
_cell.entry_id           2QAC 
_cell.length_a           37.217 
_cell.length_b           54.120 
_cell.length_c           76.326 
_cell.angle_alpha        90.00 
_cell.angle_beta         90.00 
_cell.angle_gamma        90.00 
_cell.Z_PDB              4 
_cell.pdbx_unique_axis   ? 
_cell.length_a_esd       ? 
_cell.length_b_esd       ? 
_cell.length_c_esd       ? 
_cell.angle_alpha_esd    ? 
_cell.angle_beta_esd     ? 
_cell.angle_gamma_esd    ? 
# 
_symmetry.entry_id                         2QAC 
_symmetry.space_group_name_H-M             'P 21 21 21' 
_symmetry.pdbx_full_space_group_name_H-M   ? 
_symmetry.cell_setting                     ? 
_symmetry.Int_Tables_number                19 
_symmetry.space_group_name_Hall            ? 
# 
_exptl.entry_id          2QAC 
_exptl.method            'X-RAY DIFFRACTION' 
_exptl.crystals_number   2 
# 
_exptl_crystal.id                    1 
_exptl_crystal.density_meas          ? 
_exptl_crystal.density_Matthews      2.07 
_exptl_crystal.density_percent_sol   40.65 
_exptl_crystal.description           ? 
_exptl_crystal.F_000                 ? 
_exptl_crystal.preparation           ? 
# 
_exptl_crystal_grow.crystal_id      1 
_exptl_crystal_grow.method          'VAPOR DIFFUSION, SITTING DROP' 
_exptl_crystal_grow.temp            298 
_exptl_crystal_grow.temp_details    ? 
_exptl_crystal_grow.pH              7.5 
_exptl_crystal_grow.pdbx_details    '20% PEG 3350, 0.2 M KNO3, pH 7.5, VAPOR DIFFUSION, SITTING DROP, temperature 298K' 
_exptl_crystal_grow.pdbx_pH_range   . 
# 
loop_
_diffrn.id 
_diffrn.ambient_temp 
_diffrn.ambient_temp_details 
_diffrn.crystal_id 
1   100 ? 1 
2   100 ? 1 
1,2 ?   ? 1 
# 
loop_
_diffrn_detector.diffrn_id 
_diffrn_detector.detector 
_diffrn_detector.type 
_diffrn_detector.pdbx_collection_date 
_diffrn_detector.details 
1 CCD 'ADSC QUANTUM 315' 2006-03-20 ? 
2 CCD 'ADSC QUANTUM 315' 2006-04-22 ? 
# 
loop_
_diffrn_radiation.diffrn_id 
_diffrn_radiation.wavelength_id 
_diffrn_radiation.pdbx_monochromatic_or_laue_m_l 
_diffrn_radiation.monochromator 
_diffrn_radiation.pdbx_diffrn_protocol 
_diffrn_radiation.pdbx_scattering_type 
1 1 M ? 'SINGLE WAVELENGTH' x-ray 
2 1 M ? MAD                 x-ray 
# 
loop_
_diffrn_radiation_wavelength.id 
_diffrn_radiation_wavelength.wavelength 
_diffrn_radiation_wavelength.wt 
1 0.98000 1.0 
2 0.97890 1.0 
3 0.97930 1.0 
4 0.90500 1.0 
# 
loop_
_diffrn_source.diffrn_id 
_diffrn_source.source 
_diffrn_source.type 
_diffrn_source.pdbx_synchrotron_site 
_diffrn_source.pdbx_synchrotron_beamline 
_diffrn_source.pdbx_wavelength 
_diffrn_source.pdbx_wavelength_list 
1 SYNCHROTRON 'ALS BEAMLINE 8.2.2'  ALS  8.2.2 ? 0.98000                     
2 SYNCHROTRON 'SSRL BEAMLINE BL9-2' SSRL BL9-2 ? '0.97890, 0.97930, 0.90500' 
# 
_reflns.entry_id                     2QAC 
_reflns.observed_criterion_sigma_F   0 
_reflns.observed_criterion_sigma_I   0 
_reflns.d_resolution_high            1.7 
_reflns.d_resolution_low             20 
_reflns.number_all                   14110 
_reflns.number_obs                   14110 
_reflns.percent_possible_obs         100 
_reflns.pdbx_Rmerge_I_obs            ? 
_reflns.pdbx_Rsym_value              0.055 
_reflns.pdbx_netI_over_sigmaI        15.2 
_reflns.B_iso_Wilson_estimate        26.26 
_reflns.pdbx_redundancy              5.1 
_reflns.R_free_details               ? 
_reflns.limit_h_max                  ? 
_reflns.limit_h_min                  ? 
_reflns.limit_k_max                  ? 
_reflns.limit_k_min                  ? 
_reflns.limit_l_max                  ? 
_reflns.limit_l_min                  ? 
_reflns.observed_criterion_F_max     ? 
_reflns.observed_criterion_F_min     ? 
_reflns.pdbx_chi_squared             ? 
_reflns.pdbx_scaling_rejects         ? 
_reflns.pdbx_ordinal                 1 
_reflns.pdbx_diffrn_id               1,2 
# 
_reflns_shell.d_res_high             1.700 
_reflns_shell.d_res_low              1.791 
_reflns_shell.percent_possible_all   100 
_reflns_shell.Rmerge_I_obs           ? 
_reflns_shell.pdbx_Rsym_value        0.643 
_reflns_shell.meanI_over_sigI_obs    1.8 
_reflns_shell.pdbx_redundancy        3.8 
_reflns_shell.percent_possible_obs   ? 
_reflns_shell.number_unique_all      1073 
_reflns_shell.number_measured_all    ? 
_reflns_shell.number_measured_obs    ? 
_reflns_shell.number_unique_obs      ? 
_reflns_shell.pdbx_chi_squared       ? 
_reflns_shell.pdbx_ordinal           1 
_reflns_shell.pdbx_diffrn_id         1,2 
# 
_refine.entry_id                                 2QAC 
_refine.ls_number_reflns_obs                     14109 
_refine.ls_number_reflns_all                     14110 
_refine.pdbx_ls_sigma_I                          ? 
_refine.pdbx_ls_sigma_F                          ? 
_refine.pdbx_data_cutoff_high_absF               ? 
_refine.pdbx_data_cutoff_low_absF                ? 
_refine.pdbx_data_cutoff_high_rms_absF           ? 
_refine.ls_d_res_low                             19.58 
_refine.ls_d_res_high                            1.70 
_refine.ls_percent_reflns_obs                    100.00 
_refine.ls_R_factor_obs                          0.16984 
_refine.ls_R_factor_all                          ? 
_refine.ls_R_factor_R_work                       0.16694 
_refine.ls_R_factor_R_free                       0.22828 
_refine.ls_R_factor_R_free_error                 ? 
_refine.ls_R_factor_R_free_error_details         ? 
_refine.ls_percent_reflns_R_free                 5.0 
_refine.ls_number_reflns_R_free                  739 
_refine.ls_number_parameters                     ? 
_refine.ls_number_restraints                     ? 
_refine.occupancy_min                            ? 
_refine.occupancy_max                            ? 
_refine.correlation_coeff_Fo_to_Fc               0.965 
_refine.correlation_coeff_Fo_to_Fc_free          0.929 
_refine.B_iso_mean                               16.492 
_refine.aniso_B[1][1]                            0.01 
_refine.aniso_B[2][2]                            0.03 
_refine.aniso_B[3][3]                            -0.04 
_refine.aniso_B[1][2]                            0.00 
_refine.aniso_B[1][3]                            0.00 
_refine.aniso_B[2][3]                            0.00 
_refine.solvent_model_details                    'BABINET MODEL WITH MASK' 
_refine.solvent_model_param_ksol                 ? 
_refine.solvent_model_param_bsol                 ? 
_refine.pdbx_solvent_vdw_probe_radii             1.20 
_refine.pdbx_solvent_ion_probe_radii             0.80 
_refine.pdbx_solvent_shrinkage_radii             0.80 
_refine.pdbx_ls_cross_valid_method               THROUGHOUT 
_refine.details                                  'HYDROGENS HAVE BEEN ADDED IN THE RIDING POSITIONS' 
_refine.pdbx_starting_model                      ? 
_refine.pdbx_method_to_determine_struct          MAD 
_refine.pdbx_isotropic_thermal_model             ? 
_refine.pdbx_stereochemistry_target_values       'MAXIMUM LIKELIHOOD' 
_refine.pdbx_stereochem_target_val_spec_case     ? 
_refine.pdbx_R_Free_selection_details            RANDOM 
_refine.pdbx_overall_ESU_R                       0.128 
_refine.pdbx_overall_ESU_R_Free                  0.131 
_refine.overall_SU_ML                            0.084 
_refine.overall_SU_B                             5.127 
_refine.ls_redundancy_reflns_obs                 ? 
_refine.B_iso_min                                ? 
_refine.B_iso_max                                ? 
_refine.overall_SU_R_Cruickshank_DPI             ? 
_refine.overall_SU_R_free                        ? 
_refine.ls_wR_factor_R_free                      ? 
_refine.ls_wR_factor_R_work                      ? 
_refine.overall_FOM_free_R_set                   ? 
_refine.overall_FOM_work_R_set                   ? 
_refine.pdbx_refine_id                           'X-RAY DIFFRACTION' 
_refine.pdbx_TLS_residual_ADP_flag               'LIKELY RESIDUAL' 
_refine.pdbx_diffrn_id                           1 
_refine.pdbx_overall_phase_error                 ? 
_refine.pdbx_overall_SU_R_free_Cruickshank_DPI   ? 
_refine.pdbx_overall_SU_R_Blow_DPI               ? 
_refine.pdbx_overall_SU_R_free_Blow_DPI          ? 
# 
_refine_hist.pdbx_refine_id                   'X-RAY DIFFRACTION' 
_refine_hist.cycle_id                         LAST 
_refine_hist.pdbx_number_atoms_protein        1281 
_refine_hist.pdbx_number_atoms_nucleic_acid   0 
_refine_hist.pdbx_number_atoms_ligand         0 
_refine_hist.number_atoms_solvent             228 
_refine_hist.number_atoms_total               1509 
_refine_hist.d_res_high                       1.70 
_refine_hist.d_res_low                        19.58 
# 
loop_
_refine_ls_restr.type 
_refine_ls_restr.dev_ideal 
_refine_ls_restr.dev_ideal_target 
_refine_ls_restr.weight 
_refine_ls_restr.number 
_refine_ls_restr.pdbx_refine_id 
_refine_ls_restr.pdbx_restraint_function 
r_bond_refined_d             0.006  0.022  ? 1357 'X-RAY DIFFRACTION' ? 
r_bond_other_d               0.001  0.020  ? 914  'X-RAY DIFFRACTION' ? 
r_angle_refined_deg          0.942  1.970  ? 1841 'X-RAY DIFFRACTION' ? 
r_angle_other_deg            0.836  3.000  ? 2258 'X-RAY DIFFRACTION' ? 
r_dihedral_angle_1_deg       4.890  5.000  ? 176  'X-RAY DIFFRACTION' ? 
r_dihedral_angle_2_deg       31.746 25.857 ? 70   'X-RAY DIFFRACTION' ? 
r_dihedral_angle_3_deg       12.590 15.000 ? 264  'X-RAY DIFFRACTION' ? 
r_dihedral_angle_4_deg       27.643 15.000 ? 6    'X-RAY DIFFRACTION' ? 
r_chiral_restr               0.058  0.200  ? 208  'X-RAY DIFFRACTION' ? 
r_gen_planes_refined         0.003  0.020  ? 1524 'X-RAY DIFFRACTION' ? 
r_gen_planes_other           0.001  0.020  ? 258  'X-RAY DIFFRACTION' ? 
r_nbd_refined                0.192  0.200  ? 358  'X-RAY DIFFRACTION' ? 
r_nbd_other                  0.175  0.200  ? 1010 'X-RAY DIFFRACTION' ? 
r_nbtor_refined              0.177  0.200  ? 665  'X-RAY DIFFRACTION' ? 
r_nbtor_other                0.081  0.200  ? 683  'X-RAY DIFFRACTION' ? 
r_xyhbond_nbd_refined        0.128  0.200  ? 198  'X-RAY DIFFRACTION' ? 
r_xyhbond_nbd_other          ?      ?      ? ?    'X-RAY DIFFRACTION' ? 
r_metal_ion_refined          ?      ?      ? ?    'X-RAY DIFFRACTION' ? 
r_metal_ion_other            ?      ?      ? ?    'X-RAY DIFFRACTION' ? 
r_symmetry_vdw_refined       0.174  0.200  ? 26   'X-RAY DIFFRACTION' ? 
r_symmetry_vdw_other         0.197  0.200  ? 50   'X-RAY DIFFRACTION' ? 
r_symmetry_hbond_refined     0.157  0.200  ? 39   'X-RAY DIFFRACTION' ? 
r_symmetry_hbond_other       ?      ?      ? ?    'X-RAY DIFFRACTION' ? 
r_symmetry_metal_ion_refined ?      ?      ? ?    'X-RAY DIFFRACTION' ? 
r_symmetry_metal_ion_other   ?      ?      ? ?    'X-RAY DIFFRACTION' ? 
r_mcbond_it                  1.552  4.000  ? 1086 'X-RAY DIFFRACTION' ? 
r_mcbond_other               0.302  4.000  ? 334  'X-RAY DIFFRACTION' ? 
r_mcangle_it                 1.805  6.000  ? 1334 'X-RAY DIFFRACTION' ? 
r_scbond_it                  2.277  6.000  ? 623  'X-RAY DIFFRACTION' ? 
r_scangle_it                 3.284  10.000 ? 497  'X-RAY DIFFRACTION' ? 
r_rigid_bond_restr           ?      ?      ? ?    'X-RAY DIFFRACTION' ? 
r_sphericity_free            ?      ?      ? ?    'X-RAY DIFFRACTION' ? 
r_sphericity_bonded          ?      ?      ? ?    'X-RAY DIFFRACTION' ? 
# 
_refine_ls_shell.pdbx_total_number_of_bins_used   10 
_refine_ls_shell.d_res_high                       1.700 
_refine_ls_shell.d_res_low                        1.791 
_refine_ls_shell.number_reflns_R_work             1073 
_refine_ls_shell.R_factor_R_work                  0.224 
_refine_ls_shell.percent_reflns_obs               100.00 
_refine_ls_shell.R_factor_R_free                  0.28 
_refine_ls_shell.R_factor_R_free_error            ? 
_refine_ls_shell.percent_reflns_R_free            ? 
_refine_ls_shell.number_reflns_R_free             64 
_refine_ls_shell.number_reflns_all                ? 
_refine_ls_shell.R_factor_all                     ? 
_refine_ls_shell.number_reflns_obs                ? 
_refine_ls_shell.redundancy_reflns_obs            ? 
_refine_ls_shell.pdbx_refine_id                   'X-RAY DIFFRACTION' 
# 
_struct.entry_id                  2QAC 
_struct.title                     'The closed MTIP-MyosinA-tail complex from the malaria parasite invasion machinery' 
_struct.pdbx_model_details        ? 
_struct.pdbx_CASP_flag            ? 
_struct.pdbx_model_type_details   ? 
# 
_struct_keywords.entry_id        2QAC 
_struct_keywords.pdbx_keywords   'MEMBRANE PROTEIN' 
_struct_keywords.text            
;Malaria Invasion, Structural Genomics, PSI, Protein Structure Initiative, Structural Genomics of Pathogenic Protozoa Consortium, SGPP, MEMBRANE PROTEIN
;
# 
loop_
_struct_asym.id 
_struct_asym.pdbx_blank_PDB_chainid_flag 
_struct_asym.pdbx_modified 
_struct_asym.entity_id 
_struct_asym.details 
A N N 1 ? 
B N N 2 ? 
C N N 3 ? 
D N N 3 ? 
# 
loop_
_struct_ref.id 
_struct_ref.db_name 
_struct_ref.db_code 
_struct_ref.pdbx_db_accession 
_struct_ref.entity_id 
_struct_ref.pdbx_seq_one_letter_code 
_struct_ref.pdbx_align_begin 
_struct_ref.pdbx_db_isoform 
1 UNP Q8I4W8_PLAF7 Q8I4W8 1 
;SVADIQQLEEKVDESDVRIYFNEKSSGGKISIDNASYNARKLGLAPSSIDEKKIKELYGDNLTYEQYLEYLSICVHDKDN
VEELIKMFAHFDNNCTGYLTKSQMKNILTTWGDALTDQEAIDALNAFSSEDNIDYKLFCEDILQ
;
61  ? 
2 UNP MYOA_PLAYO   Q7RQ71 2 SLMRVQAHIRKRMVA 803 ? 
# 
loop_
_struct_ref_seq.align_id 
_struct_ref_seq.ref_id 
_struct_ref_seq.pdbx_PDB_id_code 
_struct_ref_seq.pdbx_strand_id 
_struct_ref_seq.seq_align_beg 
_struct_ref_seq.pdbx_seq_align_beg_ins_code 
_struct_ref_seq.seq_align_end 
_struct_ref_seq.pdbx_seq_align_end_ins_code 
_struct_ref_seq.pdbx_db_accession 
_struct_ref_seq.db_align_beg 
_struct_ref_seq.pdbx_db_align_beg_ins_code 
_struct_ref_seq.db_align_end 
_struct_ref_seq.pdbx_db_align_end_ins_code 
_struct_ref_seq.pdbx_auth_seq_align_beg 
_struct_ref_seq.pdbx_auth_seq_align_end 
1 1 2QAC A 3 ? 146 ? Q8I4W8 61  ? 204 ? 61  204 
2 2 2QAC T 1 ? 15  ? Q7RQ71 803 ? 817 ? 803 817 
# 
loop_
_struct_ref_seq_dif.align_id 
_struct_ref_seq_dif.pdbx_pdb_id_code 
_struct_ref_seq_dif.mon_id 
_struct_ref_seq_dif.pdbx_pdb_strand_id 
_struct_ref_seq_dif.seq_num 
_struct_ref_seq_dif.pdbx_pdb_ins_code 
_struct_ref_seq_dif.pdbx_seq_db_name 
_struct_ref_seq_dif.pdbx_seq_db_accession_code 
_struct_ref_seq_dif.db_mon_id 
_struct_ref_seq_dif.pdbx_seq_db_seq_num 
_struct_ref_seq_dif.details 
_struct_ref_seq_dif.pdbx_auth_seq_num 
_struct_ref_seq_dif.pdbx_ordinal 
1 2QAC MET A 1 ? UNP Q8I4W8 ?   ?   'cloning artifact' 59  1 
1 2QAC GLU A 2 ? UNP Q8I4W8 ?   ?   'cloning artifact' 60  2 
2 2QAC SAC T 1 ? UNP Q7RQ71 SER 803 'modified residue' 803 3 
# 
_pdbx_struct_assembly.id                   1 
_pdbx_struct_assembly.details              author_and_software_defined_assembly 
_pdbx_struct_assembly.method_details       PISA 
_pdbx_struct_assembly.oligomeric_details   dimeric 
_pdbx_struct_assembly.oligomeric_count     2 
# 
loop_
_pdbx_struct_assembly_prop.biol_id 
_pdbx_struct_assembly_prop.type 
_pdbx_struct_assembly_prop.value 
_pdbx_struct_assembly_prop.details 
1 'ABSA (A^2)' 2130 ? 
1 MORE         -15  ? 
1 'SSA (A^2)'  8650 ? 
# 
_pdbx_struct_assembly_gen.assembly_id       1 
_pdbx_struct_assembly_gen.oper_expression   1 
_pdbx_struct_assembly_gen.asym_id_list      A,B,C,D 
# 
_pdbx_struct_oper_list.id                   1 
_pdbx_struct_oper_list.type                 'identity operation' 
_pdbx_struct_oper_list.name                 1_555 
_pdbx_struct_oper_list.symmetry_operation   x,y,z 
_pdbx_struct_oper_list.matrix[1][1]         1.0000000000 
_pdbx_struct_oper_list.matrix[1][2]         0.0000000000 
_pdbx_struct_oper_list.matrix[1][3]         0.0000000000 
_pdbx_struct_oper_list.vector[1]            0.0000000000 
_pdbx_struct_oper_list.matrix[2][1]         0.0000000000 
_pdbx_struct_oper_list.matrix[2][2]         1.0000000000 
_pdbx_struct_oper_list.matrix[2][3]         0.0000000000 
_pdbx_struct_oper_list.vector[2]            0.0000000000 
_pdbx_struct_oper_list.matrix[3][1]         0.0000000000 
_pdbx_struct_oper_list.matrix[3][2]         0.0000000000 
_pdbx_struct_oper_list.matrix[3][3]         1.0000000000 
_pdbx_struct_oper_list.vector[3]            0.0000000000 
# 
_struct_biol.id   1 
# 
loop_
_struct_conf.conf_type_id 
_struct_conf.id 
_struct_conf.pdbx_PDB_helix_id 
_struct_conf.beg_label_comp_id 
_struct_conf.beg_label_asym_id 
_struct_conf.beg_label_seq_id 
_struct_conf.pdbx_beg_PDB_ins_code 
_struct_conf.end_label_comp_id 
_struct_conf.end_label_asym_id 
_struct_conf.end_label_seq_id 
_struct_conf.pdbx_end_PDB_ins_code 
_struct_conf.beg_auth_comp_id 
_struct_conf.beg_auth_asym_id 
_struct_conf.beg_auth_seq_id 
_struct_conf.end_auth_comp_id 
_struct_conf.end_auth_asym_id 
_struct_conf.end_auth_seq_id 
_struct_conf.pdbx_PDB_helix_class 
_struct_conf.details 
_struct_conf.pdbx_PDB_helix_length 
HELX_P HELX_P1  1  ASP A 6   ? VAL A 14  ? ASP A 64  VAL A 72  1 ? 9  
HELX_P HELX_P2  2  ASP A 15  ? SER A 27  ? ASP A 73  SER A 85  1 ? 13 
HELX_P HELX_P3  3  ILE A 34  ? LEU A 44  ? ILE A 92  LEU A 102 1 ? 11 
HELX_P HELX_P4  4  SER A 49  ? GLY A 61  ? SER A 107 GLY A 119 1 ? 13 
HELX_P HELX_P5  5  THR A 65  ? CYS A 76  ? THR A 123 CYS A 134 1 ? 12 
HELX_P HELX_P6  6  ASN A 82  ? HIS A 92  ? ASN A 140 HIS A 150 1 ? 11 
HELX_P HELX_P7  7  LYS A 103 ? TRP A 113 ? LYS A 161 TRP A 171 1 ? 11 
HELX_P HELX_P8  8  THR A 118 ? SER A 130 ? THR A 176 SER A 188 1 ? 13 
HELX_P HELX_P9  9  TYR A 137 ? LEU A 145 ? TYR A 195 LEU A 203 1 ? 9  
HELX_P HELX_P10 10 SAC B 1   ? ALA B 15  ? SAC T 803 ALA T 817 1 ? 15 
# 
_struct_conf_type.id          HELX_P 
_struct_conf_type.criteria    ? 
_struct_conf_type.reference   ? 
# 
_struct_conn.id                            covale1 
_struct_conn.conn_type_id                  covale 
_struct_conn.pdbx_leaving_atom_flag        both 
_struct_conn.pdbx_PDB_id                   ? 
_struct_conn.ptnr1_label_asym_id           B 
_struct_conn.ptnr1_label_comp_id           SAC 
_struct_conn.ptnr1_label_seq_id            1 
_struct_conn.ptnr1_label_atom_id           C 
_struct_conn.pdbx_ptnr1_label_alt_id       ? 
_struct_conn.pdbx_ptnr1_PDB_ins_code       ? 
_struct_conn.pdbx_ptnr1_standard_comp_id   ? 
_struct_conn.ptnr1_symmetry                1_555 
_struct_conn.ptnr2_label_asym_id           B 
_struct_conn.ptnr2_label_comp_id           LEU 
_struct_conn.ptnr2_label_seq_id            2 
_struct_conn.ptnr2_label_atom_id           N 
_struct_conn.pdbx_ptnr2_label_alt_id       ? 
_struct_conn.pdbx_ptnr2_PDB_ins_code       ? 
_struct_conn.ptnr1_auth_asym_id            T 
_struct_conn.ptnr1_auth_comp_id            SAC 
_struct_conn.ptnr1_auth_seq_id             803 
_struct_conn.ptnr2_auth_asym_id            T 
_struct_conn.ptnr2_auth_comp_id            LEU 
_struct_conn.ptnr2_auth_seq_id             804 
_struct_conn.ptnr2_symmetry                1_555 
_struct_conn.pdbx_ptnr3_label_atom_id      ? 
_struct_conn.pdbx_ptnr3_label_seq_id       ? 
_struct_conn.pdbx_ptnr3_label_comp_id      ? 
_struct_conn.pdbx_ptnr3_label_asym_id      ? 
_struct_conn.pdbx_ptnr3_label_alt_id       ? 
_struct_conn.pdbx_ptnr3_PDB_ins_code       ? 
_struct_conn.details                       ? 
_struct_conn.pdbx_dist_value               1.521 
_struct_conn.pdbx_value_order              ? 
_struct_conn.pdbx_role                     ? 
# 
_struct_conn_type.id          covale 
_struct_conn_type.criteria    ? 
_struct_conn_type.reference   ? 
# 
loop_
_struct_sheet.id 
_struct_sheet.type 
_struct_sheet.number_strands 
_struct_sheet.details 
A ? 2 ? 
B ? 2 ? 
# 
loop_
_struct_sheet_order.sheet_id 
_struct_sheet_order.range_id_1 
_struct_sheet_order.range_id_2 
_struct_sheet_order.offset 
_struct_sheet_order.sense 
A 1 2 ? anti-parallel 
B 1 2 ? anti-parallel 
# 
loop_
_struct_sheet_range.sheet_id 
_struct_sheet_range.id 
_struct_sheet_range.beg_label_comp_id 
_struct_sheet_range.beg_label_asym_id 
_struct_sheet_range.beg_label_seq_id 
_struct_sheet_range.pdbx_beg_PDB_ins_code 
_struct_sheet_range.end_label_comp_id 
_struct_sheet_range.end_label_asym_id 
_struct_sheet_range.end_label_seq_id 
_struct_sheet_range.pdbx_end_PDB_ins_code 
_struct_sheet_range.beg_auth_comp_id 
_struct_sheet_range.beg_auth_asym_id 
_struct_sheet_range.beg_auth_seq_id 
_struct_sheet_range.end_auth_comp_id 
_struct_sheet_range.end_auth_asym_id 
_struct_sheet_range.end_auth_seq_id 
A 1 ILE A 32  ? SER A 33  ? ILE A 90  SER A 91  
A 2 ASN A 63  ? LEU A 64  ? ASN A 121 LEU A 122 
B 1 TYR A 100 ? THR A 102 ? TYR A 158 THR A 160 
B 2 ASN A 134 ? ASP A 136 ? ASN A 192 ASP A 194 
# 
loop_
_pdbx_struct_sheet_hbond.sheet_id 
_pdbx_struct_sheet_hbond.range_id_1 
_pdbx_struct_sheet_hbond.range_id_2 
_pdbx_struct_sheet_hbond.range_1_label_atom_id 
_pdbx_struct_sheet_hbond.range_1_label_comp_id 
_pdbx_struct_sheet_hbond.range_1_label_asym_id 
_pdbx_struct_sheet_hbond.range_1_label_seq_id 
_pdbx_struct_sheet_hbond.range_1_PDB_ins_code 
_pdbx_struct_sheet_hbond.range_1_auth_atom_id 
_pdbx_struct_sheet_hbond.range_1_auth_comp_id 
_pdbx_struct_sheet_hbond.range_1_auth_asym_id 
_pdbx_struct_sheet_hbond.range_1_auth_seq_id 
_pdbx_struct_sheet_hbond.range_2_label_atom_id 
_pdbx_struct_sheet_hbond.range_2_label_comp_id 
_pdbx_struct_sheet_hbond.range_2_label_asym_id 
_pdbx_struct_sheet_hbond.range_2_label_seq_id 
_pdbx_struct_sheet_hbond.range_2_PDB_ins_code 
_pdbx_struct_sheet_hbond.range_2_auth_atom_id 
_pdbx_struct_sheet_hbond.range_2_auth_comp_id 
_pdbx_struct_sheet_hbond.range_2_auth_asym_id 
_pdbx_struct_sheet_hbond.range_2_auth_seq_id 
A 1 2 N ILE A 32  ? N ILE A 90  O LEU A 64  ? O LEU A 122 
B 1 2 N LEU A 101 ? N LEU A 159 O ILE A 135 ? O ILE A 193 
# 
_pdbx_entry_details.entry_id                   2QAC 
_pdbx_entry_details.compound_details           ? 
_pdbx_entry_details.source_details             ? 
_pdbx_entry_details.nonpolymer_details         ? 
_pdbx_entry_details.sequence_details           ? 
_pdbx_entry_details.has_ligand_of_interest     ? 
_pdbx_entry_details.has_protein_modification   Y 
# 
_pdbx_validate_rmsd_bond.id                        1 
_pdbx_validate_rmsd_bond.PDB_model_num             1 
_pdbx_validate_rmsd_bond.auth_atom_id_1            C 
_pdbx_validate_rmsd_bond.auth_asym_id_1            T 
_pdbx_validate_rmsd_bond.auth_comp_id_1            SAC 
_pdbx_validate_rmsd_bond.auth_seq_id_1             803 
_pdbx_validate_rmsd_bond.PDB_ins_code_1            ? 
_pdbx_validate_rmsd_bond.label_alt_id_1            ? 
_pdbx_validate_rmsd_bond.auth_atom_id_2            N 
_pdbx_validate_rmsd_bond.auth_asym_id_2            T 
_pdbx_validate_rmsd_bond.auth_comp_id_2            LEU 
_pdbx_validate_rmsd_bond.auth_seq_id_2             804 
_pdbx_validate_rmsd_bond.PDB_ins_code_2            ? 
_pdbx_validate_rmsd_bond.label_alt_id_2            ? 
_pdbx_validate_rmsd_bond.bond_value                1.521 
_pdbx_validate_rmsd_bond.bond_target_value         1.336 
_pdbx_validate_rmsd_bond.bond_deviation            0.185 
_pdbx_validate_rmsd_bond.bond_standard_deviation   0.023 
_pdbx_validate_rmsd_bond.linker_flag               Y 
# 
_pdbx_validate_rmsd_angle.id                         1 
_pdbx_validate_rmsd_angle.PDB_model_num              1 
_pdbx_validate_rmsd_angle.auth_atom_id_1             O 
_pdbx_validate_rmsd_angle.auth_asym_id_1             T 
_pdbx_validate_rmsd_angle.auth_comp_id_1             SAC 
_pdbx_validate_rmsd_angle.auth_seq_id_1              803 
_pdbx_validate_rmsd_angle.PDB_ins_code_1             ? 
_pdbx_validate_rmsd_angle.label_alt_id_1             ? 
_pdbx_validate_rmsd_angle.auth_atom_id_2             C 
_pdbx_validate_rmsd_angle.auth_asym_id_2             T 
_pdbx_validate_rmsd_angle.auth_comp_id_2             SAC 
_pdbx_validate_rmsd_angle.auth_seq_id_2              803 
_pdbx_validate_rmsd_angle.PDB_ins_code_2             ? 
_pdbx_validate_rmsd_angle.label_alt_id_2             ? 
_pdbx_validate_rmsd_angle.auth_atom_id_3             N 
_pdbx_validate_rmsd_angle.auth_asym_id_3             T 
_pdbx_validate_rmsd_angle.auth_comp_id_3             LEU 
_pdbx_validate_rmsd_angle.auth_seq_id_3              804 
_pdbx_validate_rmsd_angle.PDB_ins_code_3             ? 
_pdbx_validate_rmsd_angle.label_alt_id_3             ? 
_pdbx_validate_rmsd_angle.angle_value                110.19 
_pdbx_validate_rmsd_angle.angle_target_value         122.70 
_pdbx_validate_rmsd_angle.angle_deviation            -12.51 
_pdbx_validate_rmsd_angle.angle_standard_deviation   1.60 
_pdbx_validate_rmsd_angle.linker_flag                Y 
# 
_pdbx_validate_main_chain_plane.id                       1 
_pdbx_validate_main_chain_plane.PDB_model_num            1 
_pdbx_validate_main_chain_plane.auth_comp_id             SAC 
_pdbx_validate_main_chain_plane.auth_asym_id             T 
_pdbx_validate_main_chain_plane.auth_seq_id              803 
_pdbx_validate_main_chain_plane.PDB_ins_code             ? 
_pdbx_validate_main_chain_plane.label_alt_id             ? 
_pdbx_validate_main_chain_plane.improper_torsion_angle   18.19 
# 
_pdbx_SG_project.id                    1 
_pdbx_SG_project.project_name          'PSI, Protein Structure Initiative' 
_pdbx_SG_project.full_name_of_center   'Structural Genomics of Pathogenic Protozoa Consortium' 
_pdbx_SG_project.initial_of_center     SGPP 
# 
_pdbx_struct_mod_residue.id               1 
_pdbx_struct_mod_residue.label_asym_id    B 
_pdbx_struct_mod_residue.label_comp_id    SAC 
_pdbx_struct_mod_residue.label_seq_id     1 
_pdbx_struct_mod_residue.auth_asym_id     T 
_pdbx_struct_mod_residue.auth_comp_id     SAC 
_pdbx_struct_mod_residue.auth_seq_id      803 
_pdbx_struct_mod_residue.PDB_ins_code     ? 
_pdbx_struct_mod_residue.parent_comp_id   SER 
_pdbx_struct_mod_residue.details          N-ACETYL-SERINE 
# 
loop_
_pdbx_refine_tls.id 
_pdbx_refine_tls.details 
_pdbx_refine_tls.method 
_pdbx_refine_tls.origin_x 
_pdbx_refine_tls.origin_y 
_pdbx_refine_tls.origin_z 
_pdbx_refine_tls.T[1][1] 
_pdbx_refine_tls.T[2][2] 
_pdbx_refine_tls.T[3][3] 
_pdbx_refine_tls.T[1][2] 
_pdbx_refine_tls.T[1][3] 
_pdbx_refine_tls.T[2][3] 
_pdbx_refine_tls.L[1][1] 
_pdbx_refine_tls.L[2][2] 
_pdbx_refine_tls.L[3][3] 
_pdbx_refine_tls.L[1][2] 
_pdbx_refine_tls.L[1][3] 
_pdbx_refine_tls.L[2][3] 
_pdbx_refine_tls.S[1][1] 
_pdbx_refine_tls.S[1][2] 
_pdbx_refine_tls.S[1][3] 
_pdbx_refine_tls.S[2][1] 
_pdbx_refine_tls.S[2][2] 
_pdbx_refine_tls.S[2][3] 
_pdbx_refine_tls.S[3][1] 
_pdbx_refine_tls.S[3][2] 
_pdbx_refine_tls.S[3][3] 
_pdbx_refine_tls.pdbx_refine_id 
1  ? refined -3.0433  11.0501  -15.5526 0.2134 0.0517  0.1415 0.1541  -0.1448 0.0402  7.0846  12.4464 7.4364  -8.9105 -6.3084 9.4359  0.9511  1.0148  0.1414  -1.7524 -0.9647 1.3129  -0.2991 -1.4048 0.0138  'X-RAY DIFFRACTION' 
2  ? refined -1.1436  16.5310  -6.6787  0.0488 -0.0216 0.2044 0.1492  -0.0752 -0.0824 19.8710 19.0574 18.2247 8.7048  10.5738 7.9713  0.0727  -0.2612 1.0123  -0.3950 -0.5217 1.6421  -1.0317 -0.6338 0.4490  'X-RAY DIFFRACTION' 
3  ? refined 8.1993   7.4385   -5.0829  0.0708 0.0619  0.0656 0.0025  -0.0080 0.0086  0.8089  1.8149  1.2784  0.5632  -0.0257 0.2199  0.0103  -0.0307 0.0046  0.0148  -0.0286 -0.0419 -0.0742 0.0577  0.0183  'X-RAY DIFFRACTION' 
4  ? refined 11.6450  4.0781   -13.7098 0.1223 0.0453  0.0644 0.0162  0.0280  0.0251  1.9435  3.7267  1.5599  0.1599  -0.9755 1.9133  -0.0119 -0.0600 -0.1108 -0.3646 -0.0019 -0.0981 -0.1917 0.1333  0.0138  'X-RAY DIFFRACTION' 
5  ? refined -0.5553  4.1623   -9.7872  0.0732 0.0937  0.0722 0.0057  -0.0219 0.0335  2.7064  1.5569  0.4675  1.5765  -1.0617 -0.4379 0.0408  0.1748  -0.0750 -0.1108 0.0795  0.0620  -0.1765 -0.2210 -0.1203 'X-RAY DIFFRACTION' 
6  ? refined -12.4673 -12.7678 4.8203   0.0567 0.0706  0.0889 -0.0233 0.0094  -0.0057 1.5684  2.7919  0.9953  -0.3298 -0.3358 0.0863  -0.0384 0.2044  -0.0101 -0.0304 -0.0610 -0.0390 0.2186  -0.1683 0.0994  'X-RAY DIFFRACTION' 
7  ? refined -1.5694  -9.2561  11.9474  0.0874 0.0527  0.0632 -0.0013 0.0103  0.0220  1.2890  0.8618  1.6398  -0.2363 -0.4648 -0.2751 -0.0318 -0.1723 -0.0887 0.0718  -0.0712 -0.0605 -0.0319 0.1221  0.1031  'X-RAY DIFFRACTION' 
8  ? refined -10.4094 -3.7254  10.7566  0.0607 0.0591  0.1021 0.0244  0.0270  0.0072  1.5197  1.6148  2.7484  0.1906  -0.1893 -1.3407 0.0090  -0.0372 -0.0541 0.1849  0.0932  -0.0705 -0.2247 -0.2341 -0.1022 'X-RAY DIFFRACTION' 
9  ? refined -1.7743  -4.7369  1.0224   0.0646 0.0703  0.0825 0.0038  0.0171  0.0062  1.0333  2.7387  1.4362  0.7621  0.7845  -0.7742 -0.0129 0.0853  -0.0924 0.0680  0.0028  0.0750  -0.0778 0.0032  0.0101  'X-RAY DIFFRACTION' 
10 ? refined 0.4094   4.7066   6.3428   0.1617 0.0419  0.0339 0.0029  -0.0122 0.0048  30.4847 6.3913  16.1780 8.7897  9.6507  9.8969  0.1304  -0.3389 0.9384  0.0656  -0.1560 0.4280  0.0015  0.0287  0.0256  'X-RAY DIFFRACTION' 
# 
loop_
_pdbx_refine_tls_group.id 
_pdbx_refine_tls_group.refine_tls_id 
_pdbx_refine_tls_group.beg_auth_asym_id 
_pdbx_refine_tls_group.beg_auth_seq_id 
_pdbx_refine_tls_group.beg_label_asym_id 
_pdbx_refine_tls_group.beg_label_seq_id 
_pdbx_refine_tls_group.end_auth_asym_id 
_pdbx_refine_tls_group.end_auth_seq_id 
_pdbx_refine_tls_group.end_label_asym_id 
_pdbx_refine_tls_group.end_label_seq_id 
_pdbx_refine_tls_group.selection 
_pdbx_refine_tls_group.pdbx_refine_id 
_pdbx_refine_tls_group.selection_details 
1  1  A 61  A 3   A 70  A 12  ? 'X-RAY DIFFRACTION' ? 
2  2  A 71  A 13  A 76  A 18  ? 'X-RAY DIFFRACTION' ? 
3  3  A 77  A 19  A 113 A 55  ? 'X-RAY DIFFRACTION' ? 
4  4  A 114 A 56  A 125 A 67  ? 'X-RAY DIFFRACTION' ? 
5  5  A 126 A 68  A 140 A 82  ? 'X-RAY DIFFRACTION' ? 
6  6  A 141 A 83  A 155 A 97  ? 'X-RAY DIFFRACTION' ? 
7  7  A 156 A 98  A 189 A 131 ? 'X-RAY DIFFRACTION' ? 
8  8  A 190 A 132 A 204 A 146 ? 'X-RAY DIFFRACTION' ? 
9  9  T 803 B 1   T 812 B 10  ? 'X-RAY DIFFRACTION' ? 
10 10 T 813 B 11  T 817 B 15  ? 'X-RAY DIFFRACTION' ? 
# 
loop_
_pdbx_unobs_or_zero_occ_residues.id 
_pdbx_unobs_or_zero_occ_residues.PDB_model_num 
_pdbx_unobs_or_zero_occ_residues.polymer_flag 
_pdbx_unobs_or_zero_occ_residues.occupancy_flag 
_pdbx_unobs_or_zero_occ_residues.auth_asym_id 
_pdbx_unobs_or_zero_occ_residues.auth_comp_id 
_pdbx_unobs_or_zero_occ_residues.auth_seq_id 
_pdbx_unobs_or_zero_occ_residues.PDB_ins_code 
_pdbx_unobs_or_zero_occ_residues.label_asym_id 
_pdbx_unobs_or_zero_occ_residues.label_comp_id 
_pdbx_unobs_or_zero_occ_residues.label_seq_id 
1 1 Y 1 A MET 59 ? A MET 1 
2 1 Y 1 A GLU 60 ? A GLU 2 
# 
loop_
_chem_comp_atom.comp_id 
_chem_comp_atom.atom_id 
_chem_comp_atom.type_symbol 
_chem_comp_atom.pdbx_aromatic_flag 
_chem_comp_atom.pdbx_stereo_config 
_chem_comp_atom.pdbx_ordinal 
ALA N    N N N 1   
ALA CA   C N S 2   
ALA C    C N N 3   
ALA O    O N N 4   
ALA CB   C N N 5   
ALA OXT  O N N 6   
ALA H    H N N 7   
ALA H2   H N N 8   
ALA HA   H N N 9   
ALA HB1  H N N 10  
ALA HB2  H N N 11  
ALA HB3  H N N 12  
ALA HXT  H N N 13  
ARG N    N N N 14  
ARG CA   C N S 15  
ARG C    C N N 16  
ARG O    O N N 17  
ARG CB   C N N 18  
ARG CG   C N N 19  
ARG CD   C N N 20  
ARG NE   N N N 21  
ARG CZ   C N N 22  
ARG NH1  N N N 23  
ARG NH2  N N N 24  
ARG OXT  O N N 25  
ARG H    H N N 26  
ARG H2   H N N 27  
ARG HA   H N N 28  
ARG HB2  H N N 29  
ARG HB3  H N N 30  
ARG HG2  H N N 31  
ARG HG3  H N N 32  
ARG HD2  H N N 33  
ARG HD3  H N N 34  
ARG HE   H N N 35  
ARG HH11 H N N 36  
ARG HH12 H N N 37  
ARG HH21 H N N 38  
ARG HH22 H N N 39  
ARG HXT  H N N 40  
ASN N    N N N 41  
ASN CA   C N S 42  
ASN C    C N N 43  
ASN O    O N N 44  
ASN CB   C N N 45  
ASN CG   C N N 46  
ASN OD1  O N N 47  
ASN ND2  N N N 48  
ASN OXT  O N N 49  
ASN H    H N N 50  
ASN H2   H N N 51  
ASN HA   H N N 52  
ASN HB2  H N N 53  
ASN HB3  H N N 54  
ASN HD21 H N N 55  
ASN HD22 H N N 56  
ASN HXT  H N N 57  
ASP N    N N N 58  
ASP CA   C N S 59  
ASP C    C N N 60  
ASP O    O N N 61  
ASP CB   C N N 62  
ASP CG   C N N 63  
ASP OD1  O N N 64  
ASP OD2  O N N 65  
ASP OXT  O N N 66  
ASP H    H N N 67  
ASP H2   H N N 68  
ASP HA   H N N 69  
ASP HB2  H N N 70  
ASP HB3  H N N 71  
ASP HD2  H N N 72  
ASP HXT  H N N 73  
CYS N    N N N 74  
CYS CA   C N R 75  
CYS C    C N N 76  
CYS O    O N N 77  
CYS CB   C N N 78  
CYS SG   S N N 79  
CYS OXT  O N N 80  
CYS H    H N N 81  
CYS H2   H N N 82  
CYS HA   H N N 83  
CYS HB2  H N N 84  
CYS HB3  H N N 85  
CYS HG   H N N 86  
CYS HXT  H N N 87  
GLN N    N N N 88  
GLN CA   C N S 89  
GLN C    C N N 90  
GLN O    O N N 91  
GLN CB   C N N 92  
GLN CG   C N N 93  
GLN CD   C N N 94  
GLN OE1  O N N 95  
GLN NE2  N N N 96  
GLN OXT  O N N 97  
GLN H    H N N 98  
GLN H2   H N N 99  
GLN HA   H N N 100 
GLN HB2  H N N 101 
GLN HB3  H N N 102 
GLN HG2  H N N 103 
GLN HG3  H N N 104 
GLN HE21 H N N 105 
GLN HE22 H N N 106 
GLN HXT  H N N 107 
GLU N    N N N 108 
GLU CA   C N S 109 
GLU C    C N N 110 
GLU O    O N N 111 
GLU CB   C N N 112 
GLU CG   C N N 113 
GLU CD   C N N 114 
GLU OE1  O N N 115 
GLU OE2  O N N 116 
GLU OXT  O N N 117 
GLU H    H N N 118 
GLU H2   H N N 119 
GLU HA   H N N 120 
GLU HB2  H N N 121 
GLU HB3  H N N 122 
GLU HG2  H N N 123 
GLU HG3  H N N 124 
GLU HE2  H N N 125 
GLU HXT  H N N 126 
GLY N    N N N 127 
GLY CA   C N N 128 
GLY C    C N N 129 
GLY O    O N N 130 
GLY OXT  O N N 131 
GLY H    H N N 132 
GLY H2   H N N 133 
GLY HA2  H N N 134 
GLY HA3  H N N 135 
GLY HXT  H N N 136 
HIS N    N N N 137 
HIS CA   C N S 138 
HIS C    C N N 139 
HIS O    O N N 140 
HIS CB   C N N 141 
HIS CG   C Y N 142 
HIS ND1  N Y N 143 
HIS CD2  C Y N 144 
HIS CE1  C Y N 145 
HIS NE2  N Y N 146 
HIS OXT  O N N 147 
HIS H    H N N 148 
HIS H2   H N N 149 
HIS HA   H N N 150 
HIS HB2  H N N 151 
HIS HB3  H N N 152 
HIS HD1  H N N 153 
HIS HD2  H N N 154 
HIS HE1  H N N 155 
HIS HE2  H N N 156 
HIS HXT  H N N 157 
HOH O    O N N 158 
HOH H1   H N N 159 
HOH H2   H N N 160 
ILE N    N N N 161 
ILE CA   C N S 162 
ILE C    C N N 163 
ILE O    O N N 164 
ILE CB   C N S 165 
ILE CG1  C N N 166 
ILE CG2  C N N 167 
ILE CD1  C N N 168 
ILE OXT  O N N 169 
ILE H    H N N 170 
ILE H2   H N N 171 
ILE HA   H N N 172 
ILE HB   H N N 173 
ILE HG12 H N N 174 
ILE HG13 H N N 175 
ILE HG21 H N N 176 
ILE HG22 H N N 177 
ILE HG23 H N N 178 
ILE HD11 H N N 179 
ILE HD12 H N N 180 
ILE HD13 H N N 181 
ILE HXT  H N N 182 
LEU N    N N N 183 
LEU CA   C N S 184 
LEU C    C N N 185 
LEU O    O N N 186 
LEU CB   C N N 187 
LEU CG   C N N 188 
LEU CD1  C N N 189 
LEU CD2  C N N 190 
LEU OXT  O N N 191 
LEU H    H N N 192 
LEU H2   H N N 193 
LEU HA   H N N 194 
LEU HB2  H N N 195 
LEU HB3  H N N 196 
LEU HG   H N N 197 
LEU HD11 H N N 198 
LEU HD12 H N N 199 
LEU HD13 H N N 200 
LEU HD21 H N N 201 
LEU HD22 H N N 202 
LEU HD23 H N N 203 
LEU HXT  H N N 204 
LYS N    N N N 205 
LYS CA   C N S 206 
LYS C    C N N 207 
LYS O    O N N 208 
LYS CB   C N N 209 
LYS CG   C N N 210 
LYS CD   C N N 211 
LYS CE   C N N 212 
LYS NZ   N N N 213 
LYS OXT  O N N 214 
LYS H    H N N 215 
LYS H2   H N N 216 
LYS HA   H N N 217 
LYS HB2  H N N 218 
LYS HB3  H N N 219 
LYS HG2  H N N 220 
LYS HG3  H N N 221 
LYS HD2  H N N 222 
LYS HD3  H N N 223 
LYS HE2  H N N 224 
LYS HE3  H N N 225 
LYS HZ1  H N N 226 
LYS HZ2  H N N 227 
LYS HZ3  H N N 228 
LYS HXT  H N N 229 
MET N    N N N 230 
MET CA   C N S 231 
MET C    C N N 232 
MET O    O N N 233 
MET CB   C N N 234 
MET CG   C N N 235 
MET SD   S N N 236 
MET CE   C N N 237 
MET OXT  O N N 238 
MET H    H N N 239 
MET H2   H N N 240 
MET HA   H N N 241 
MET HB2  H N N 242 
MET HB3  H N N 243 
MET HG2  H N N 244 
MET HG3  H N N 245 
MET HE1  H N N 246 
MET HE2  H N N 247 
MET HE3  H N N 248 
MET HXT  H N N 249 
PHE N    N N N 250 
PHE CA   C N S 251 
PHE C    C N N 252 
PHE O    O N N 253 
PHE CB   C N N 254 
PHE CG   C Y N 255 
PHE CD1  C Y N 256 
PHE CD2  C Y N 257 
PHE CE1  C Y N 258 
PHE CE2  C Y N 259 
PHE CZ   C Y N 260 
PHE OXT  O N N 261 
PHE H    H N N 262 
PHE H2   H N N 263 
PHE HA   H N N 264 
PHE HB2  H N N 265 
PHE HB3  H N N 266 
PHE HD1  H N N 267 
PHE HD2  H N N 268 
PHE HE1  H N N 269 
PHE HE2  H N N 270 
PHE HZ   H N N 271 
PHE HXT  H N N 272 
PRO N    N N N 273 
PRO CA   C N S 274 
PRO C    C N N 275 
PRO O    O N N 276 
PRO CB   C N N 277 
PRO CG   C N N 278 
PRO CD   C N N 279 
PRO OXT  O N N 280 
PRO H    H N N 281 
PRO HA   H N N 282 
PRO HB2  H N N 283 
PRO HB3  H N N 284 
PRO HG2  H N N 285 
PRO HG3  H N N 286 
PRO HD2  H N N 287 
PRO HD3  H N N 288 
PRO HXT  H N N 289 
SAC C1A  C N N 290 
SAC C2A  C N N 291 
SAC OAC  O N N 292 
SAC N    N N N 293 
SAC CA   C N S 294 
SAC C    C N N 295 
SAC O    O N N 296 
SAC OXT  O N N 297 
SAC CB   C N N 298 
SAC OG   O N N 299 
SAC H2A1 H N N 300 
SAC H2A2 H N N 301 
SAC H2A3 H N N 302 
SAC H    H N N 303 
SAC HA   H N N 304 
SAC HXT  H N N 305 
SAC HB2  H N N 306 
SAC HB3  H N N 307 
SAC HG   H N N 308 
SER N    N N N 309 
SER CA   C N S 310 
SER C    C N N 311 
SER O    O N N 312 
SER CB   C N N 313 
SER OG   O N N 314 
SER OXT  O N N 315 
SER H    H N N 316 
SER H2   H N N 317 
SER HA   H N N 318 
SER HB2  H N N 319 
SER HB3  H N N 320 
SER HG   H N N 321 
SER HXT  H N N 322 
THR N    N N N 323 
THR CA   C N S 324 
THR C    C N N 325 
THR O    O N N 326 
THR CB   C N R 327 
THR OG1  O N N 328 
THR CG2  C N N 329 
THR OXT  O N N 330 
THR H    H N N 331 
THR H2   H N N 332 
THR HA   H N N 333 
THR HB   H N N 334 
THR HG1  H N N 335 
THR HG21 H N N 336 
THR HG22 H N N 337 
THR HG23 H N N 338 
THR HXT  H N N 339 
TRP N    N N N 340 
TRP CA   C N S 341 
TRP C    C N N 342 
TRP O    O N N 343 
TRP CB   C N N 344 
TRP CG   C Y N 345 
TRP CD1  C Y N 346 
TRP CD2  C Y N 347 
TRP NE1  N Y N 348 
TRP CE2  C Y N 349 
TRP CE3  C Y N 350 
TRP CZ2  C Y N 351 
TRP CZ3  C Y N 352 
TRP CH2  C Y N 353 
TRP OXT  O N N 354 
TRP H    H N N 355 
TRP H2   H N N 356 
TRP HA   H N N 357 
TRP HB2  H N N 358 
TRP HB3  H N N 359 
TRP HD1  H N N 360 
TRP HE1  H N N 361 
TRP HE3  H N N 362 
TRP HZ2  H N N 363 
TRP HZ3  H N N 364 
TRP HH2  H N N 365 
TRP HXT  H N N 366 
TYR N    N N N 367 
TYR CA   C N S 368 
TYR C    C N N 369 
TYR O    O N N 370 
TYR CB   C N N 371 
TYR CG   C Y N 372 
TYR CD1  C Y N 373 
TYR CD2  C Y N 374 
TYR CE1  C Y N 375 
TYR CE2  C Y N 376 
TYR CZ   C Y N 377 
TYR OH   O N N 378 
TYR OXT  O N N 379 
TYR H    H N N 380 
TYR H2   H N N 381 
TYR HA   H N N 382 
TYR HB2  H N N 383 
TYR HB3  H N N 384 
TYR HD1  H N N 385 
TYR HD2  H N N 386 
TYR HE1  H N N 387 
TYR HE2  H N N 388 
TYR HH   H N N 389 
TYR HXT  H N N 390 
VAL N    N N N 391 
VAL CA   C N S 392 
VAL C    C N N 393 
VAL O    O N N 394 
VAL CB   C N N 395 
VAL CG1  C N N 396 
VAL CG2  C N N 397 
VAL OXT  O N N 398 
VAL H    H N N 399 
VAL H2   H N N 400 
VAL HA   H N N 401 
VAL HB   H N N 402 
VAL HG11 H N N 403 
VAL HG12 H N N 404 
VAL HG13 H N N 405 
VAL HG21 H N N 406 
VAL HG22 H N N 407 
VAL HG23 H N N 408 
VAL HXT  H N N 409 
# 
loop_
_chem_comp_bond.comp_id 
_chem_comp_bond.atom_id_1 
_chem_comp_bond.atom_id_2 
_chem_comp_bond.value_order 
_chem_comp_bond.pdbx_aromatic_flag 
_chem_comp_bond.pdbx_stereo_config 
_chem_comp_bond.pdbx_ordinal 
ALA N   CA   sing N N 1   
ALA N   H    sing N N 2   
ALA N   H2   sing N N 3   
ALA CA  C    sing N N 4   
ALA CA  CB   sing N N 5   
ALA CA  HA   sing N N 6   
ALA C   O    doub N N 7   
ALA C   OXT  sing N N 8   
ALA CB  HB1  sing N N 9   
ALA CB  HB2  sing N N 10  
ALA CB  HB3  sing N N 11  
ALA OXT HXT  sing N N 12  
ARG N   CA   sing N N 13  
ARG N   H    sing N N 14  
ARG N   H2   sing N N 15  
ARG CA  C    sing N N 16  
ARG CA  CB   sing N N 17  
ARG CA  HA   sing N N 18  
ARG C   O    doub N N 19  
ARG C   OXT  sing N N 20  
ARG CB  CG   sing N N 21  
ARG CB  HB2  sing N N 22  
ARG CB  HB3  sing N N 23  
ARG CG  CD   sing N N 24  
ARG CG  HG2  sing N N 25  
ARG CG  HG3  sing N N 26  
ARG CD  NE   sing N N 27  
ARG CD  HD2  sing N N 28  
ARG CD  HD3  sing N N 29  
ARG NE  CZ   sing N N 30  
ARG NE  HE   sing N N 31  
ARG CZ  NH1  sing N N 32  
ARG CZ  NH2  doub N N 33  
ARG NH1 HH11 sing N N 34  
ARG NH1 HH12 sing N N 35  
ARG NH2 HH21 sing N N 36  
ARG NH2 HH22 sing N N 37  
ARG OXT HXT  sing N N 38  
ASN N   CA   sing N N 39  
ASN N   H    sing N N 40  
ASN N   H2   sing N N 41  
ASN CA  C    sing N N 42  
ASN CA  CB   sing N N 43  
ASN CA  HA   sing N N 44  
ASN C   O    doub N N 45  
ASN C   OXT  sing N N 46  
ASN CB  CG   sing N N 47  
ASN CB  HB2  sing N N 48  
ASN CB  HB3  sing N N 49  
ASN CG  OD1  doub N N 50  
ASN CG  ND2  sing N N 51  
ASN ND2 HD21 sing N N 52  
ASN ND2 HD22 sing N N 53  
ASN OXT HXT  sing N N 54  
ASP N   CA   sing N N 55  
ASP N   H    sing N N 56  
ASP N   H2   sing N N 57  
ASP CA  C    sing N N 58  
ASP CA  CB   sing N N 59  
ASP CA  HA   sing N N 60  
ASP C   O    doub N N 61  
ASP C   OXT  sing N N 62  
ASP CB  CG   sing N N 63  
ASP CB  HB2  sing N N 64  
ASP CB  HB3  sing N N 65  
ASP CG  OD1  doub N N 66  
ASP CG  OD2  sing N N 67  
ASP OD2 HD2  sing N N 68  
ASP OXT HXT  sing N N 69  
CYS N   CA   sing N N 70  
CYS N   H    sing N N 71  
CYS N   H2   sing N N 72  
CYS CA  C    sing N N 73  
CYS CA  CB   sing N N 74  
CYS CA  HA   sing N N 75  
CYS C   O    doub N N 76  
CYS C   OXT  sing N N 77  
CYS CB  SG   sing N N 78  
CYS CB  HB2  sing N N 79  
CYS CB  HB3  sing N N 80  
CYS SG  HG   sing N N 81  
CYS OXT HXT  sing N N 82  
GLN N   CA   sing N N 83  
GLN N   H    sing N N 84  
GLN N   H2   sing N N 85  
GLN CA  C    sing N N 86  
GLN CA  CB   sing N N 87  
GLN CA  HA   sing N N 88  
GLN C   O    doub N N 89  
GLN C   OXT  sing N N 90  
GLN CB  CG   sing N N 91  
GLN CB  HB2  sing N N 92  
GLN CB  HB3  sing N N 93  
GLN CG  CD   sing N N 94  
GLN CG  HG2  sing N N 95  
GLN CG  HG3  sing N N 96  
GLN CD  OE1  doub N N 97  
GLN CD  NE2  sing N N 98  
GLN NE2 HE21 sing N N 99  
GLN NE2 HE22 sing N N 100 
GLN OXT HXT  sing N N 101 
GLU N   CA   sing N N 102 
GLU N   H    sing N N 103 
GLU N   H2   sing N N 104 
GLU CA  C    sing N N 105 
GLU CA  CB   sing N N 106 
GLU CA  HA   sing N N 107 
GLU C   O    doub N N 108 
GLU C   OXT  sing N N 109 
GLU CB  CG   sing N N 110 
GLU CB  HB2  sing N N 111 
GLU CB  HB3  sing N N 112 
GLU CG  CD   sing N N 113 
GLU CG  HG2  sing N N 114 
GLU CG  HG3  sing N N 115 
GLU CD  OE1  doub N N 116 
GLU CD  OE2  sing N N 117 
GLU OE2 HE2  sing N N 118 
GLU OXT HXT  sing N N 119 
GLY N   CA   sing N N 120 
GLY N   H    sing N N 121 
GLY N   H2   sing N N 122 
GLY CA  C    sing N N 123 
GLY CA  HA2  sing N N 124 
GLY CA  HA3  sing N N 125 
GLY C   O    doub N N 126 
GLY C   OXT  sing N N 127 
GLY OXT HXT  sing N N 128 
HIS N   CA   sing N N 129 
HIS N   H    sing N N 130 
HIS N   H2   sing N N 131 
HIS CA  C    sing N N 132 
HIS CA  CB   sing N N 133 
HIS CA  HA   sing N N 134 
HIS C   O    doub N N 135 
HIS C   OXT  sing N N 136 
HIS CB  CG   sing N N 137 
HIS CB  HB2  sing N N 138 
HIS CB  HB3  sing N N 139 
HIS CG  ND1  sing Y N 140 
HIS CG  CD2  doub Y N 141 
HIS ND1 CE1  doub Y N 142 
HIS ND1 HD1  sing N N 143 
HIS CD2 NE2  sing Y N 144 
HIS CD2 HD2  sing N N 145 
HIS CE1 NE2  sing Y N 146 
HIS CE1 HE1  sing N N 147 
HIS NE2 HE2  sing N N 148 
HIS OXT HXT  sing N N 149 
HOH O   H1   sing N N 150 
HOH O   H2   sing N N 151 
ILE N   CA   sing N N 152 
ILE N   H    sing N N 153 
ILE N   H2   sing N N 154 
ILE CA  C    sing N N 155 
ILE CA  CB   sing N N 156 
ILE CA  HA   sing N N 157 
ILE C   O    doub N N 158 
ILE C   OXT  sing N N 159 
ILE CB  CG1  sing N N 160 
ILE CB  CG2  sing N N 161 
ILE CB  HB   sing N N 162 
ILE CG1 CD1  sing N N 163 
ILE CG1 HG12 sing N N 164 
ILE CG1 HG13 sing N N 165 
ILE CG2 HG21 sing N N 166 
ILE CG2 HG22 sing N N 167 
ILE CG2 HG23 sing N N 168 
ILE CD1 HD11 sing N N 169 
ILE CD1 HD12 sing N N 170 
ILE CD1 HD13 sing N N 171 
ILE OXT HXT  sing N N 172 
LEU N   CA   sing N N 173 
LEU N   H    sing N N 174 
LEU N   H2   sing N N 175 
LEU CA  C    sing N N 176 
LEU CA  CB   sing N N 177 
LEU CA  HA   sing N N 178 
LEU C   O    doub N N 179 
LEU C   OXT  sing N N 180 
LEU CB  CG   sing N N 181 
LEU CB  HB2  sing N N 182 
LEU CB  HB3  sing N N 183 
LEU CG  CD1  sing N N 184 
LEU CG  CD2  sing N N 185 
LEU CG  HG   sing N N 186 
LEU CD1 HD11 sing N N 187 
LEU CD1 HD12 sing N N 188 
LEU CD1 HD13 sing N N 189 
LEU CD2 HD21 sing N N 190 
LEU CD2 HD22 sing N N 191 
LEU CD2 HD23 sing N N 192 
LEU OXT HXT  sing N N 193 
LYS N   CA   sing N N 194 
LYS N   H    sing N N 195 
LYS N   H2   sing N N 196 
LYS CA  C    sing N N 197 
LYS CA  CB   sing N N 198 
LYS CA  HA   sing N N 199 
LYS C   O    doub N N 200 
LYS C   OXT  sing N N 201 
LYS CB  CG   sing N N 202 
LYS CB  HB2  sing N N 203 
LYS CB  HB3  sing N N 204 
LYS CG  CD   sing N N 205 
LYS CG  HG2  sing N N 206 
LYS CG  HG3  sing N N 207 
LYS CD  CE   sing N N 208 
LYS CD  HD2  sing N N 209 
LYS CD  HD3  sing N N 210 
LYS CE  NZ   sing N N 211 
LYS CE  HE2  sing N N 212 
LYS CE  HE3  sing N N 213 
LYS NZ  HZ1  sing N N 214 
LYS NZ  HZ2  sing N N 215 
LYS NZ  HZ3  sing N N 216 
LYS OXT HXT  sing N N 217 
MET N   CA   sing N N 218 
MET N   H    sing N N 219 
MET N   H2   sing N N 220 
MET CA  C    sing N N 221 
MET CA  CB   sing N N 222 
MET CA  HA   sing N N 223 
MET C   O    doub N N 224 
MET C   OXT  sing N N 225 
MET CB  CG   sing N N 226 
MET CB  HB2  sing N N 227 
MET CB  HB3  sing N N 228 
MET CG  SD   sing N N 229 
MET CG  HG2  sing N N 230 
MET CG  HG3  sing N N 231 
MET SD  CE   sing N N 232 
MET CE  HE1  sing N N 233 
MET CE  HE2  sing N N 234 
MET CE  HE3  sing N N 235 
MET OXT HXT  sing N N 236 
PHE N   CA   sing N N 237 
PHE N   H    sing N N 238 
PHE N   H2   sing N N 239 
PHE CA  C    sing N N 240 
PHE CA  CB   sing N N 241 
PHE CA  HA   sing N N 242 
PHE C   O    doub N N 243 
PHE C   OXT  sing N N 244 
PHE CB  CG   sing N N 245 
PHE CB  HB2  sing N N 246 
PHE CB  HB3  sing N N 247 
PHE CG  CD1  doub Y N 248 
PHE CG  CD2  sing Y N 249 
PHE CD1 CE1  sing Y N 250 
PHE CD1 HD1  sing N N 251 
PHE CD2 CE2  doub Y N 252 
PHE CD2 HD2  sing N N 253 
PHE CE1 CZ   doub Y N 254 
PHE CE1 HE1  sing N N 255 
PHE CE2 CZ   sing Y N 256 
PHE CE2 HE2  sing N N 257 
PHE CZ  HZ   sing N N 258 
PHE OXT HXT  sing N N 259 
PRO N   CA   sing N N 260 
PRO N   CD   sing N N 261 
PRO N   H    sing N N 262 
PRO CA  C    sing N N 263 
PRO CA  CB   sing N N 264 
PRO CA  HA   sing N N 265 
PRO C   O    doub N N 266 
PRO C   OXT  sing N N 267 
PRO CB  CG   sing N N 268 
PRO CB  HB2  sing N N 269 
PRO CB  HB3  sing N N 270 
PRO CG  CD   sing N N 271 
PRO CG  HG2  sing N N 272 
PRO CG  HG3  sing N N 273 
PRO CD  HD2  sing N N 274 
PRO CD  HD3  sing N N 275 
PRO OXT HXT  sing N N 276 
SAC C1A C2A  sing N N 277 
SAC C1A OAC  doub N N 278 
SAC C1A N    sing N N 279 
SAC C2A H2A1 sing N N 280 
SAC C2A H2A2 sing N N 281 
SAC C2A H2A3 sing N N 282 
SAC N   CA   sing N N 283 
SAC N   H    sing N N 284 
SAC CA  C    sing N N 285 
SAC CA  CB   sing N N 286 
SAC CA  HA   sing N N 287 
SAC C   O    doub N N 288 
SAC C   OXT  sing N N 289 
SAC OXT HXT  sing N N 290 
SAC CB  OG   sing N N 291 
SAC CB  HB2  sing N N 292 
SAC CB  HB3  sing N N 293 
SAC OG  HG   sing N N 294 
SER N   CA   sing N N 295 
SER N   H    sing N N 296 
SER N   H2   sing N N 297 
SER CA  C    sing N N 298 
SER CA  CB   sing N N 299 
SER CA  HA   sing N N 300 
SER C   O    doub N N 301 
SER C   OXT  sing N N 302 
SER CB  OG   sing N N 303 
SER CB  HB2  sing N N 304 
SER CB  HB3  sing N N 305 
SER OG  HG   sing N N 306 
SER OXT HXT  sing N N 307 
THR N   CA   sing N N 308 
THR N   H    sing N N 309 
THR N   H2   sing N N 310 
THR CA  C    sing N N 311 
THR CA  CB   sing N N 312 
THR CA  HA   sing N N 313 
THR C   O    doub N N 314 
THR C   OXT  sing N N 315 
THR CB  OG1  sing N N 316 
THR CB  CG2  sing N N 317 
THR CB  HB   sing N N 318 
THR OG1 HG1  sing N N 319 
THR CG2 HG21 sing N N 320 
THR CG2 HG22 sing N N 321 
THR CG2 HG23 sing N N 322 
THR OXT HXT  sing N N 323 
TRP N   CA   sing N N 324 
TRP N   H    sing N N 325 
TRP N   H2   sing N N 326 
TRP CA  C    sing N N 327 
TRP CA  CB   sing N N 328 
TRP CA  HA   sing N N 329 
TRP C   O    doub N N 330 
TRP C   OXT  sing N N 331 
TRP CB  CG   sing N N 332 
TRP CB  HB2  sing N N 333 
TRP CB  HB3  sing N N 334 
TRP CG  CD1  doub Y N 335 
TRP CG  CD2  sing Y N 336 
TRP CD1 NE1  sing Y N 337 
TRP CD1 HD1  sing N N 338 
TRP CD2 CE2  doub Y N 339 
TRP CD2 CE3  sing Y N 340 
TRP NE1 CE2  sing Y N 341 
TRP NE1 HE1  sing N N 342 
TRP CE2 CZ2  sing Y N 343 
TRP CE3 CZ3  doub Y N 344 
TRP CE3 HE3  sing N N 345 
TRP CZ2 CH2  doub Y N 346 
TRP CZ2 HZ2  sing N N 347 
TRP CZ3 CH2  sing Y N 348 
TRP CZ3 HZ3  sing N N 349 
TRP CH2 HH2  sing N N 350 
TRP OXT HXT  sing N N 351 
TYR N   CA   sing N N 352 
TYR N   H    sing N N 353 
TYR N   H2   sing N N 354 
TYR CA  C    sing N N 355 
TYR CA  CB   sing N N 356 
TYR CA  HA   sing N N 357 
TYR C   O    doub N N 358 
TYR C   OXT  sing N N 359 
TYR CB  CG   sing N N 360 
TYR CB  HB2  sing N N 361 
TYR CB  HB3  sing N N 362 
TYR CG  CD1  doub Y N 363 
TYR CG  CD2  sing Y N 364 
TYR CD1 CE1  sing Y N 365 
TYR CD1 HD1  sing N N 366 
TYR CD2 CE2  doub Y N 367 
TYR CD2 HD2  sing N N 368 
TYR CE1 CZ   doub Y N 369 
TYR CE1 HE1  sing N N 370 
TYR CE2 CZ   sing Y N 371 
TYR CE2 HE2  sing N N 372 
TYR CZ  OH   sing N N 373 
TYR OH  HH   sing N N 374 
TYR OXT HXT  sing N N 375 
VAL N   CA   sing N N 376 
VAL N   H    sing N N 377 
VAL N   H2   sing N N 378 
VAL CA  C    sing N N 379 
VAL CA  CB   sing N N 380 
VAL CA  HA   sing N N 381 
VAL C   O    doub N N 382 
VAL C   OXT  sing N N 383 
VAL CB  CG1  sing N N 384 
VAL CB  CG2  sing N N 385 
VAL CB  HB   sing N N 386 
VAL CG1 HG11 sing N N 387 
VAL CG1 HG12 sing N N 388 
VAL CG1 HG13 sing N N 389 
VAL CG2 HG21 sing N N 390 
VAL CG2 HG22 sing N N 391 
VAL CG2 HG23 sing N N 392 
VAL OXT HXT  sing N N 393 
# 
_atom_sites.entry_id                    2QAC 
_atom_sites.fract_transf_matrix[1][1]   -0.02232184 
_atom_sites.fract_transf_matrix[1][2]   0.00476817 
_atom_sites.fract_transf_matrix[1][3]   0.01417544 
_atom_sites.fract_transf_matrix[2][1]   0.00684595 
_atom_sites.fract_transf_matrix[2][2]   -0.00981173 
_atom_sites.fract_transf_matrix[2][3]   0.01408057 
_atom_sites.fract_transf_matrix[3][1]   0.00544245 
_atom_sites.fract_transf_matrix[3][2]   0.01085587 
_atom_sites.fract_transf_matrix[3][3]   0.00491856 
_atom_sites.fract_transf_vector[1]      -0.352769 
_atom_sites.fract_transf_vector[2]      0.066400 
_atom_sites.fract_transf_vector[3]      -0.134026 
# 
loop_
_atom_type.symbol 
C 
N 
O 
S 
# 
loop_
_atom_site.group_PDB 
_atom_site.id 
_atom_site.type_symbol 
_atom_site.label_atom_id 
_atom_site.label_alt_id 
_atom_site.label_comp_id 
_atom_site.label_asym_id 
_atom_site.label_entity_id 
_atom_site.label_seq_id 
_atom_site.pdbx_PDB_ins_code 
_atom_site.Cartn_x 
_atom_site.Cartn_y 
_atom_site.Cartn_z 
_atom_site.occupancy 
_atom_site.B_iso_or_equiv 
_atom_site.pdbx_formal_charge 
_atom_site.auth_seq_id 
_atom_site.auth_comp_id 
_atom_site.auth_asym_id 
_atom_site.auth_atom_id 
_atom_site.pdbx_PDB_model_num 
ATOM   1    N N   . SER A 1 3   ? 1.943   12.430  -22.549 1.00 64.40  ? 61  SER A N   1 
ATOM   2    C CA  . SER A 1 3   ? 2.244   11.119  -21.905 1.00 64.26  ? 61  SER A CA  1 
ATOM   3    C C   . SER A 1 3   ? 1.334   10.015  -22.438 1.00 63.90  ? 61  SER A C   1 
ATOM   4    O O   . SER A 1 3   ? 0.367   10.283  -23.154 1.00 63.73  ? 61  SER A O   1 
ATOM   5    C CB  . SER A 1 3   ? 2.098   11.225  -20.385 1.00 64.64  ? 61  SER A CB  1 
ATOM   6    O OG  . SER A 1 3   ? 3.061   12.110  -19.838 1.00 65.71  ? 61  SER A OG  1 
ATOM   7    N N   . VAL A 1 4   ? 1.662   8.776   -22.081 1.00 63.58  ? 62  VAL A N   1 
ATOM   8    C CA  . VAL A 1 4   ? 0.866   7.602   -22.456 1.00 63.24  ? 62  VAL A CA  1 
ATOM   9    C C   . VAL A 1 4   ? 0.035   7.088   -21.275 1.00 62.69  ? 62  VAL A C   1 
ATOM   10   O O   . VAL A 1 4   ? -1.083  6.604   -21.461 1.00 61.98  ? 62  VAL A O   1 
ATOM   11   C CB  . VAL A 1 4   ? 1.767   6.466   -22.998 1.00 63.51  ? 62  VAL A CB  1 
ATOM   12   C CG1 . VAL A 1 4   ? 2.838   6.098   -21.985 1.00 63.21  ? 62  VAL A CG1 1 
ATOM   13   C CG2 . VAL A 1 4   ? 0.936   5.246   -23.380 1.00 63.44  ? 62  VAL A CG2 1 
ATOM   14   N N   . ALA A 1 5   ? 0.586   7.195   -20.067 1.00 62.42  ? 63  ALA A N   1 
ATOM   15   C CA  . ALA A 1 5   ? -0.125  6.803   -18.852 1.00 62.28  ? 63  ALA A CA  1 
ATOM   16   C C   . ALA A 1 5   ? -1.224  7.804   -18.508 1.00 61.95  ? 63  ALA A C   1 
ATOM   17   O O   . ALA A 1 5   ? -1.214  8.939   -18.990 1.00 61.54  ? 63  ALA A O   1 
ATOM   18   C CB  . ALA A 1 5   ? 0.850   6.675   -17.688 1.00 62.14  ? 63  ALA A CB  1 
ATOM   19   N N   . ASP A 1 6   ? -2.168  7.376   -17.671 1.00 61.88  ? 64  ASP A N   1 
ATOM   20   C CA  . ASP A 1 6   ? -3.245  8.257   -17.200 1.00 62.00  ? 64  ASP A CA  1 
ATOM   21   C C   . ASP A 1 6   ? -2.727  9.168   -16.080 1.00 61.79  ? 64  ASP A C   1 
ATOM   22   O O   . ASP A 1 6   ? -3.038  8.986   -14.899 1.00 61.46  ? 64  ASP A O   1 
ATOM   23   C CB  . ASP A 1 6   ? -4.501  7.465   -16.778 1.00 62.45  ? 64  ASP A CB  1 
ATOM   24   C CG  . ASP A 1 6   ? -4.176  6.168   -16.050 1.00 63.56  ? 64  ASP A CG  1 
ATOM   25   O OD1 . ASP A 1 6   ? -4.576  5.095   -16.552 1.00 64.06  ? 64  ASP A OD1 1 
ATOM   26   O OD2 . ASP A 1 6   ? -3.520  6.216   -14.989 1.00 63.91  ? 64  ASP A OD2 1 
ATOM   27   N N   . ILE A 1 7   ? -1.935  10.156  -16.485 1.00 61.07  ? 65  ILE A N   1 
ATOM   28   C CA  . ILE A 1 7   ? -1.269  11.068  -15.564 1.00 60.59  ? 65  ILE A CA  1 
ATOM   29   C C   . ILE A 1 7   ? -2.161  12.265  -15.220 1.00 60.06  ? 65  ILE A C   1 
ATOM   30   O O   . ILE A 1 7   ? -2.056  12.824  -14.128 1.00 59.39  ? 65  ILE A O   1 
ATOM   31   C CB  . ILE A 1 7   ? 0.079   11.554  -16.152 1.00 60.66  ? 65  ILE A CB  1 
ATOM   32   C CG1 . ILE A 1 7   ? 1.028   10.364  -16.337 1.00 60.54  ? 65  ILE A CG1 1 
ATOM   33   C CG2 . ILE A 1 7   ? 0.727   12.597  -15.250 1.00 60.94  ? 65  ILE A CG2 1 
ATOM   34   C CD1 . ILE A 1 7   ? 2.325   10.716  -17.017 1.00 60.32  ? 65  ILE A CD1 1 
ATOM   35   N N   . GLN A 1 8   ? -3.037  12.655  -16.145 1.00 59.57  ? 66  GLN A N   1 
ATOM   36   C CA  . GLN A 1 8   ? -3.967  13.758  -15.881 1.00 59.19  ? 66  GLN A CA  1 
ATOM   37   C C   . GLN A 1 8   ? -4.989  13.381  -14.803 1.00 58.61  ? 66  GLN A C   1 
ATOM   38   O O   . GLN A 1 8   ? -5.350  14.216  -13.976 1.00 59.22  ? 66  GLN A O   1 
ATOM   39   C CB  . GLN A 1 8   ? -4.666  14.233  -17.165 1.00 59.48  ? 66  GLN A CB  1 
ATOM   40   C CG  . GLN A 1 8   ? -5.671  13.258  -17.779 1.00 59.70  ? 66  GLN A CG  1 
ATOM   41   C CD  . GLN A 1 8   ? -6.332  13.814  -19.030 1.00 59.36  ? 66  GLN A CD  1 
ATOM   42   O OE1 . GLN A 1 8   ? -5.686  14.461  -19.857 1.00 58.96  ? 66  GLN A OE1 1 
ATOM   43   N NE2 . GLN A 1 8   ? -7.628  13.561  -19.176 1.00 59.22  ? 66  GLN A NE2 1 
ATOM   44   N N   . GLN A 1 9   ? -5.435  12.125  -14.806 1.00 57.55  ? 67  GLN A N   1 
ATOM   45   C CA  . GLN A 1 9   ? -6.377  11.638  -13.795 1.00 56.84  ? 67  GLN A CA  1 
ATOM   46   C C   . GLN A 1 9   ? -5.699  11.486  -12.429 1.00 55.84  ? 67  GLN A C   1 
ATOM   47   O O   . GLN A 1 9   ? -6.316  11.742  -11.393 1.00 56.07  ? 67  GLN A O   1 
ATOM   48   C CB  . GLN A 1 9   ? -7.006  10.311  -14.232 1.00 57.04  ? 67  GLN A CB  1 
ATOM   49   C CG  . GLN A 1 9   ? -8.247  9.926   -13.429 1.00 57.64  ? 67  GLN A CG  1 
ATOM   50   C CD  . GLN A 1 9   ? -9.001  8.743   -14.019 1.00 58.06  ? 67  GLN A CD  1 
ATOM   51   O OE1 . GLN A 1 9   ? -8.521  8.076   -14.937 1.00 59.62  ? 67  GLN A OE1 1 
ATOM   52   N NE2 . GLN A 1 9   ? -10.191 8.480   -13.490 1.00 58.36  ? 67  GLN A NE2 1 
ATOM   53   N N   . LEU A 1 10  ? -4.437  11.063  -12.438 1.00 54.00  ? 68  LEU A N   1 
ATOM   54   C CA  . LEU A 1 10  ? -3.610  11.026  -11.228 1.00 53.37  ? 68  LEU A CA  1 
ATOM   55   C C   . LEU A 1 10  ? -3.541  12.411  -10.597 1.00 52.78  ? 68  LEU A C   1 
ATOM   56   O O   . LEU A 1 10  ? -3.784  12.574  -9.401  1.00 52.34  ? 68  LEU A O   1 
ATOM   57   C CB  . LEU A 1 10  ? -2.191  10.547  -11.565 1.00 52.71  ? 68  LEU A CB  1 
ATOM   58   C CG  . LEU A 1 10  ? -1.081  10.772  -10.528 1.00 51.23  ? 68  LEU A CG  1 
ATOM   59   C CD1 . LEU A 1 10  ? -1.168  9.749   -9.410  1.00 47.69  ? 68  LEU A CD1 1 
ATOM   60   C CD2 . LEU A 1 10  ? 0.287   10.746  -11.192 1.00 48.55  ? 68  LEU A CD2 1 
ATOM   61   N N   . GLU A 1 11  ? -3.220  13.401  -11.426 1.00 52.70  ? 69  GLU A N   1 
ATOM   62   C CA  . GLU A 1 11  ? -3.024  14.781  -10.982 1.00 51.81  ? 69  GLU A CA  1 
ATOM   63   C C   . GLU A 1 11  ? -4.334  15.521  -10.678 1.00 51.68  ? 69  GLU A C   1 
ATOM   64   O O   . GLU A 1 11  ? -4.314  16.696  -10.290 1.00 52.70  ? 69  GLU A O   1 
ATOM   65   C CB  . GLU A 1 11  ? -2.219  15.539  -12.036 1.00 52.12  ? 69  GLU A CB  1 
ATOM   66   C CG  . GLU A 1 11  ? -0.792  15.017  -12.187 1.00 52.29  ? 69  GLU A CG  1 
ATOM   67   C CD  . GLU A 1 11  ? -0.090  15.520  -13.440 1.00 53.08  ? 69  GLU A CD  1 
ATOM   68   O OE1 . GLU A 1 11  ? -0.747  16.141  -14.303 1.00 53.22  ? 69  GLU A OE1 1 
ATOM   69   O OE2 . GLU A 1 11  ? 1.132   15.282  -13.561 1.00 53.56  ? 69  GLU A OE2 1 
ATOM   70   N N   . GLU A 1 12  ? -5.464  14.846  -10.882 1.00 49.56  ? 70  GLU A N   1 
ATOM   71   C CA  . GLU A 1 12  ? -6.755  15.322  -10.394 1.00 48.01  ? 70  GLU A CA  1 
ATOM   72   C C   . GLU A 1 12  ? -7.040  14.750  -9.002  1.00 46.60  ? 70  GLU A C   1 
ATOM   73   O O   . GLU A 1 12  ? -7.688  15.400  -8.180  1.00 47.32  ? 70  GLU A O   1 
ATOM   74   C CB  . GLU A 1 12  ? -7.871  14.960  -11.381 1.00 47.96  ? 70  GLU A CB  1 
ATOM   75   C CG  . GLU A 1 12  ? -7.882  15.832  -12.633 1.00 47.47  ? 70  GLU A CG  1 
ATOM   76   C CD  . GLU A 1 12  ? -8.905  15.377  -13.661 1.00 47.83  ? 70  GLU A CD  1 
ATOM   77   O OE1 . GLU A 1 12  ? -10.096 15.267  -13.309 1.00 46.21  ? 70  GLU A OE1 1 
ATOM   78   O OE2 . GLU A 1 12  ? -8.519  15.138  -14.825 1.00 48.04  ? 70  GLU A OE2 1 
ATOM   79   N N   . LYS A 1 13  ? -6.543  13.542  -8.737  1.00 45.32  ? 71  LYS A N   1 
ATOM   80   C CA  . LYS A 1 13  ? -6.666  12.918  -7.417  1.00 43.64  ? 71  LYS A CA  1 
ATOM   81   C C   . LYS A 1 13  ? -5.622  13.476  -6.450  1.00 42.26  ? 71  LYS A C   1 
ATOM   82   O O   . LYS A 1 13  ? -5.968  13.983  -5.382  1.00 43.02  ? 71  LYS A O   1 
ATOM   83   C CB  . LYS A 1 13  ? -6.537  11.398  -7.528  1.00 43.48  ? 71  LYS A CB  1 
ATOM   84   C CG  . LYS A 1 13  ? -7.743  10.747  -8.187  1.00 44.40  ? 71  LYS A CG  1 
ATOM   85   C CD  . LYS A 1 13  ? -7.405  9.408   -8.822  1.00 43.91  ? 71  LYS A CD  1 
ATOM   86   C CE  . LYS A 1 13  ? -8.609  8.836   -9.557  1.00 43.59  ? 71  LYS A CE  1 
ATOM   87   N NZ  . LYS A 1 13  ? -8.217  7.785   -10.531 1.00 43.99  ? 71  LYS A NZ  1 
ATOM   88   N N   . VAL A 1 14  ? -4.351  13.381  -6.829  1.00 39.78  ? 72  VAL A N   1 
ATOM   89   C CA  . VAL A 1 14  ? -3.265  13.968  -6.040  1.00 38.47  ? 72  VAL A CA  1 
ATOM   90   C C   . VAL A 1 14  ? -2.913  15.363  -6.567  1.00 36.92  ? 72  VAL A C   1 
ATOM   91   O O   . VAL A 1 14  ? -3.195  15.682  -7.724  1.00 35.89  ? 72  VAL A O   1 
ATOM   92   C CB  . VAL A 1 14  ? -2.005  13.069  -6.045  1.00 37.86  ? 72  VAL A CB  1 
ATOM   93   C CG1 . VAL A 1 14  ? -2.333  11.692  -5.479  1.00 36.60  ? 72  VAL A CG1 1 
ATOM   94   C CG2 . VAL A 1 14  ? -1.420  12.951  -7.449  1.00 38.11  ? 72  VAL A CG2 1 
ATOM   95   N N   . ASP A 1 15  ? -2.307  16.185  -5.711  1.00 35.59  ? 73  ASP A N   1 
ATOM   96   C CA  . ASP A 1 15  ? -1.842  17.518  -6.100  1.00 34.35  ? 73  ASP A CA  1 
ATOM   97   C C   . ASP A 1 15  ? -0.457  17.448  -6.736  1.00 32.51  ? 73  ASP A C   1 
ATOM   98   O O   . ASP A 1 15  ? 0.487   16.941  -6.125  1.00 32.91  ? 73  ASP A O   1 
ATOM   99   C CB  . ASP A 1 15  ? -1.799  18.456  -4.889  1.00 35.44  ? 73  ASP A CB  1 
ATOM   100  C CG  . ASP A 1 15  ? -1.411  19.887  -5.263  1.00 37.88  ? 73  ASP A CG  1 
ATOM   101  O OD1 . ASP A 1 15  ? -1.204  20.169  -6.464  1.00 40.58  ? 73  ASP A OD1 1 
ATOM   102  O OD2 . ASP A 1 15  ? -1.312  20.737  -4.350  1.00 38.62  ? 73  ASP A OD2 1 
ATOM   103  N N   . GLU A 1 16  ? -0.349  17.971  -7.957  1.00 30.46  ? 74  GLU A N   1 
ATOM   104  C CA  . GLU A 1 16  ? 0.918   18.046  -8.686  1.00 30.25  ? 74  GLU A CA  1 
ATOM   105  C C   . GLU A 1 16  ? 2.031   18.711  -7.884  1.00 27.79  ? 74  GLU A C   1 
ATOM   106  O O   . GLU A 1 16  ? 3.187   18.312  -7.992  1.00 25.30  ? 74  GLU A O   1 
ATOM   107  C CB  . GLU A 1 16  ? 0.742   18.836  -9.988  1.00 31.67  ? 74  GLU A CB  1 
ATOM   108  C CG  . GLU A 1 16  ? 0.018   18.092  -11.084 1.00 33.54  ? 74  GLU A CG  1 
ATOM   109  C CD  . GLU A 1 16  ? -0.371  18.993  -12.242 1.00 33.46  ? 74  GLU A CD  1 
ATOM   110  O OE1 . GLU A 1 16  ? 0.272   20.051  -12.421 1.00 38.23  ? 74  GLU A OE1 1 
ATOM   111  O OE2 . GLU A 1 16  ? -1.322  18.647  -12.978 1.00 36.71  ? 74  GLU A OE2 1 
ATOM   112  N N   . SER A 1 17  ? 1.686   19.749  -7.118  1.00 26.25  ? 75  SER A N   1 
ATOM   113  C CA  . SER A 1 17  ? 2.678   20.452  -6.298  1.00 26.20  ? 75  SER A CA  1 
ATOM   114  C C   . SER A 1 17  ? 3.309   19.507  -5.271  1.00 24.86  ? 75  SER A C   1 
ATOM   115  O O   . SER A 1 17  ? 4.528   19.484  -5.117  1.00 24.48  ? 75  SER A O   1 
ATOM   116  C CB  . SER A 1 17  ? 2.065   21.672  -5.602  1.00 27.18  ? 75  SER A CB  1 
ATOM   117  O OG  . SER A 1 17  ? 1.187   21.290  -4.558  1.00 29.19  ? 75  SER A OG  1 
ATOM   118  N N   . ASP A 1 18  ? 2.478   18.727  -4.581  1.00 23.83  ? 76  ASP A N   1 
ATOM   119  C CA  . ASP A 1 18  ? 2.970   17.727  -3.629  1.00 21.72  ? 76  ASP A CA  1 
ATOM   120  C C   . ASP A 1 18  ? 3.793   16.650  -4.320  1.00 19.82  ? 76  ASP A C   1 
ATOM   121  O O   . ASP A 1 18  ? 4.844   16.255  -3.827  1.00 18.10  ? 76  ASP A O   1 
ATOM   122  C CB  . ASP A 1 18  ? 1.811   17.066  -2.874  1.00 22.86  ? 76  ASP A CB  1 
ATOM   123  C CG  . ASP A 1 18  ? 1.171   17.986  -1.860  1.00 24.82  ? 76  ASP A CG  1 
ATOM   124  O OD1 . ASP A 1 18  ? 1.793   19.007  -1.496  1.00 24.47  ? 76  ASP A OD1 1 
ATOM   125  O OD2 . ASP A 1 18  ? 0.046   17.678  -1.419  1.00 28.52  ? 76  ASP A OD2 1 
ATOM   126  N N   . VAL A 1 19  ? 3.299   16.168  -5.458  1.00 17.76  ? 77  VAL A N   1 
ATOM   127  C CA  . VAL A 1 19  ? 4.024   15.180  -6.259  1.00 16.21  ? 77  VAL A CA  1 
ATOM   128  C C   . VAL A 1 19  ? 5.426   15.688  -6.592  1.00 16.39  ? 77  VAL A C   1 
ATOM   129  O O   . VAL A 1 19  ? 6.421   14.961  -6.431  1.00 13.90  ? 77  VAL A O   1 
ATOM   130  C CB  . VAL A 1 19  ? 3.257   14.867  -7.569  1.00 16.08  ? 77  VAL A CB  1 
ATOM   131  C CG1 . VAL A 1 19  ? 4.131   14.094  -8.544  1.00 14.75  ? 77  VAL A CG1 1 
ATOM   132  C CG2 . VAL A 1 19  ? 1.967   14.121  -7.267  1.00 14.45  ? 77  VAL A CG2 1 
ATOM   133  N N   . ARG A 1 20  ? 5.491   16.949  -7.027  1.00 16.26  ? 78  ARG A N   1 
ATOM   134  C CA  A ARG A 1 20  ? 6.753   17.569  -7.414  0.50 16.48  ? 78  ARG A CA  1 
ATOM   135  C CA  B ARG A 1 20  ? 6.750   17.596  -7.413  0.50 15.66  ? 78  ARG A CA  1 
ATOM   136  C C   . ARG A 1 20  ? 7.638   17.839  -6.199  1.00 14.87  ? 78  ARG A C   1 
ATOM   137  O O   . ARG A 1 20  ? 8.829   17.575  -6.236  1.00 13.99  ? 78  ARG A O   1 
ATOM   138  C CB  A ARG A 1 20  ? 6.500   18.869  -8.189  0.50 16.83  ? 78  ARG A CB  1 
ATOM   139  C CB  B ARG A 1 20  ? 6.488   18.940  -8.110  0.50 16.14  ? 78  ARG A CB  1 
ATOM   140  C CG  A ARG A 1 20  ? 7.578   19.196  -9.215  0.50 19.60  ? 78  ARG A CG  1 
ATOM   141  C CG  B ARG A 1 20  ? 7.758   19.647  -8.617  0.50 17.68  ? 78  ARG A CG  1 
ATOM   142  C CD  A ARG A 1 20  ? 6.986   19.866  -10.460 0.50 20.96  ? 78  ARG A CD  1 
ATOM   143  C CD  B ARG A 1 20  ? 8.204   19.111  -9.976  0.50 22.74  ? 78  ARG A CD  1 
ATOM   144  N NE  A ARG A 1 20  ? 7.667   19.465  -11.693 0.50 23.91  ? 78  ARG A NE  1 
ATOM   145  N NE  B ARG A 1 20  ? 9.617   18.732  -10.008 0.50 24.57  ? 78  ARG A NE  1 
ATOM   146  C CZ  A ARG A 1 20  ? 7.312   19.858  -12.916 0.50 23.05  ? 78  ARG A CZ  1 
ATOM   147  C CZ  B ARG A 1 20  ? 10.643  19.579  -10.079 0.50 25.54  ? 78  ARG A CZ  1 
ATOM   148  N NH1 A ARG A 1 20  ? 7.995   19.431  -13.971 0.50 24.08  ? 78  ARG A NH1 1 
ATOM   149  N NH1 B ARG A 1 20  ? 11.880  19.099  -10.109 0.50 25.84  ? 78  ARG A NH1 1 
ATOM   150  N NH2 A ARG A 1 20  ? 6.283   20.681  -13.094 0.50 25.30  ? 78  ARG A NH2 1 
ATOM   151  N NH2 B ARG A 1 20  ? 10.451  20.894  -10.120 0.50 26.85  ? 78  ARG A NH2 1 
ATOM   152  N N   . ILE A 1 21  ? 7.047   18.365  -5.132  1.00 15.55  ? 79  ILE A N   1 
ATOM   153  C CA  . ILE A 1 21  ? 7.808   18.667  -3.920  1.00 16.68  ? 79  ILE A CA  1 
ATOM   154  C C   . ILE A 1 21  ? 8.399   17.400  -3.304  1.00 16.13  ? 79  ILE A C   1 
ATOM   155  O O   . ILE A 1 21  ? 9.568   17.395  -2.915  1.00 16.50  ? 79  ILE A O   1 
ATOM   156  C CB  . ILE A 1 21  ? 6.959   19.458  -2.889  1.00 16.18  ? 79  ILE A CB  1 
ATOM   157  C CG1 . ILE A 1 21  ? 6.812   20.910  -3.354  1.00 17.89  ? 79  ILE A CG1 1 
ATOM   158  C CG2 . ILE A 1 21  ? 7.602   19.435  -1.507  1.00 17.12  ? 79  ILE A CG2 1 
ATOM   159  C CD1 . ILE A 1 21  ? 5.804   21.696  -2.567  1.00 20.42  ? 79  ILE A CD1 1 
ATOM   160  N N   . TYR A 1 22  ? 7.613   16.324  -3.240  1.00 14.74  ? 80  TYR A N   1 
ATOM   161  C CA  . TYR A 1 22  ? 8.109   15.064  -2.673  1.00 15.39  ? 80  TYR A CA  1 
ATOM   162  C C   . TYR A 1 22  ? 9.221   14.464  -3.529  1.00 14.25  ? 80  TYR A C   1 
ATOM   163  O O   . TYR A 1 22  ? 10.153  13.865  -2.998  1.00 14.96  ? 80  TYR A O   1 
ATOM   164  C CB  . TYR A 1 22  ? 6.991   14.029  -2.493  1.00 16.64  ? 80  TYR A CB  1 
ATOM   165  C CG  . TYR A 1 22  ? 5.873   14.406  -1.549  1.00 16.80  ? 80  TYR A CG  1 
ATOM   166  C CD1 . TYR A 1 22  ? 6.017   15.431  -0.612  1.00 18.73  ? 80  TYR A CD1 1 
ATOM   167  C CD2 . TYR A 1 22  ? 4.663   13.715  -1.580  1.00 18.14  ? 80  TYR A CD2 1 
ATOM   168  C CE1 . TYR A 1 22  ? 4.977   15.764  0.254   1.00 18.77  ? 80  TYR A CE1 1 
ATOM   169  C CE2 . TYR A 1 22  ? 3.629   14.037  -0.717  1.00 18.18  ? 80  TYR A CE2 1 
ATOM   170  C CZ  . TYR A 1 22  ? 3.791   15.064  0.197   1.00 20.68  ? 80  TYR A CZ  1 
ATOM   171  O OH  . TYR A 1 22  ? 2.764   15.387  1.052   1.00 18.54  ? 80  TYR A OH  1 
ATOM   172  N N   . PHE A 1 23  ? 9.119   14.605  -4.849  1.00 14.25  ? 81  PHE A N   1 
ATOM   173  C CA  . PHE A 1 23  ? 10.198  14.169  -5.741  1.00 15.27  ? 81  PHE A CA  1 
ATOM   174  C C   . PHE A 1 23  ? 11.498  14.906  -5.416  1.00 15.07  ? 81  PHE A C   1 
ATOM   175  O O   . PHE A 1 23  ? 12.553  14.285  -5.255  1.00 13.68  ? 81  PHE A O   1 
ATOM   176  C CB  . PHE A 1 23  ? 9.824   14.406  -7.210  1.00 14.99  ? 81  PHE A CB  1 
ATOM   177  C CG  . PHE A 1 23  ? 10.902  14.005  -8.187  1.00 14.42  ? 81  PHE A CG  1 
ATOM   178  C CD1 . PHE A 1 23  ? 11.031  12.683  -8.596  1.00 16.37  ? 81  PHE A CD1 1 
ATOM   179  C CD2 . PHE A 1 23  ? 11.782  14.951  -8.705  1.00 14.94  ? 81  PHE A CD2 1 
ATOM   180  C CE1 . PHE A 1 23  ? 12.018  12.310  -9.501  1.00 16.36  ? 81  PHE A CE1 1 
ATOM   181  C CE2 . PHE A 1 23  ? 12.778  14.582  -9.605  1.00 15.86  ? 81  PHE A CE2 1 
ATOM   182  C CZ  . PHE A 1 23  ? 12.890  13.264  -10.005 1.00 14.03  ? 81  PHE A CZ  1 
ATOM   183  N N   . ASN A 1 24  ? 11.412  16.232  -5.324  1.00 16.72  ? 82  ASN A N   1 
ATOM   184  C CA  . ASN A 1 24  ? 12.584  17.060  -5.077  1.00 16.21  ? 82  ASN A CA  1 
ATOM   185  C C   . ASN A 1 24  ? 13.218  16.765  -3.717  1.00 17.60  ? 82  ASN A C   1 
ATOM   186  O O   . ASN A 1 24  ? 14.433  16.861  -3.568  1.00 17.67  ? 82  ASN A O   1 
ATOM   187  C CB  . ASN A 1 24  ? 12.240  18.552  -5.197  1.00 18.10  ? 82  ASN A CB  1 
ATOM   188  C CG  . ASN A 1 24  ? 11.934  18.975  -6.624  1.00 19.11  ? 82  ASN A CG  1 
ATOM   189  O OD1 . ASN A 1 24  ? 12.284  18.285  -7.581  1.00 17.16  ? 82  ASN A OD1 1 
ATOM   190  N ND2 . ASN A 1 24  ? 11.283  20.124  -6.773  1.00 21.82  ? 82  ASN A ND2 1 
ATOM   191  N N   . GLU A 1 25  ? 12.390  16.401  -2.739  1.00 16.35  ? 83  GLU A N   1 
ATOM   192  C CA  . GLU A 1 25  ? 12.878  15.971  -1.424  1.00 16.77  ? 83  GLU A CA  1 
ATOM   193  C C   . GLU A 1 25  ? 13.793  14.755  -1.501  1.00 16.54  ? 83  GLU A C   1 
ATOM   194  O O   . GLU A 1 25  ? 14.750  14.637  -0.733  1.00 19.36  ? 83  GLU A O   1 
ATOM   195  C CB  . GLU A 1 25  ? 11.701  15.614  -0.514  1.00 17.87  ? 83  GLU A CB  1 
ATOM   196  C CG  . GLU A 1 25  ? 10.937  16.802  0.012   1.00 19.07  ? 83  GLU A CG  1 
ATOM   197  C CD  . GLU A 1 25  ? 9.789   16.404  0.906   1.00 18.74  ? 83  GLU A CD  1 
ATOM   198  O OE1 . GLU A 1 25  ? 9.276   15.267  0.779   1.00 23.80  ? 83  GLU A OE1 1 
ATOM   199  O OE2 . GLU A 1 25  ? 9.394   17.236  1.745   1.00 20.77  ? 83  GLU A OE2 1 
ATOM   200  N N   . LYS A 1 26  ? 13.481  13.838  -2.412  1.00 16.27  ? 84  LYS A N   1 
ATOM   201  C CA  . LYS A 1 26  ? 14.140  12.536  -2.450  1.00 16.16  ? 84  LYS A CA  1 
ATOM   202  C C   . LYS A 1 26  ? 15.062  12.307  -3.650  1.00 16.64  ? 84  LYS A C   1 
ATOM   203  O O   . LYS A 1 26  ? 15.809  11.328  -3.672  1.00 13.43  ? 84  LYS A O   1 
ATOM   204  C CB  . LYS A 1 26  ? 13.078  11.429  -2.385  1.00 16.89  ? 84  LYS A CB  1 
ATOM   205  C CG  . LYS A 1 26  ? 12.316  11.376  -1.055  1.00 15.88  ? 84  LYS A CG  1 
ATOM   206  C CD  . LYS A 1 26  ? 13.237  10.963  0.084   1.00 16.76  ? 84  LYS A CD  1 
ATOM   207  C CE  . LYS A 1 26  ? 12.470  10.653  1.361   1.00 16.44  ? 84  LYS A CE  1 
ATOM   208  N NZ  . LYS A 1 26  ? 11.867  11.851  1.975   1.00 16.28  ? 84  LYS A NZ  1 
ATOM   209  N N   . SER A 1 27  ? 15.039  13.203  -4.636  1.00 18.32  ? 85  SER A N   1 
ATOM   210  C CA  . SER A 1 27  ? 15.793  12.975  -5.864  1.00 18.63  ? 85  SER A CA  1 
ATOM   211  C C   . SER A 1 27  ? 17.299  13.146  -5.670  1.00 20.32  ? 85  SER A C   1 
ATOM   212  O O   . SER A 1 27  ? 17.756  13.860  -4.766  1.00 19.85  ? 85  SER A O   1 
ATOM   213  C CB  . SER A 1 27  ? 15.315  13.903  -6.988  1.00 18.89  ? 85  SER A CB  1 
ATOM   214  O OG  . SER A 1 27  ? 15.576  15.261  -6.676  1.00 17.82  ? 85  SER A OG  1 
ATOM   215  N N   . SER A 1 28  ? 18.051  12.457  -6.521  1.00 20.66  ? 86  SER A N   1 
ATOM   216  C CA  A SER A 1 28  ? 19.505  12.582  -6.585  0.50 20.67  ? 86  SER A CA  1 
ATOM   217  C CA  B SER A 1 28  ? 19.497  12.614  -6.589  0.50 20.84  ? 86  SER A CA  1 
ATOM   218  C C   . SER A 1 28  ? 19.916  12.481  -8.048  1.00 20.80  ? 86  SER A C   1 
ATOM   219  O O   . SER A 1 28  ? 19.542  11.525  -8.729  1.00 19.03  ? 86  SER A O   1 
ATOM   220  C CB  A SER A 1 28  ? 20.179  11.479  -5.766  0.50 21.50  ? 86  SER A CB  1 
ATOM   221  C CB  B SER A 1 28  ? 20.204  11.574  -5.719  0.50 21.81  ? 86  SER A CB  1 
ATOM   222  O OG  A SER A 1 28  ? 21.541  11.325  -6.128  0.50 23.36  ? 86  SER A OG  1 
ATOM   223  O OG  B SER A 1 28  ? 21.559  11.931  -5.515  0.50 24.88  ? 86  SER A OG  1 
ATOM   224  N N   . GLY A 1 29  ? 20.671  13.461  -8.534  1.00 20.85  ? 87  GLY A N   1 
ATOM   225  C CA  . GLY A 1 29  ? 21.052  13.495  -9.941  1.00 20.64  ? 87  GLY A CA  1 
ATOM   226  C C   . GLY A 1 29  ? 19.837  13.523  -10.856 1.00 20.62  ? 87  GLY A C   1 
ATOM   227  O O   . GLY A 1 29  ? 19.882  12.997  -11.968 1.00 21.49  ? 87  GLY A O   1 
ATOM   228  N N   . GLY A 1 30  ? 18.753  14.133  -10.378 1.00 19.79  ? 88  GLY A N   1 
ATOM   229  C CA  . GLY A 1 30  ? 17.513  14.250  -11.140 1.00 19.60  ? 88  GLY A CA  1 
ATOM   230  C C   . GLY A 1 30  ? 16.712  12.965  -11.256 1.00 19.20  ? 88  GLY A C   1 
ATOM   231  O O   . GLY A 1 30  ? 15.827  12.863  -12.101 1.00 20.15  ? 88  GLY A O   1 
ATOM   232  N N   . LYS A 1 31  ? 17.025  11.983  -10.414 1.00 18.45  ? 89  LYS A N   1 
ATOM   233  C CA  . LYS A 1 31  ? 16.308  10.712  -10.415 1.00 17.49  ? 89  LYS A CA  1 
ATOM   234  C C   . LYS A 1 31  ? 15.936  10.304  -9.000  1.00 16.05  ? 89  LYS A C   1 
ATOM   235  O O   . LYS A 1 31  ? 16.562  10.737  -8.027  1.00 15.21  ? 89  LYS A O   1 
ATOM   236  C CB  . LYS A 1 31  ? 17.144  9.616   -11.079 1.00 17.89  ? 89  LYS A CB  1 
ATOM   237  C CG  . LYS A 1 31  ? 17.442  9.878   -12.553 1.00 20.86  ? 89  LYS A CG  1 
ATOM   238  C CD  . LYS A 1 31  ? 17.817  8.600   -13.291 1.00 21.14  ? 89  LYS A CD  1 
ATOM   239  C CE  . LYS A 1 31  ? 17.929  8.841   -14.792 1.00 23.86  ? 89  LYS A CE  1 
ATOM   240  N NZ  . LYS A 1 31  ? 17.873  7.575   -15.578 1.00 27.13  ? 89  LYS A NZ  1 
ATOM   241  N N   . ILE A 1 32  ? 14.908  9.468   -8.892  1.00 14.36  ? 90  ILE A N   1 
ATOM   242  C CA  . ILE A 1 32  ? 14.452  8.978   -7.595  1.00 13.41  ? 90  ILE A CA  1 
ATOM   243  C C   . ILE A 1 32  ? 14.488  7.453   -7.592  1.00 13.36  ? 90  ILE A C   1 
ATOM   244  O O   . ILE A 1 32  ? 14.147  6.822   -8.587  1.00 13.89  ? 90  ILE A O   1 
ATOM   245  C CB  . ILE A 1 32  ? 13.034  9.522   -7.266  1.00 10.77  ? 90  ILE A CB  1 
ATOM   246  C CG1 . ILE A 1 32  ? 12.664  9.255   -5.804  1.00 10.14  ? 90  ILE A CG1 1 
ATOM   247  C CG2 . ILE A 1 32  ? 11.972  8.967   -8.238  1.00 11.15  ? 90  ILE A CG2 1 
ATOM   248  C CD1 . ILE A 1 32  ? 11.396  9.959   -5.364  1.00 10.66  ? 90  ILE A CD1 1 
ATOM   249  N N   . SER A 1 33  ? 14.923  6.865   -6.483  1.00 13.55  ? 91  SER A N   1 
ATOM   250  C CA  . SER A 1 33  ? 14.897  5.408   -6.338  1.00 14.00  ? 91  SER A CA  1 
ATOM   251  C C   . SER A 1 33  ? 13.459  4.897   -6.240  1.00 13.12  ? 91  SER A C   1 
ATOM   252  O O   . SER A 1 33  ? 12.565  5.630   -5.818  1.00 11.10  ? 91  SER A O   1 
ATOM   253  C CB  . SER A 1 33  ? 15.670  4.975   -5.091  1.00 14.39  ? 91  SER A CB  1 
ATOM   254  O OG  . SER A 1 33  ? 15.002  5.367   -3.905  1.00 13.59  ? 91  SER A OG  1 
ATOM   255  N N   . ILE A 1 34  ? 13.233  3.638   -6.607  1.00 14.18  ? 92  ILE A N   1 
ATOM   256  C CA  A ILE A 1 34  ? 11.903  3.028   -6.485  0.50 13.75  ? 92  ILE A CA  1 
ATOM   257  C CA  B ILE A 1 34  ? 11.895  3.065   -6.492  0.50 13.43  ? 92  ILE A CA  1 
ATOM   258  C C   . ILE A 1 34  ? 11.420  3.103   -5.038  1.00 12.99  ? 92  ILE A C   1 
ATOM   259  O O   . ILE A 1 34  ? 10.267  3.428   -4.776  1.00 12.31  ? 92  ILE A O   1 
ATOM   260  C CB  A ILE A 1 34  ? 11.874  1.539   -6.927  0.50 15.16  ? 92  ILE A CB  1 
ATOM   261  C CB  B ILE A 1 34  ? 11.821  1.635   -7.054  0.50 14.49  ? 92  ILE A CB  1 
ATOM   262  C CG1 A ILE A 1 34  ? 12.371  1.363   -8.366  0.50 16.82  ? 92  ILE A CG1 1 
ATOM   263  C CG1 B ILE A 1 34  ? 12.021  1.669   -8.571  0.50 14.45  ? 92  ILE A CG1 1 
ATOM   264  C CG2 A ILE A 1 34  ? 10.457  0.981   -6.809  0.50 15.32  ? 92  ILE A CG2 1 
ATOM   265  C CG2 B ILE A 1 34  ? 10.474  0.998   -6.724  0.50 14.90  ? 92  ILE A CG2 1 
ATOM   266  C CD1 A ILE A 1 34  ? 11.656  2.224   -9.384  0.50 16.98  ? 92  ILE A CD1 1 
ATOM   267  C CD1 B ILE A 1 34  ? 12.067  0.307   -9.202  0.50 12.98  ? 92  ILE A CD1 1 
ATOM   268  N N   . ASP A 1 35  ? 12.314  2.792   -4.099  1.00 13.07  ? 93  ASP A N   1 
ATOM   269  C CA  . ASP A 1 35  ? 11.960  2.822   -2.674  1.00 13.53  ? 93  ASP A CA  1 
ATOM   270  C C   . ASP A 1 35  ? 11.443  4.194   -2.232  1.00 12.36  ? 93  ASP A C   1 
ATOM   271  O O   . ASP A 1 35  ? 10.431  4.290   -1.536  1.00 10.25  ? 93  ASP A O   1 
ATOM   272  C CB  . ASP A 1 35  ? 13.152  2.408   -1.799  1.00 16.02  ? 93  ASP A CB  1 
ATOM   273  C CG  . ASP A 1 35  ? 13.476  0.917   -1.903  1.00 21.31  ? 93  ASP A CG  1 
ATOM   274  O OD1 . ASP A 1 35  ? 12.600  0.122   -2.298  1.00 23.02  ? 93  ASP A OD1 1 
ATOM   275  O OD2 . ASP A 1 35  ? 14.621  0.535   -1.578  1.00 28.66  ? 93  ASP A OD2 1 
ATOM   276  N N   . ASN A 1 36  ? 12.141  5.250   -2.631  1.00 11.04  ? 94  ASN A N   1 
ATOM   277  C CA  . ASN A 1 36  ? 11.696  6.609   -2.333  1.00 11.82  ? 94  ASN A CA  1 
ATOM   278  C C   . ASN A 1 36  ? 10.453  7.021   -3.130  1.00 11.59  ? 94  ASN A C   1 
ATOM   279  O O   . ASN A 1 36  ? 9.628   7.792   -2.632  1.00 11.20  ? 94  ASN A O   1 
ATOM   280  C CB  . ASN A 1 36  ? 12.836  7.600   -2.548  1.00 12.52  ? 94  ASN A CB  1 
ATOM   281  C CG  . ASN A 1 36  ? 13.872  7.538   -1.445  1.00 15.64  ? 94  ASN A CG  1 
ATOM   282  O OD1 . ASN A 1 36  ? 13.542  7.299   -0.285  1.00 17.06  ? 94  ASN A OD1 1 
ATOM   283  N ND2 . ASN A 1 36  ? 15.124  7.788   -1.796  1.00 17.58  ? 94  ASN A ND2 1 
ATOM   284  N N   . ALA A 1 37  ? 10.306  6.499   -4.349  1.00 10.99  ? 95  ALA A N   1 
ATOM   285  C CA  . ALA A 1 37  ? 9.072   6.694   -5.122  1.00 10.97  ? 95  ALA A CA  1 
ATOM   286  C C   . ALA A 1 37  ? 7.878   6.080   -4.400  1.00 11.05  ? 95  ALA A C   1 
ATOM   287  O O   . ALA A 1 37  ? 6.802   6.685   -4.336  1.00 10.78  ? 95  ALA A O   1 
ATOM   288  C CB  . ALA A 1 37  ? 9.201   6.101   -6.526  1.00 11.50  ? 95  ALA A CB  1 
ATOM   289  N N   . SER A 1 38  ? 8.065   4.874   -3.864  1.00 10.70  ? 96  SER A N   1 
ATOM   290  C CA  . SER A 1 38  ? 6.994   4.198   -3.147  1.00 11.46  ? 96  SER A CA  1 
ATOM   291  C C   . SER A 1 38  ? 6.671   4.947   -1.852  1.00 11.05  ? 96  SER A C   1 
ATOM   292  O O   . SER A 1 38  ? 5.502   5.076   -1.483  1.00 12.04  ? 96  SER A O   1 
ATOM   293  C CB  . SER A 1 38  ? 7.363   2.734   -2.874  1.00 12.81  ? 96  SER A CB  1 
ATOM   294  O OG  . SER A 1 38  ? 7.472   2.008   -4.095  1.00 12.86  ? 96  SER A OG  1 
ATOM   295  N N   . TYR A 1 39  ? 7.697   5.460   -1.177  1.00 11.43  ? 97  TYR A N   1 
ATOM   296  C CA  . TYR A 1 39  ? 7.483   6.280   0.012   1.00 11.14  ? 97  TYR A CA  1 
ATOM   297  C C   . TYR A 1 39  ? 6.614   7.486   -0.342  1.00 11.44  ? 97  TYR A C   1 
ATOM   298  O O   . TYR A 1 39  ? 5.614   7.758   0.324   1.00 11.85  ? 97  TYR A O   1 
ATOM   299  C CB  . TYR A 1 39  ? 8.821   6.727   0.628   1.00 12.18  ? 97  TYR A CB  1 
ATOM   300  C CG  . TYR A 1 39  ? 8.669   7.688   1.785   1.00 14.49  ? 97  TYR A CG  1 
ATOM   301  C CD1 . TYR A 1 39  ? 8.264   7.241   3.042   1.00 15.53  ? 97  TYR A CD1 1 
ATOM   302  C CD2 . TYR A 1 39  ? 8.915   9.051   1.621   1.00 14.10  ? 97  TYR A CD2 1 
ATOM   303  C CE1 . TYR A 1 39  ? 8.106   8.126   4.098   1.00 15.65  ? 97  TYR A CE1 1 
ATOM   304  C CE2 . TYR A 1 39  ? 8.764   9.941   2.677   1.00 16.41  ? 97  TYR A CE2 1 
ATOM   305  C CZ  . TYR A 1 39  ? 8.363   9.469   3.915   1.00 15.15  ? 97  TYR A CZ  1 
ATOM   306  O OH  . TYR A 1 39  ? 8.216   10.357  4.962   1.00 17.24  ? 97  TYR A OH  1 
ATOM   307  N N   . ASN A 1 40  ? 6.986   8.188   -1.411  1.00 10.29  ? 98  ASN A N   1 
ATOM   308  C CA  . ASN A 1 40  ? 6.234   9.352   -1.861  1.00 10.45  ? 98  ASN A CA  1 
ATOM   309  C C   . ASN A 1 40  ? 4.798   9.006   -2.216  1.00 10.51  ? 98  ASN A C   1 
ATOM   310  O O   . ASN A 1 40  ? 3.869   9.738   -1.859  1.00 11.46  ? 98  ASN A O   1 
ATOM   311  C CB  . ASN A 1 40  ? 6.916   9.995   -3.066  1.00 12.27  ? 98  ASN A CB  1 
ATOM   312  C CG  . ASN A 1 40  ? 8.178   10.743  -2.692  1.00 13.65  ? 98  ASN A CG  1 
ATOM   313  O OD1 . ASN A 1 40  ? 8.569   10.792  -1.521  1.00 10.72  ? 98  ASN A OD1 1 
ATOM   314  N ND2 . ASN A 1 40  ? 8.817   11.345  -3.686  1.00 13.11  ? 98  ASN A ND2 1 
ATOM   315  N N   . ALA A 1 41  ? 4.624   7.891   -2.920  1.00 11.01  ? 99  ALA A N   1 
ATOM   316  C CA  . ALA A 1 41  ? 3.291   7.389   -3.273  1.00 11.41  ? 99  ALA A CA  1 
ATOM   317  C C   . ALA A 1 41  ? 2.431   7.222   -2.014  1.00 11.27  ? 99  ALA A C   1 
ATOM   318  O O   . ALA A 1 41  ? 1.266   7.626   -1.972  1.00 11.98  ? 99  ALA A O   1 
ATOM   319  C CB  . ALA A 1 41  ? 3.412   6.065   -4.026  1.00 12.23  ? 99  ALA A CB  1 
ATOM   320  N N   . ARG A 1 42  ? 3.019   6.635   -0.981  1.00 12.57  ? 100 ARG A N   1 
ATOM   321  C CA  . ARG A 1 42  ? 2.332   6.455   0.294   1.00 12.84  ? 100 ARG A CA  1 
ATOM   322  C C   . ARG A 1 42  ? 2.017   7.782   0.983   1.00 12.99  ? 100 ARG A C   1 
ATOM   323  O O   . ARG A 1 42  ? 0.932   7.946   1.536   1.00 13.02  ? 100 ARG A O   1 
ATOM   324  C CB  . ARG A 1 42  ? 3.145   5.537   1.199   1.00 12.62  ? 100 ARG A CB  1 
ATOM   325  C CG  . ARG A 1 42  ? 3.173   4.106   0.684   1.00 14.78  ? 100 ARG A CG  1 
ATOM   326  C CD  . ARG A 1 42  ? 4.313   3.281   1.255   1.00 14.13  ? 100 ARG A CD  1 
ATOM   327  N NE  . ARG A 1 42  ? 4.277   1.942   0.675   1.00 15.74  ? 100 ARG A NE  1 
ATOM   328  C CZ  . ARG A 1 42  ? 5.340   1.193   0.380   1.00 17.04  ? 100 ARG A CZ  1 
ATOM   329  N NH1 . ARG A 1 42  ? 6.577   1.608   0.629   1.00 17.26  ? 100 ARG A NH1 1 
ATOM   330  N NH2 . ARG A 1 42  ? 5.156   0.004   -0.170  1.00 17.84  ? 100 ARG A NH2 1 
ATOM   331  N N   . LYS A 1 43  ? 2.942   8.738   0.937   1.00 14.65  ? 101 LYS A N   1 
ATOM   332  C CA  . LYS A 1 43  ? 2.666   10.070  1.495   1.00 14.82  ? 101 LYS A CA  1 
ATOM   333  C C   . LYS A 1 43  ? 1.486   10.731  0.778   1.00 15.29  ? 101 LYS A C   1 
ATOM   334  O O   . LYS A 1 43  ? 0.706   11.453  1.398   1.00 15.81  ? 101 LYS A O   1 
ATOM   335  C CB  . LYS A 1 43  ? 3.901   10.973  1.426   1.00 16.00  ? 101 LYS A CB  1 
ATOM   336  C CG  . LYS A 1 43  ? 4.970   10.650  2.462   1.00 16.81  ? 101 LYS A CG  1 
ATOM   337  C CD  . LYS A 1 43  ? 5.693   11.908  2.946   1.00 18.08  ? 101 LYS A CD  1 
ATOM   338  C CE  . LYS A 1 43  ? 6.465   12.611  1.841   1.00 20.75  ? 101 LYS A CE  1 
ATOM   339  N NZ  . LYS A 1 43  ? 7.156   13.821  2.378   1.00 20.69  ? 101 LYS A NZ  1 
ATOM   340  N N   . LEU A 1 44  ? 1.349   10.451  -0.518  1.00 12.22  ? 102 LEU A N   1 
ATOM   341  C CA  . LEU A 1 44  ? 0.253   10.982  -1.332  1.00 12.72  ? 102 LEU A CA  1 
ATOM   342  C C   . LEU A 1 44  ? -1.070  10.243  -1.115  1.00 12.18  ? 102 LEU A C   1 
ATOM   343  O O   . LEU A 1 44  ? -2.090  10.626  -1.687  1.00 14.04  ? 102 LEU A O   1 
ATOM   344  C CB  . LEU A 1 44  ? 0.639   10.931  -2.818  1.00 11.88  ? 102 LEU A CB  1 
ATOM   345  C CG  . LEU A 1 44  ? 1.790   11.854  -3.225  1.00 12.55  ? 102 LEU A CG  1 
ATOM   346  C CD1 . LEU A 1 44  ? 2.422   11.398  -4.530  1.00 11.95  ? 102 LEU A CD1 1 
ATOM   347  C CD2 . LEU A 1 44  ? 1.321   13.309  -3.320  1.00 14.40  ? 102 LEU A CD2 1 
ATOM   348  N N   . GLY A 1 45  ? -1.047  9.180   -0.307  1.00 12.65  ? 103 GLY A N   1 
ATOM   349  C CA  . GLY A 1 45  ? -2.233  8.380   -0.020  1.00 13.23  ? 103 GLY A CA  1 
ATOM   350  C C   . GLY A 1 45  ? -2.459  7.200   -0.949  1.00 12.84  ? 103 GLY A C   1 
ATOM   351  O O   . GLY A 1 45  ? -3.526  6.597   -0.925  1.00 13.07  ? 103 GLY A O   1 
ATOM   352  N N   . LEU A 1 46  ? -1.462  6.861   -1.769  1.00 13.32  ? 104 LEU A N   1 
ATOM   353  C CA  . LEU A 1 46  ? -1.550  5.704   -2.661  1.00 11.97  ? 104 LEU A CA  1 
ATOM   354  C C   . LEU A 1 46  ? -0.912  4.478   -2.008  1.00 10.41  ? 104 LEU A C   1 
ATOM   355  O O   . LEU A 1 46  ? -0.168  4.601   -1.031  1.00 11.57  ? 104 LEU A O   1 
ATOM   356  C CB  . LEU A 1 46  ? -0.870  6.002   -3.996  1.00 13.62  ? 104 LEU A CB  1 
ATOM   357  C CG  . LEU A 1 46  ? -1.303  7.301   -4.680  1.00 12.70  ? 104 LEU A CG  1 
ATOM   358  C CD1 . LEU A 1 46  ? -0.630  7.410   -6.041  1.00 14.80  ? 104 LEU A CD1 1 
ATOM   359  C CD2 . LEU A 1 46  ? -2.825  7.378   -4.824  1.00 14.41  ? 104 LEU A CD2 1 
ATOM   360  N N   . ALA A 1 47  ? -1.194  3.299   -2.554  1.00 10.85  ? 105 ALA A N   1 
ATOM   361  C CA  . ALA A 1 47  ? -0.765  2.041   -1.937  1.00 11.64  ? 105 ALA A CA  1 
ATOM   362  C C   . ALA A 1 47  ? -0.146  1.088   -2.965  1.00 11.15  ? 105 ALA A C   1 
ATOM   363  O O   . ALA A 1 47  ? -0.817  0.174   -3.447  1.00 10.48  ? 105 ALA A O   1 
ATOM   364  C CB  . ALA A 1 47  ? -1.945  1.384   -1.236  1.00 11.96  ? 105 ALA A CB  1 
ATOM   365  N N   . PRO A 1 48  ? 1.134   1.309   -3.321  1.00 11.32  ? 106 PRO A N   1 
ATOM   366  C CA  . PRO A 1 48  ? 1.827   0.394   -4.227  1.00 11.91  ? 106 PRO A CA  1 
ATOM   367  C C   . PRO A 1 48  ? 2.092   -0.978  -3.615  1.00 11.55  ? 106 PRO A C   1 
ATOM   368  O O   . PRO A 1 48  ? 2.346   -1.076  -2.416  1.00 12.75  ? 106 PRO A O   1 
ATOM   369  C CB  . PRO A 1 48  ? 3.171   1.099   -4.486  1.00 12.39  ? 106 PRO A CB  1 
ATOM   370  C CG  . PRO A 1 48  ? 3.372   1.981   -3.323  1.00 14.18  ? 106 PRO A CG  1 
ATOM   371  C CD  . PRO A 1 48  ? 1.999   2.432   -2.909  1.00 13.72  ? 106 PRO A CD  1 
ATOM   372  N N   . SER A 1 49  ? 2.035   -2.012  -4.454  1.00 11.91  ? 107 SER A N   1 
ATOM   373  C CA  . SER A 1 49  ? 2.441   -3.367  -4.093  1.00 12.78  ? 107 SER A CA  1 
ATOM   374  C C   . SER A 1 49  ? 3.738   -3.714  -4.819  1.00 13.11  ? 107 SER A C   1 
ATOM   375  O O   . SER A 1 49  ? 4.234   -2.918  -5.612  1.00 12.40  ? 107 SER A O   1 
ATOM   376  C CB  . SER A 1 49  ? 1.371   -4.369  -4.506  1.00 11.46  ? 107 SER A CB  1 
ATOM   377  O OG  . SER A 1 49  ? 1.363   -4.525  -5.918  1.00 12.85  ? 107 SER A OG  1 
ATOM   378  N N   . SER A 1 50  ? 4.257   -4.918  -4.572  1.00 12.43  ? 108 SER A N   1 
ATOM   379  C CA  . SER A 1 50  ? 5.462   -5.400  -5.261  1.00 12.99  ? 108 SER A CA  1 
ATOM   380  C C   . SER A 1 50  ? 5.240   -5.503  -6.770  1.00 13.35  ? 108 SER A C   1 
ATOM   381  O O   . SER A 1 50  ? 6.176   -5.311  -7.545  1.00 14.41  ? 108 SER A O   1 
ATOM   382  C CB  . SER A 1 50  ? 5.912   -6.762  -4.712  1.00 13.19  ? 108 SER A CB  1 
ATOM   383  O OG  . SER A 1 50  ? 4.966   -7.775  -5.011  1.00 14.00  ? 108 SER A OG  1 
ATOM   384  N N   . ILE A 1 51  ? 4.007   -5.793  -7.179  1.00 14.05  ? 109 ILE A N   1 
ATOM   385  C CA  A ILE A 1 51  ? 3.667   -5.893  -8.599  0.50 13.95  ? 109 ILE A CA  1 
ATOM   386  C CA  B ILE A 1 51  ? 3.663   -5.891  -8.601  0.50 13.93  ? 109 ILE A CA  1 
ATOM   387  C C   . ILE A 1 51  ? 3.929   -4.554  -9.284  1.00 13.69  ? 109 ILE A C   1 
ATOM   388  O O   . ILE A 1 51  ? 4.503   -4.506  -10.377 1.00 13.11  ? 109 ILE A O   1 
ATOM   389  C CB  A ILE A 1 51  ? 2.186   -6.316  -8.806  0.50 14.72  ? 109 ILE A CB  1 
ATOM   390  C CB  B ILE A 1 51  ? 2.171   -6.285  -8.816  0.50 15.07  ? 109 ILE A CB  1 
ATOM   391  C CG1 A ILE A 1 51  ? 1.981   -7.773  -8.389  0.50 16.66  ? 109 ILE A CG1 1 
ATOM   392  C CG1 B ILE A 1 51  ? 1.851   -7.636  -8.171  0.50 17.54  ? 109 ILE A CG1 1 
ATOM   393  C CG2 A ILE A 1 51  ? 1.761   -6.143  -10.262 0.50 16.03  ? 109 ILE A CG2 1 
ATOM   394  C CG2 B ILE A 1 51  ? 1.830   -6.348  -10.302 0.50 15.81  ? 109 ILE A CG2 1 
ATOM   395  C CD1 A ILE A 1 51  ? 0.524   -8.191  -8.333  0.50 14.95  ? 109 ILE A CD1 1 
ATOM   396  C CD1 B ILE A 1 51  ? 2.645   -8.793  -8.729  0.50 18.14  ? 109 ILE A CD1 1 
ATOM   397  N N   . ASP A 1 52  ? 3.521   -3.472  -8.623  1.00 11.39  ? 110 ASP A N   1 
ATOM   398  C CA  . ASP A 1 52  ? 3.673   -2.122  -9.153  1.00 12.01  ? 110 ASP A CA  1 
ATOM   399  C C   . ASP A 1 52  ? 5.150   -1.728  -9.243  1.00 12.09  ? 110 ASP A C   1 
ATOM   400  O O   . ASP A 1 52  ? 5.598   -1.178  -10.250 1.00 12.58  ? 110 ASP A O   1 
ATOM   401  C CB  . ASP A 1 52  ? 2.915   -1.118  -8.273  1.00 11.11  ? 110 ASP A CB  1 
ATOM   402  C CG  . ASP A 1 52  ? 1.441   -1.455  -8.126  1.00 13.29  ? 110 ASP A CG  1 
ATOM   403  O OD1 . ASP A 1 52  ? 0.850   -2.018  -9.071  1.00 14.73  ? 110 ASP A OD1 1 
ATOM   404  O OD2 . ASP A 1 52  ? 0.873   -1.145  -7.065  1.00 15.47  ? 110 ASP A OD2 1 
ATOM   405  N N   . GLU A 1 53  ? 5.900   -2.007  -8.182  1.00 12.27  ? 111 GLU A N   1 
ATOM   406  C CA  . GLU A 1 53  ? 7.333   -1.727  -8.153  1.00 13.19  ? 111 GLU A CA  1 
ATOM   407  C C   . GLU A 1 53  ? 8.076   -2.508  -9.231  1.00 13.02  ? 111 GLU A C   1 
ATOM   408  O O   . GLU A 1 53  ? 8.920   -1.959  -9.930  1.00 13.29  ? 111 GLU A O   1 
ATOM   409  C CB  . GLU A 1 53  ? 7.917   -2.064  -6.777  1.00 13.20  ? 111 GLU A CB  1 
ATOM   410  C CG  . GLU A 1 53  ? 7.417   -1.149  -5.674  1.00 15.43  ? 111 GLU A CG  1 
ATOM   411  C CD  . GLU A 1 53  ? 8.119   -1.361  -4.344  1.00 17.92  ? 111 GLU A CD  1 
ATOM   412  O OE1 . GLU A 1 53  ? 8.475   -2.510  -4.019  1.00 19.92  ? 111 GLU A OE1 1 
ATOM   413  O OE2 . GLU A 1 53  ? 8.308   -0.367  -3.612  1.00 19.13  ? 111 GLU A OE2 1 
ATOM   414  N N   . LYS A 1 54  ? 7.771   -3.794  -9.345  1.00 13.54  ? 112 LYS A N   1 
ATOM   415  C CA  . LYS A 1 54  ? 8.431   -4.643  -10.330 1.00 14.32  ? 112 LYS A CA  1 
ATOM   416  C C   . LYS A 1 54  ? 8.130   -4.205  -11.770 1.00 13.09  ? 112 LYS A C   1 
ATOM   417  O O   . LYS A 1 54  ? 9.023   -4.220  -12.621 1.00 10.58  ? 112 LYS A O   1 
ATOM   418  C CB  . LYS A 1 54  ? 8.067   -6.109  -10.096 1.00 16.25  ? 112 LYS A CB  1 
ATOM   419  C CG  . LYS A 1 54  ? 8.745   -6.680  -8.851  1.00 17.86  ? 112 LYS A CG  1 
ATOM   420  C CD  . LYS A 1 54  ? 8.309   -8.099  -8.557  1.00 17.47  ? 112 LYS A CD  1 
ATOM   421  C CE  . LYS A 1 54  ? 8.976   -8.637  -7.301  1.00 21.52  ? 112 LYS A CE  1 
ATOM   422  N NZ  . LYS A 1 54  ? 8.506   -10.011 -6.993  1.00 22.51  ? 112 LYS A NZ  1 
ATOM   423  N N   . LYS A 1 55  ? 6.889   -3.802  -12.041 1.00 12.36  ? 113 LYS A N   1 
ATOM   424  C CA  . LYS A 1 55  ? 6.532   -3.275  -13.368 1.00 13.69  ? 113 LYS A CA  1 
ATOM   425  C C   . LYS A 1 55  ? 7.431   -2.113  -13.759 1.00 13.16  ? 113 LYS A C   1 
ATOM   426  O O   . LYS A 1 55  ? 7.999   -2.085  -14.854 1.00 10.49  ? 113 LYS A O   1 
ATOM   427  C CB  . LYS A 1 55  ? 5.088   -2.772  -13.403 1.00 15.87  ? 113 LYS A CB  1 
ATOM   428  C CG  . LYS A 1 55  ? 4.067   -3.802  -13.744 1.00 18.52  ? 113 LYS A CG  1 
ATOM   429  C CD  . LYS A 1 55  ? 2.738   -3.119  -14.005 1.00 16.91  ? 113 LYS A CD  1 
ATOM   430  C CE  . LYS A 1 55  ? 1.636   -4.113  -14.233 1.00 19.28  ? 113 LYS A CE  1 
ATOM   431  N NZ  . LYS A 1 55  ? 0.346   -3.392  -14.281 1.00 18.47  ? 113 LYS A NZ  1 
ATOM   432  N N   . ILE A 1 56  ? 7.548   -1.143  -12.858 1.00 14.81  ? 114 ILE A N   1 
ATOM   433  C CA  . ILE A 1 56  ? 8.287   0.075   -13.159 1.00 14.56  ? 114 ILE A CA  1 
ATOM   434  C C   . ILE A 1 56  ? 9.794   -0.198  -13.210 1.00 14.74  ? 114 ILE A C   1 
ATOM   435  O O   . ILE A 1 56  ? 10.495  0.320   -14.079 1.00 12.73  ? 114 ILE A O   1 
ATOM   436  C CB  . ILE A 1 56  ? 7.950   1.208   -12.166 1.00 15.45  ? 114 ILE A CB  1 
ATOM   437  C CG1 . ILE A 1 56  ? 8.274   2.558   -12.797 1.00 14.77  ? 114 ILE A CG1 1 
ATOM   438  C CG2 . ILE A 1 56  ? 8.673   1.015   -10.824 1.00 17.02  ? 114 ILE A CG2 1 
ATOM   439  C CD1 . ILE A 1 56  ? 7.268   2.983   -13.865 1.00 19.01  ? 114 ILE A CD1 1 
ATOM   440  N N   . LYS A 1 57  ? 10.274  -1.047  -12.303 1.00 15.81  ? 115 LYS A N   1 
ATOM   441  C CA  . LYS A 1 57  ? 11.678  -1.446  -12.289 1.00 17.29  ? 115 LYS A CA  1 
ATOM   442  C C   . LYS A 1 57  ? 12.081  -2.151  -13.583 1.00 16.58  ? 115 LYS A C   1 
ATOM   443  O O   . LYS A 1 57  ? 13.179  -1.929  -14.106 1.00 18.91  ? 115 LYS A O   1 
ATOM   444  C CB  . LYS A 1 57  ? 11.952  -2.372  -11.101 1.00 18.52  ? 115 LYS A CB  1 
ATOM   445  C CG  . LYS A 1 57  ? 13.421  -2.649  -10.883 1.00 20.30  ? 115 LYS A CG  1 
ATOM   446  C CD  . LYS A 1 57  ? 13.646  -3.625  -9.747  1.00 22.07  ? 115 LYS A CD  1 
ATOM   447  C CE  . LYS A 1 57  ? 14.982  -4.340  -9.903  1.00 23.50  ? 115 LYS A CE  1 
ATOM   448  N NZ  . LYS A 1 57  ? 16.040  -3.424  -10.382 1.00 28.67  ? 115 LYS A NZ  1 
ATOM   449  N N   . GLU A 1 58  ? 11.205  -3.015  -14.082 1.00 17.39  ? 116 GLU A N   1 
ATOM   450  C CA  . GLU A 1 58  ? 11.471  -3.753  -15.309 1.00 19.48  ? 116 GLU A CA  1 
ATOM   451  C C   . GLU A 1 58  ? 11.495  -2.846  -16.529 1.00 18.22  ? 116 GLU A C   1 
ATOM   452  O O   . GLU A 1 58  ? 12.243  -3.103  -17.467 1.00 19.07  ? 116 GLU A O   1 
ATOM   453  C CB  . GLU A 1 58  ? 10.466  -4.890  -15.505 1.00 21.08  ? 116 GLU A CB  1 
ATOM   454  C CG  . GLU A 1 58  ? 10.930  -6.206  -14.885 1.00 25.24  ? 116 GLU A CG  1 
ATOM   455  C CD  . GLU A 1 58  ? 9.797   -7.097  -14.398 1.00 26.58  ? 116 GLU A CD  1 
ATOM   456  O OE1 . GLU A 1 58  ? 8.770   -7.204  -15.100 1.00 33.90  ? 116 GLU A OE1 1 
ATOM   457  O OE2 . GLU A 1 58  ? 9.951   -7.718  -13.319 1.00 32.03  ? 116 GLU A OE2 1 
ATOM   458  N N   . LEU A 1 59  ? 10.695  -1.781  -16.512 1.00 15.60  ? 117 LEU A N   1 
ATOM   459  C CA  . LEU A 1 59  ? 10.730  -0.798  -17.593 1.00 16.28  ? 117 LEU A CA  1 
ATOM   460  C C   . LEU A 1 59  ? 11.950  0.114   -17.527 1.00 15.68  ? 117 LEU A C   1 
ATOM   461  O O   . LEU A 1 59  ? 12.597  0.363   -18.549 1.00 16.70  ? 117 LEU A O   1 
ATOM   462  C CB  . LEU A 1 59  ? 9.467   0.065   -17.580 1.00 16.12  ? 117 LEU A CB  1 
ATOM   463  C CG  . LEU A 1 59  ? 8.185   -0.625  -18.037 1.00 16.92  ? 117 LEU A CG  1 
ATOM   464  C CD1 . LEU A 1 59  ? 6.977   0.250   -17.751 1.00 17.37  ? 117 LEU A CD1 1 
ATOM   465  C CD2 . LEU A 1 59  ? 8.276   -0.967  -19.526 1.00 17.88  ? 117 LEU A CD2 1 
ATOM   466  N N   . TYR A 1 60  ? 12.262  0.614   -16.337 1.00 15.90  ? 118 TYR A N   1 
ATOM   467  C CA  . TYR A 1 60  ? 13.172  1.754   -16.197 1.00 15.75  ? 118 TYR A CA  1 
ATOM   468  C C   . TYR A 1 60  ? 14.373  1.581   -15.266 1.00 16.69  ? 118 TYR A C   1 
ATOM   469  O O   . TYR A 1 60  ? 15.231  2.471   -15.193 1.00 18.09  ? 118 TYR A O   1 
ATOM   470  C CB  . TYR A 1 60  ? 12.370  2.958   -15.716 1.00 15.87  ? 118 TYR A CB  1 
ATOM   471  C CG  . TYR A 1 60  ? 11.289  3.429   -16.663 1.00 12.79  ? 118 TYR A CG  1 
ATOM   472  C CD1 . TYR A 1 60  ? 11.576  3.703   -18.001 1.00 13.92  ? 118 TYR A CD1 1 
ATOM   473  C CD2 . TYR A 1 60  ? 9.989   3.648   -16.212 1.00 13.03  ? 118 TYR A CD2 1 
ATOM   474  C CE1 . TYR A 1 60  ? 10.594  4.160   -18.873 1.00 13.57  ? 118 TYR A CE1 1 
ATOM   475  C CE2 . TYR A 1 60  ? 8.998   4.110   -17.077 1.00 14.91  ? 118 TYR A CE2 1 
ATOM   476  C CZ  . TYR A 1 60  ? 9.309   4.365   -18.408 1.00 15.22  ? 118 TYR A CZ  1 
ATOM   477  O OH  . TYR A 1 60  ? 8.343   4.835   -19.271 1.00 14.52  ? 118 TYR A OH  1 
ATOM   478  N N   . GLY A 1 61  ? 14.440  0.463   -14.553 1.00 15.82  ? 119 GLY A N   1 
ATOM   479  C CA  . GLY A 1 61  ? 15.508  0.227   -13.590 1.00 16.61  ? 119 GLY A CA  1 
ATOM   480  C C   . GLY A 1 61  ? 15.184  0.772   -12.213 1.00 17.28  ? 119 GLY A C   1 
ATOM   481  O O   . GLY A 1 61  ? 14.033  1.106   -11.917 1.00 17.33  ? 119 GLY A O   1 
ATOM   482  N N   . ASP A 1 62  ? 16.216  0.875   -11.379 1.00 18.08  ? 120 ASP A N   1 
ATOM   483  C CA  . ASP A 1 62  ? 16.067  1.218   -9.964  1.00 18.21  ? 120 ASP A CA  1 
ATOM   484  C C   . ASP A 1 62  ? 15.860  2.701   -9.701  1.00 18.22  ? 120 ASP A C   1 
ATOM   485  O O   . ASP A 1 62  ? 15.414  3.074   -8.611  1.00 16.99  ? 120 ASP A O   1 
ATOM   486  C CB  . ASP A 1 62  ? 17.304  0.761   -9.184  1.00 20.24  ? 120 ASP A CB  1 
ATOM   487  C CG  . ASP A 1 62  ? 17.409  -0.743  -9.096  1.00 22.45  ? 120 ASP A CG  1 
ATOM   488  O OD1 . ASP A 1 62  ? 16.388  -1.391  -8.791  1.00 27.75  ? 120 ASP A OD1 1 
ATOM   489  O OD2 . ASP A 1 62  ? 18.514  -1.273  -9.317  1.00 26.98  ? 120 ASP A OD2 1 
ATOM   490  N N   . ASN A 1 63  ? 16.208  3.533   -10.679 1.00 17.85  ? 121 ASN A N   1 
ATOM   491  C CA  . ASN A 1 63  ? 16.140  4.984   -10.544 1.00 17.92  ? 121 ASN A CA  1 
ATOM   492  C C   . ASN A 1 63  ? 15.311  5.617   -11.658 1.00 18.42  ? 121 ASN A C   1 
ATOM   493  O O   . ASN A 1 63  ? 15.548  5.363   -12.846 1.00 18.75  ? 121 ASN A O   1 
ATOM   494  C CB  . ASN A 1 63  ? 17.549  5.571   -10.528 1.00 19.67  ? 121 ASN A CB  1 
ATOM   495  C CG  . ASN A 1 63  ? 18.369  5.074   -9.347  1.00 22.10  ? 121 ASN A CG  1 
ATOM   496  O OD1 . ASN A 1 63  ? 17.998  5.275   -8.188  1.00 24.94  ? 121 ASN A OD1 1 
ATOM   497  N ND2 . ASN A 1 63  ? 19.483  4.416   -9.637  1.00 26.47  ? 121 ASN A ND2 1 
ATOM   498  N N   . LEU A 1 64  ? 14.355  6.456   -11.262 1.00 16.15  ? 122 LEU A N   1 
ATOM   499  C CA  . LEU A 1 64  ? 13.364  7.015   -12.177 1.00 14.82  ? 122 LEU A CA  1 
ATOM   500  C C   . LEU A 1 64  ? 13.549  8.505   -12.408 1.00 14.74  ? 122 LEU A C   1 
ATOM   501  O O   . LEU A 1 64  ? 13.767  9.263   -11.466 1.00 14.68  ? 122 LEU A O   1 
ATOM   502  C CB  . LEU A 1 64  ? 11.960  6.809   -11.612 1.00 14.91  ? 122 LEU A CB  1 
ATOM   503  C CG  . LEU A 1 64  ? 11.592  5.396   -11.172 1.00 11.49  ? 122 LEU A CG  1 
ATOM   504  C CD1 . LEU A 1 64  ? 10.158  5.372   -10.672 1.00 14.00  ? 122 LEU A CD1 1 
ATOM   505  C CD2 . LEU A 1 64  ? 11.782  4.427   -12.343 1.00 11.48  ? 122 LEU A CD2 1 
ATOM   506  N N   . THR A 1 65  ? 13.411  8.919   -13.662 1.00 14.57  ? 123 THR A N   1 
ATOM   507  C CA  . THR A 1 65  ? 13.303  10.334  -14.000 1.00 14.47  ? 123 THR A CA  1 
ATOM   508  C C   . THR A 1 65  ? 11.961  10.850  -13.487 1.00 13.50  ? 123 THR A C   1 
ATOM   509  O O   . THR A 1 65  ? 11.103  10.062  -13.068 1.00 13.01  ? 123 THR A O   1 
ATOM   510  C CB  . THR A 1 65  ? 13.364  10.556  -15.521 1.00 14.13  ? 123 THR A CB  1 
ATOM   511  O OG1 . THR A 1 65  ? 12.222  9.955   -16.140 1.00 15.85  ? 123 THR A OG1 1 
ATOM   512  C CG2 . THR A 1 65  ? 14.634  9.947   -16.112 1.00 16.89  ? 123 THR A CG2 1 
ATOM   513  N N   . TYR A 1 66  ? 11.763  12.165  -13.530 1.00 13.72  ? 124 TYR A N   1 
ATOM   514  C CA  . TYR A 1 66  ? 10.493  12.729  -13.080 1.00 14.71  ? 124 TYR A CA  1 
ATOM   515  C C   . TYR A 1 66  ? 9.297   12.125  -13.820 1.00 14.49  ? 124 TYR A C   1 
ATOM   516  O O   . TYR A 1 66  ? 8.325   11.717  -13.192 1.00 13.64  ? 124 TYR A O   1 
ATOM   517  C CB  . TYR A 1 66  ? 10.458  14.252  -13.219 1.00 15.74  ? 124 TYR A CB  1 
ATOM   518  C CG  . TYR A 1 66  ? 9.219   14.853  -12.588 1.00 14.99  ? 124 TYR A CG  1 
ATOM   519  C CD1 . TYR A 1 66  ? 9.053   14.849  -11.205 1.00 13.36  ? 124 TYR A CD1 1 
ATOM   520  C CD2 . TYR A 1 66  ? 8.208   15.410  -13.366 1.00 18.38  ? 124 TYR A CD2 1 
ATOM   521  C CE1 . TYR A 1 66  ? 7.917   15.382  -10.610 1.00 16.03  ? 124 TYR A CE1 1 
ATOM   522  C CE2 . TYR A 1 66  ? 7.070   15.954  -12.782 1.00 17.34  ? 124 TYR A CE2 1 
ATOM   523  C CZ  . TYR A 1 66  ? 6.932   15.938  -11.400 1.00 18.58  ? 124 TYR A CZ  1 
ATOM   524  O OH  . TYR A 1 66  ? 5.808   16.472  -10.802 1.00 18.09  ? 124 TYR A OH  1 
ATOM   525  N N   . GLU A 1 67  ? 9.361   12.066  -15.145 1.00 15.40  ? 125 GLU A N   1 
ATOM   526  C CA  . GLU A 1 67  ? 8.229   11.548  -15.925 1.00 15.09  ? 125 GLU A CA  1 
ATOM   527  C C   . GLU A 1 67  ? 7.983   10.069  -15.616 1.00 14.52  ? 125 GLU A C   1 
ATOM   528  O O   . GLU A 1 67  ? 6.838   9.619   -15.590 1.00 14.89  ? 125 GLU A O   1 
ATOM   529  C CB  . GLU A 1 67  ? 8.449   11.771  -17.427 1.00 16.25  ? 125 GLU A CB  1 
ATOM   530  C CG  . GLU A 1 67  ? 7.474   11.032  -18.342 1.00 21.16  ? 125 GLU A CG  1 
ATOM   531  C CD  . GLU A 1 67  ? 6.019   11.393  -18.098 1.00 29.92  ? 125 GLU A CD  1 
ATOM   532  O OE1 . GLU A 1 67  ? 5.692   12.603  -18.063 1.00 34.63  ? 125 GLU A OE1 1 
ATOM   533  O OE2 . GLU A 1 67  ? 5.198   10.459  -17.960 1.00 33.77  ? 125 GLU A OE2 1 
ATOM   534  N N   . GLN A 1 68  ? 9.055   9.325   -15.366 1.00 12.58  ? 126 GLN A N   1 
ATOM   535  C CA  . GLN A 1 68  ? 8.944   7.894   -15.049 1.00 13.92  ? 126 GLN A CA  1 
ATOM   536  C C   . GLN A 1 68  ? 8.306   7.682   -13.671 1.00 12.96  ? 126 GLN A C   1 
ATOM   537  O O   . GLN A 1 68  ? 7.514   6.757   -13.464 1.00 12.85  ? 126 GLN A O   1 
ATOM   538  C CB  . GLN A 1 68  ? 10.317  7.236   -15.133 1.00 13.35  ? 126 GLN A CB  1 
ATOM   539  C CG  . GLN A 1 68  ? 10.860  7.185   -16.566 1.00 16.20  ? 126 GLN A CG  1 
ATOM   540  C CD  . GLN A 1 68  ? 12.337  6.881   -16.642 1.00 16.00  ? 126 GLN A CD  1 
ATOM   541  O OE1 . GLN A 1 68  ? 13.002  6.680   -15.624 1.00 19.35  ? 126 GLN A OE1 1 
ATOM   542  N NE2 . GLN A 1 68  ? 12.869  6.857   -17.862 1.00 22.49  ? 126 GLN A NE2 1 
ATOM   543  N N   . TYR A 1 69  ? 8.652   8.568   -12.748 1.00 12.75  ? 127 TYR A N   1 
ATOM   544  C CA  . TYR A 1 69  ? 8.039   8.631   -11.420 1.00 12.60  ? 127 TYR A CA  1 
ATOM   545  C C   . TYR A 1 69  ? 6.541   8.942   -11.516 1.00 12.93  ? 127 TYR A C   1 
ATOM   546  O O   . TYR A 1 69  ? 5.735   8.336   -10.814 1.00 12.59  ? 127 TYR A O   1 
ATOM   547  C CB  . TYR A 1 69  ? 8.819   9.660   -10.596 1.00 13.03  ? 127 TYR A CB  1 
ATOM   548  C CG  . TYR A 1 69  ? 8.157   10.285  -9.392  1.00 12.98  ? 127 TYR A CG  1 
ATOM   549  C CD1 . TYR A 1 69  ? 8.085   9.611   -8.177  1.00 14.83  ? 127 TYR A CD1 1 
ATOM   550  C CD2 . TYR A 1 69  ? 7.700   11.600  -9.444  1.00 12.80  ? 127 TYR A CD2 1 
ATOM   551  C CE1 . TYR A 1 69  ? 7.514   10.212  -7.062  1.00 13.68  ? 127 TYR A CE1 1 
ATOM   552  C CE2 . TYR A 1 69  ? 7.138   12.209  -8.340  1.00 13.26  ? 127 TYR A CE2 1 
ATOM   553  C CZ  . TYR A 1 69  ? 7.051   11.520  -7.152  1.00 13.76  ? 127 TYR A CZ  1 
ATOM   554  O OH  . TYR A 1 69  ? 6.497   12.131  -6.057  1.00 14.57  ? 127 TYR A OH  1 
ATOM   555  N N   . LEU A 1 70  ? 6.166   9.859   -12.405 1.00 14.08  ? 128 LEU A N   1 
ATOM   556  C CA  . LEU A 1 70  ? 4.743   10.158  -12.637 1.00 13.06  ? 128 LEU A CA  1 
ATOM   557  C C   . LEU A 1 70  ? 4.003   8.930   -13.182 1.00 13.04  ? 128 LEU A C   1 
ATOM   558  O O   . LEU A 1 70  ? 2.885   8.623   -12.758 1.00 13.08  ? 128 LEU A O   1 
ATOM   559  C CB  . LEU A 1 70  ? 4.574   11.355  -13.583 1.00 14.43  ? 128 LEU A CB  1 
ATOM   560  C CG  . LEU A 1 70  ? 5.026   12.728  -13.079 1.00 16.33  ? 128 LEU A CG  1 
ATOM   561  C CD1 . LEU A 1 70  ? 4.665   13.807  -14.098 1.00 19.03  ? 128 LEU A CD1 1 
ATOM   562  C CD2 . LEU A 1 70  ? 4.413   13.045  -11.719 1.00 17.68  ? 128 LEU A CD2 1 
ATOM   563  N N   . GLU A 1 71  ? 4.632   8.212   -14.102 1.00 12.47  ? 129 GLU A N   1 
ATOM   564  C CA  . GLU A 1 71  ? 4.041   6.975   -14.618 1.00 13.28  ? 129 GLU A CA  1 
ATOM   565  C C   . GLU A 1 71  ? 3.887   5.938   -13.517 1.00 12.10  ? 129 GLU A C   1 
ATOM   566  O O   . GLU A 1 71  ? 2.861   5.259   -13.441 1.00 12.71  ? 129 GLU A O   1 
ATOM   567  C CB  . GLU A 1 71  ? 4.878   6.412   -15.758 1.00 14.32  ? 129 GLU A CB  1 
ATOM   568  C CG  . GLU A 1 71  ? 4.788   7.276   -16.990 1.00 16.41  ? 129 GLU A CG  1 
ATOM   569  C CD  . GLU A 1 71  ? 5.538   6.719   -18.161 1.00 19.28  ? 129 GLU A CD  1 
ATOM   570  O OE1 . GLU A 1 71  ? 6.357   5.794   -17.978 1.00 19.77  ? 129 GLU A OE1 1 
ATOM   571  O OE2 . GLU A 1 71  ? 5.295   7.219   -19.279 1.00 25.39  ? 129 GLU A OE2 1 
ATOM   572  N N   . TYR A 1 72  ? 4.902   5.828   -12.658 1.00 10.63  ? 130 TYR A N   1 
ATOM   573  C CA  . TYR A 1 72  ? 4.826   4.927   -11.517 1.00 11.87  ? 130 TYR A CA  1 
ATOM   574  C C   . TYR A 1 72  ? 3.645   5.295   -10.626 1.00 12.13  ? 130 TYR A C   1 
ATOM   575  O O   . TYR A 1 72  ? 2.849   4.436   -10.259 1.00 10.87  ? 130 TYR A O   1 
ATOM   576  C CB  . TYR A 1 72  ? 6.128   4.936   -10.701 1.00 10.89  ? 130 TYR A CB  1 
ATOM   577  C CG  . TYR A 1 72  ? 6.061   4.051   -9.484  1.00 11.48  ? 130 TYR A CG  1 
ATOM   578  C CD1 . TYR A 1 72  ? 5.666   2.723   -9.587  1.00 10.33  ? 130 TYR A CD1 1 
ATOM   579  C CD2 . TYR A 1 72  ? 6.385   4.536   -8.222  1.00 13.27  ? 130 TYR A CD2 1 
ATOM   580  C CE1 . TYR A 1 72  ? 5.595   1.906   -8.476  1.00 14.50  ? 130 TYR A CE1 1 
ATOM   581  C CE2 . TYR A 1 72  ? 6.314   3.721   -7.098  1.00 14.02  ? 130 TYR A CE2 1 
ATOM   582  C CZ  . TYR A 1 72  ? 5.922   2.405   -7.234  1.00 12.19  ? 130 TYR A CZ  1 
ATOM   583  O OH  . TYR A 1 72  ? 5.837   1.574   -6.132  1.00 13.67  ? 130 TYR A OH  1 
ATOM   584  N N   . LEU A 1 73  ? 3.515   6.577   -10.295 1.00 11.41  ? 131 LEU A N   1 
ATOM   585  C CA  . LEU A 1 73  ? 2.408   7.018   -9.450  1.00 13.00  ? 131 LEU A CA  1 
ATOM   586  C C   . LEU A 1 73  ? 1.050   6.658   -10.060 1.00 14.07  ? 131 LEU A C   1 
ATOM   587  O O   . LEU A 1 73  ? 0.128   6.287   -9.332  1.00 14.27  ? 131 LEU A O   1 
ATOM   588  C CB  . LEU A 1 73  ? 2.488   8.520   -9.165  1.00 13.92  ? 131 LEU A CB  1 
ATOM   589  C CG  . LEU A 1 73  ? 3.664   8.993   -8.307  1.00 14.68  ? 131 LEU A CG  1 
ATOM   590  C CD1 . LEU A 1 73  ? 3.592   10.516  -8.121  1.00 17.07  ? 131 LEU A CD1 1 
ATOM   591  C CD2 . LEU A 1 73  ? 3.716   8.263   -6.944  1.00 10.96  ? 131 LEU A CD2 1 
ATOM   592  N N   . SER A 1 74  ? 0.937   6.734   -11.383 1.00 13.69  ? 132 SER A N   1 
ATOM   593  C CA  . SER A 1 74  ? -0.321  6.395   -12.063 1.00 16.11  ? 132 SER A CA  1 
ATOM   594  C C   . SER A 1 74  ? -0.689  4.911   -11.883 1.00 17.24  ? 132 SER A C   1 
ATOM   595  O O   . SER A 1 74  ? -1.868  4.573   -11.754 1.00 18.28  ? 132 SER A O   1 
ATOM   596  C CB  . SER A 1 74  ? -0.278  6.792   -13.549 1.00 17.33  ? 132 SER A CB  1 
ATOM   597  O OG  . SER A 1 74  ? 0.441   5.868   -14.340 1.00 17.55  ? 132 SER A OG  1 
ATOM   598  N N   . ILE A 1 75  ? 0.314   4.037   -11.847 1.00 16.45  ? 133 ILE A N   1 
ATOM   599  C CA  A ILE A 1 75  ? 0.147   2.596   -11.611 0.50 16.73  ? 133 ILE A CA  1 
ATOM   600  C CA  B ILE A 1 75  ? 0.008   2.620   -11.637 0.50 17.01  ? 133 ILE A CA  1 
ATOM   601  C C   . ILE A 1 75  ? -0.297  2.313   -10.170 1.00 17.69  ? 133 ILE A C   1 
ATOM   602  O O   . ILE A 1 75  ? -0.953  1.308   -9.880  1.00 19.31  ? 133 ILE A O   1 
ATOM   603  C CB  A ILE A 1 75  ? 1.490   1.844   -11.881 0.50 16.60  ? 133 ILE A CB  1 
ATOM   604  C CB  B ILE A 1 75  ? 1.050   1.665   -12.269 0.50 17.34  ? 133 ILE A CB  1 
ATOM   605  C CG1 A ILE A 1 75  ? 1.888   1.947   -13.358 0.50 17.02  ? 133 ILE A CG1 1 
ATOM   606  C CG1 B ILE A 1 75  ? 2.407   1.735   -11.578 0.50 15.44  ? 133 ILE A CG1 1 
ATOM   607  C CG2 A ILE A 1 75  ? 1.398   0.377   -11.480 0.50 17.66  ? 133 ILE A CG2 1 
ATOM   608  C CG2 B ILE A 1 75  ? 1.207   1.984   -13.748 0.50 18.56  ? 133 ILE A CG2 1 
ATOM   609  C CD1 A ILE A 1 75  ? 3.299   1.479   -13.643 0.50 15.13  ? 133 ILE A CD1 1 
ATOM   610  C CD1 B ILE A 1 75  ? 3.321   0.617   -11.997 0.50 16.24  ? 133 ILE A CD1 1 
ATOM   611  N N   . CYS A 1 76  ? 0.090   3.207   -9.262  1.00 16.47  ? 134 CYS A N   1 
ATOM   612  C CA  . CYS A 1 76  ? -0.222  3.070   -7.833  1.00 17.11  ? 134 CYS A CA  1 
ATOM   613  C C   . CYS A 1 76  ? -1.649  3.495   -7.447  1.00 16.33  ? 134 CYS A C   1 
ATOM   614  O O   . CYS A 1 76  ? -2.051  3.301   -6.298  1.00 17.12  ? 134 CYS A O   1 
ATOM   615  C CB  . CYS A 1 76  ? 0.760   3.903   -6.994  1.00 18.14  ? 134 CYS A CB  1 
ATOM   616  S SG  . CYS A 1 76  ? 2.493   3.396   -7.057  1.00 18.24  ? 134 CYS A SG  1 
ATOM   617  N N   . VAL A 1 77  ? -2.408  4.085   -8.372  1.00 17.51  ? 135 VAL A N   1 
ATOM   618  C CA  . VAL A 1 77  ? -3.719  4.657   -8.014  1.00 17.97  ? 135 VAL A CA  1 
ATOM   619  C C   . VAL A 1 77  ? -4.737  3.615   -7.511  1.00 18.94  ? 135 VAL A C   1 
ATOM   620  O O   . VAL A 1 77  ? -5.419  3.843   -6.509  1.00 21.14  ? 135 VAL A O   1 
ATOM   621  C CB  . VAL A 1 77  ? -4.303  5.493   -9.172  1.00 19.05  ? 135 VAL A CB  1 
ATOM   622  C CG1 . VAL A 1 77  ? -5.754  5.866   -8.896  1.00 20.03  ? 135 VAL A CG1 1 
ATOM   623  C CG2 . VAL A 1 77  ? -3.458  6.739   -9.381  1.00 18.60  ? 135 VAL A CG2 1 
ATOM   624  N N   . HIS A 1 78  ? -4.823  2.486   -8.211  1.00 18.62  ? 136 HIS A N   1 
ATOM   625  C CA  . HIS A 1 78  ? -5.683  1.357   -7.837  1.00 17.50  ? 136 HIS A CA  1 
ATOM   626  C C   . HIS A 1 78  ? -7.153  1.737   -7.601  1.00 17.62  ? 136 HIS A C   1 
ATOM   627  O O   . HIS A 1 78  ? -7.719  1.482   -6.531  1.00 14.62  ? 136 HIS A O   1 
ATOM   628  C CB  . HIS A 1 78  ? -5.075  0.599   -6.652  1.00 19.19  ? 136 HIS A CB  1 
ATOM   629  C CG  . HIS A 1 78  ? -3.802  -0.100  -7.002  1.00 18.80  ? 136 HIS A CG  1 
ATOM   630  N ND1 . HIS A 1 78  ? -3.756  -1.128  -7.917  1.00 20.68  ? 136 HIS A ND1 1 
ATOM   631  C CD2 . HIS A 1 78  ? -2.525  0.100   -6.597  1.00 18.03  ? 136 HIS A CD2 1 
ATOM   632  C CE1 . HIS A 1 78  ? -2.509  -1.545  -8.046  1.00 21.17  ? 136 HIS A CE1 1 
ATOM   633  N NE2 . HIS A 1 78  ? -1.742  -0.816  -7.255  1.00 16.68  ? 136 HIS A NE2 1 
ATOM   634  N N   . ASP A 1 79  ? -7.757  2.318   -8.634  1.00 17.66  ? 137 ASP A N   1 
ATOM   635  C CA  . ASP A 1 79  ? -9.164  2.728   -8.596  1.00 18.96  ? 137 ASP A CA  1 
ATOM   636  C C   . ASP A 1 79  ? -10.112 1.574   -8.300  1.00 18.55  ? 137 ASP A C   1 
ATOM   637  O O   . ASP A 1 79  ? -11.200 1.796   -7.775  1.00 19.80  ? 137 ASP A O   1 
ATOM   638  C CB  . ASP A 1 79  ? -9.590  3.380   -9.922  1.00 19.67  ? 137 ASP A CB  1 
ATOM   639  C CG  . ASP A 1 79  ? -9.278  4.867   -9.987  1.00 24.77  ? 137 ASP A CG  1 
ATOM   640  O OD1 . ASP A 1 79  ? -9.093  5.513   -8.932  1.00 25.86  ? 137 ASP A OD1 1 
ATOM   641  O OD2 . ASP A 1 79  ? -9.241  5.399   -11.118 1.00 29.10  ? 137 ASP A OD2 1 
ATOM   642  N N   . LYS A 1 80  ? -9.711  0.351   -8.640  1.00 17.37  ? 138 LYS A N   1 
ATOM   643  C CA  . LYS A 1 80  ? -10.567 -0.814  -8.443  1.00 20.08  ? 138 LYS A CA  1 
ATOM   644  C C   . LYS A 1 80  ? -10.485 -1.400  -7.029  1.00 19.00  ? 138 LYS A C   1 
ATOM   645  O O   . LYS A 1 80  ? -11.145 -2.401  -6.747  1.00 17.87  ? 138 LYS A O   1 
ATOM   646  C CB  . LYS A 1 80  ? -10.253 -1.890  -9.492  1.00 21.71  ? 138 LYS A CB  1 
ATOM   647  C CG  . LYS A 1 80  ? -10.619 -1.482  -10.912 1.00 23.96  ? 138 LYS A CG  1 
ATOM   648  C CD  . LYS A 1 80  ? -10.234 -2.559  -11.924 1.00 24.16  ? 138 LYS A CD  1 
ATOM   649  C CE  . LYS A 1 80  ? -10.669 -2.174  -13.335 1.00 26.05  ? 138 LYS A CE  1 
ATOM   650  N NZ  . LYS A 1 80  ? -10.114 -3.091  -14.376 1.00 28.32  ? 138 LYS A NZ  1 
ATOM   651  N N   . ASP A 1 81  ? -9.695  -0.795  -6.139  1.00 17.30  ? 139 ASP A N   1 
ATOM   652  C CA  . ASP A 1 81  ? -9.649  -1.258  -4.753  1.00 18.88  ? 139 ASP A CA  1 
ATOM   653  C C   . ASP A 1 81  ? -11.052 -1.268  -4.173  1.00 18.96  ? 139 ASP A C   1 
ATOM   654  O O   . ASP A 1 81  ? -11.819 -0.327  -4.365  1.00 18.89  ? 139 ASP A O   1 
ATOM   655  C CB  . ASP A 1 81  ? -8.730  -0.392  -3.886  1.00 16.58  ? 139 ASP A CB  1 
ATOM   656  C CG  . ASP A 1 81  ? -7.286  -0.817  -3.968  1.00 18.08  ? 139 ASP A CG  1 
ATOM   657  O OD1 . ASP A 1 81  ? -6.997  -1.875  -4.575  1.00 16.92  ? 139 ASP A OD1 1 
ATOM   658  O OD2 . ASP A 1 81  ? -6.436  -0.095  -3.418  1.00 13.28  ? 139 ASP A OD2 1 
ATOM   659  N N   . ASN A 1 82  ? -11.370 -2.343  -3.466  1.00 19.15  ? 140 ASN A N   1 
ATOM   660  C CA  . ASN A 1 82  ? -12.727 -2.610  -3.042  1.00 19.88  ? 140 ASN A CA  1 
ATOM   661  C C   . ASN A 1 82  ? -12.678 -3.276  -1.667  1.00 18.91  ? 140 ASN A C   1 
ATOM   662  O O   . ASN A 1 82  ? -12.010 -4.296  -1.498  1.00 20.24  ? 140 ASN A O   1 
ATOM   663  C CB  . ASN A 1 82  ? -13.397 -3.479  -4.115  1.00 20.10  ? 140 ASN A CB  1 
ATOM   664  C CG  . ASN A 1 82  ? -14.723 -4.032  -3.688  1.00 21.76  ? 140 ASN A CG  1 
ATOM   665  O OD1 . ASN A 1 82  ? -14.779 -4.974  -2.908  1.00 24.13  ? 140 ASN A OD1 1 
ATOM   666  N ND2 . ASN A 1 82  ? -15.805 -3.483  -4.234  1.00 24.35  ? 140 ASN A ND2 1 
ATOM   667  N N   . VAL A 1 83  ? -13.345 -2.669  -0.686  1.00 17.71  ? 141 VAL A N   1 
ATOM   668  C CA  . VAL A 1 83  ? -13.292 -3.132  0.704   1.00 18.64  ? 141 VAL A CA  1 
ATOM   669  C C   . VAL A 1 83  ? -13.848 -4.549  0.863   1.00 17.58  ? 141 VAL A C   1 
ATOM   670  O O   . VAL A 1 83  ? -13.340 -5.331  1.668   1.00 17.17  ? 141 VAL A O   1 
ATOM   671  C CB  . VAL A 1 83  ? -14.035 -2.160  1.669   1.00 19.90  ? 141 VAL A CB  1 
ATOM   672  C CG1 . VAL A 1 83  ? -15.541 -2.183  1.429   1.00 21.33  ? 141 VAL A CG1 1 
ATOM   673  C CG2 . VAL A 1 83  ? -13.724 -2.510  3.121   1.00 19.13  ? 141 VAL A CG2 1 
ATOM   674  N N   . GLU A 1 84  ? -14.861 -4.891  0.069   1.00 17.21  ? 142 GLU A N   1 
ATOM   675  C CA  A GLU A 1 84  ? -15.495 -6.202  0.177   0.50 17.96  ? 142 GLU A CA  1 
ATOM   676  C CA  B GLU A 1 84  ? -15.497 -6.203  0.166   0.50 18.15  ? 142 GLU A CA  1 
ATOM   677  C C   . GLU A 1 84  ? -14.515 -7.310  -0.208  1.00 17.68  ? 142 GLU A C   1 
ATOM   678  O O   . GLU A 1 84  ? -14.507 -8.370  0.401   1.00 15.94  ? 142 GLU A O   1 
ATOM   679  C CB  A GLU A 1 84  ? -16.763 -6.272  -0.679  0.50 19.11  ? 142 GLU A CB  1 
ATOM   680  C CB  B GLU A 1 84  ? -16.755 -6.280  -0.710  0.50 19.57  ? 142 GLU A CB  1 
ATOM   681  C CG  A GLU A 1 84  ? -17.849 -5.258  -0.286  0.50 21.43  ? 142 GLU A CG  1 
ATOM   682  C CG  B GLU A 1 84  ? -17.955 -5.491  -0.169  0.50 22.89  ? 142 GLU A CG  1 
ATOM   683  C CD  A GLU A 1 84  ? -18.649 -5.652  0.952   0.50 23.54  ? 142 GLU A CD  1 
ATOM   684  C CD  B GLU A 1 84  ? -17.843 -3.985  -0.362  0.50 24.93  ? 142 GLU A CD  1 
ATOM   685  O OE1 A GLU A 1 84  ? -18.299 -6.645  1.626   0.50 23.54  ? 142 GLU A OE1 1 
ATOM   686  O OE1 B GLU A 1 84  ? -16.883 -3.528  -1.019  0.50 26.16  ? 142 GLU A OE1 1 
ATOM   687  O OE2 A GLU A 1 84  ? -19.649 -4.960  1.243   0.50 24.06  ? 142 GLU A OE2 1 
ATOM   688  O OE2 B GLU A 1 84  ? -18.723 -3.255  0.143   0.50 28.11  ? 142 GLU A OE2 1 
ATOM   689  N N   . GLU A 1 85  ? -13.676 -7.055  -1.208  1.00 16.97  ? 143 GLU A N   1 
ATOM   690  C CA  . GLU A 1 85  ? -12.667 -8.035  -1.613  1.00 19.10  ? 143 GLU A CA  1 
ATOM   691  C C   . GLU A 1 85  ? -11.606 -8.239  -0.515  1.00 18.40  ? 143 GLU A C   1 
ATOM   692  O O   . GLU A 1 85  ? -11.147 -9.366  -0.292  1.00 15.79  ? 143 GLU A O   1 
ATOM   693  C CB  . GLU A 1 85  ? -12.040 -7.640  -2.956  1.00 20.26  ? 143 GLU A CB  1 
ATOM   694  C CG  . GLU A 1 85  ? -13.042 -7.723  -4.116  1.00 23.12  ? 143 GLU A CG  1 
ATOM   695  C CD  . GLU A 1 85  ? -12.523 -7.124  -5.414  1.00 24.11  ? 143 GLU A CD  1 
ATOM   696  O OE1 . GLU A 1 85  ? -11.290 -7.054  -5.597  1.00 27.45  ? 143 GLU A OE1 1 
ATOM   697  O OE2 . GLU A 1 85  ? -13.356 -6.727  -6.260  1.00 29.57  ? 143 GLU A OE2 1 
ATOM   698  N N   . LEU A 1 86  ? -11.252 -7.167  0.192   1.00 17.35  ? 144 LEU A N   1 
ATOM   699  C CA  . LEU A 1 86  ? -10.307 -7.270  1.304   1.00 16.84  ? 144 LEU A CA  1 
ATOM   700  C C   . LEU A 1 86  ? -10.929 -8.042  2.471   1.00 15.75  ? 144 LEU A C   1 
ATOM   701  O O   . LEU A 1 86  ? -10.280 -8.887  3.076   1.00 15.70  ? 144 LEU A O   1 
ATOM   702  C CB  . LEU A 1 86  ? -9.846  -5.883  1.770   1.00 16.51  ? 144 LEU A CB  1 
ATOM   703  C CG  . LEU A 1 86  ? -9.333  -4.928  0.681   1.00 18.26  ? 144 LEU A CG  1 
ATOM   704  C CD1 . LEU A 1 86  ? -8.745  -3.667  1.297   1.00 19.72  ? 144 LEU A CD1 1 
ATOM   705  C CD2 . LEU A 1 86  ? -8.319  -5.609  -0.238  1.00 18.75  ? 144 LEU A CD2 1 
ATOM   706  N N   . ILE A 1 87  ? -12.194 -7.757  2.773   1.00 14.03  ? 145 ILE A N   1 
ATOM   707  C CA  . ILE A 1 87  ? -12.901 -8.442  3.853   1.00 14.85  ? 145 ILE A CA  1 
ATOM   708  C C   . ILE A 1 87  ? -13.028 -9.933  3.555   1.00 13.89  ? 145 ILE A C   1 
ATOM   709  O O   . ILE A 1 87  ? -12.754 -10.765 4.416   1.00 15.76  ? 145 ILE A O   1 
ATOM   710  C CB  . ILE A 1 87  ? -14.304 -7.845  4.085   1.00 15.07  ? 145 ILE A CB  1 
ATOM   711  C CG1 . ILE A 1 87  ? -14.192 -6.406  4.599   1.00 14.11  ? 145 ILE A CG1 1 
ATOM   712  C CG2 . ILE A 1 87  ? -15.083 -8.688  5.084   1.00 15.43  ? 145 ILE A CG2 1 
ATOM   713  C CD1 . ILE A 1 87  ? -15.461 -5.599  4.424   1.00 16.80  ? 145 ILE A CD1 1 
ATOM   714  N N   . LYS A 1 88  ? -13.425 -10.263 2.326   1.00 15.03  ? 146 LYS A N   1 
ATOM   715  C CA  . LYS A 1 88  ? -13.562 -11.655 1.902   1.00 15.17  ? 146 LYS A CA  1 
ATOM   716  C C   . LYS A 1 88  ? -12.237 -12.416 1.957   1.00 15.95  ? 146 LYS A C   1 
ATOM   717  O O   . LYS A 1 88  ? -12.221 -13.627 2.172   1.00 14.39  ? 146 LYS A O   1 
ATOM   718  C CB  . LYS A 1 88  ? -14.162 -11.728 0.493   1.00 16.33  ? 146 LYS A CB  1 
ATOM   719  C CG  . LYS A 1 88  ? -15.640 -11.367 0.463   1.00 19.05  ? 146 LYS A CG  1 
ATOM   720  C CD  . LYS A 1 88  ? -16.140 -11.062 -0.943  1.00 18.56  ? 146 LYS A CD  1 
ATOM   721  C CE  . LYS A 1 88  ? -17.573 -10.547 -0.895  1.00 20.16  ? 146 LYS A CE  1 
ATOM   722  N NZ  . LYS A 1 88  ? -18.086 -10.101 -2.222  1.00 20.00  ? 146 LYS A NZ  1 
ATOM   723  N N   . MET A 1 89  ? -11.126 -11.705 1.774   1.00 14.92  ? 147 MET A N   1 
ATOM   724  C CA  . MET A 1 89  ? -9.818  -12.329 1.905   1.00 15.50  ? 147 MET A CA  1 
ATOM   725  C C   . MET A 1 89  ? -9.614  -12.828 3.340   1.00 14.46  ? 147 MET A C   1 
ATOM   726  O O   . MET A 1 89  ? -9.281  -13.998 3.552   1.00 14.19  ? 147 MET A O   1 
ATOM   727  C CB  . MET A 1 89  ? -8.726  -11.354 1.465   1.00 15.87  ? 147 MET A CB  1 
ATOM   728  C CG  . MET A 1 89  ? -7.339  -11.951 1.409   1.00 16.81  ? 147 MET A CG  1 
ATOM   729  S SD  . MET A 1 89  ? -6.578  -12.083 3.029   1.00 17.03  ? 147 MET A SD  1 
ATOM   730  C CE  . MET A 1 89  ? -6.475  -10.359 3.500   1.00 19.02  ? 147 MET A CE  1 
ATOM   731  N N   . PHE A 1 90  ? -9.838  -11.957 4.326   1.00 13.67  ? 148 PHE A N   1 
ATOM   732  C CA  . PHE A 1 90  ? -9.759  -12.360 5.733   1.00 14.53  ? 148 PHE A CA  1 
ATOM   733  C C   . PHE A 1 90  ? -10.845 -13.361 6.112   1.00 13.13  ? 148 PHE A C   1 
ATOM   734  O O   . PHE A 1 90  ? -10.602 -14.279 6.892   1.00 12.45  ? 148 PHE A O   1 
ATOM   735  C CB  . PHE A 1 90  ? -9.826  -11.149 6.667   1.00 13.16  ? 148 PHE A CB  1 
ATOM   736  C CG  . PHE A 1 90  ? -8.535  -10.379 6.752   1.00 13.59  ? 148 PHE A CG  1 
ATOM   737  C CD1 . PHE A 1 90  ? -7.397  -10.965 7.295   1.00 13.21  ? 148 PHE A CD1 1 
ATOM   738  C CD2 . PHE A 1 90  ? -8.460  -9.068  6.302   1.00 14.57  ? 148 PHE A CD2 1 
ATOM   739  C CE1 . PHE A 1 90  ? -6.205  -10.260 7.383   1.00 13.34  ? 148 PHE A CE1 1 
ATOM   740  C CE2 . PHE A 1 90  ? -7.272  -8.356  6.390   1.00 13.24  ? 148 PHE A CE2 1 
ATOM   741  C CZ  . PHE A 1 90  ? -6.140  -8.956  6.929   1.00 12.29  ? 148 PHE A CZ  1 
ATOM   742  N N   . ALA A 1 91  ? -12.038 -13.198 5.545   1.00 14.68  ? 149 ALA A N   1 
ATOM   743  C CA  . ALA A 1 91  ? -13.157 -14.095 5.849   1.00 15.61  ? 149 ALA A CA  1 
ATOM   744  C C   . ALA A 1 91  ? -12.821 -15.549 5.518   1.00 15.31  ? 149 ALA A C   1 
ATOM   745  O O   . ALA A 1 91  ? -13.258 -16.472 6.210   1.00 14.10  ? 149 ALA A O   1 
ATOM   746  C CB  . ALA A 1 91  ? -14.412 -13.650 5.109   1.00 14.90  ? 149 ALA A CB  1 
ATOM   747  N N   . HIS A 1 92  ? -12.028 -15.742 4.469   1.00 15.83  ? 150 HIS A N   1 
ATOM   748  C CA  . HIS A 1 92  ? -11.512 -17.057 4.105   1.00 17.65  ? 150 HIS A CA  1 
ATOM   749  C C   . HIS A 1 92  ? -10.843 -17.785 5.280   1.00 17.25  ? 150 HIS A C   1 
ATOM   750  O O   . HIS A 1 92  ? -10.950 -19.005 5.389   1.00 16.79  ? 150 HIS A O   1 
ATOM   751  C CB  . HIS A 1 92  ? -10.529 -16.913 2.935   1.00 19.18  ? 150 HIS A CB  1 
ATOM   752  C CG  . HIS A 1 92  ? -9.689  -18.125 2.698   1.00 18.14  ? 150 HIS A CG  1 
ATOM   753  N ND1 . HIS A 1 92  ? -8.600  -18.427 3.482   1.00 23.02  ? 150 HIS A ND1 1 
ATOM   754  C CD2 . HIS A 1 92  ? -9.771  -19.108 1.771   1.00 21.50  ? 150 HIS A CD2 1 
ATOM   755  C CE1 . HIS A 1 92  ? -8.056  -19.552 3.060   1.00 20.89  ? 150 HIS A CE1 1 
ATOM   756  N NE2 . HIS A 1 92  ? -8.743  -19.984 2.019   1.00 21.89  ? 150 HIS A NE2 1 
ATOM   757  N N   . PHE A 1 93  ? -10.156 -17.038 6.147   1.00 16.98  ? 151 PHE A N   1 
ATOM   758  C CA  . PHE A 1 93  ? -9.449  -17.614 7.299   1.00 18.96  ? 151 PHE A CA  1 
ATOM   759  C C   . PHE A 1 93  ? -10.323 -17.689 8.553   1.00 19.81  ? 151 PHE A C   1 
ATOM   760  O O   . PHE A 1 93  ? -9.917  -18.281 9.552   1.00 23.60  ? 151 PHE A O   1 
ATOM   761  C CB  . PHE A 1 93  ? -8.204  -16.789 7.638   1.00 17.93  ? 151 PHE A CB  1 
ATOM   762  C CG  . PHE A 1 93  ? -7.166  -16.771 6.559   1.00 17.92  ? 151 PHE A CG  1 
ATOM   763  C CD1 . PHE A 1 93  ? -6.250  -17.810 6.444   1.00 17.05  ? 151 PHE A CD1 1 
ATOM   764  C CD2 . PHE A 1 93  ? -7.092  -15.711 5.665   1.00 17.78  ? 151 PHE A CD2 1 
ATOM   765  C CE1 . PHE A 1 93  ? -5.279  -17.796 5.451   1.00 18.57  ? 151 PHE A CE1 1 
ATOM   766  C CE2 . PHE A 1 93  ? -6.129  -15.691 4.668   1.00 19.08  ? 151 PHE A CE2 1 
ATOM   767  C CZ  . PHE A 1 93  ? -5.217  -16.734 4.565   1.00 19.26  ? 151 PHE A CZ  1 
ATOM   768  N N   . ASP A 1 94  ? -11.505 -17.075 8.511   1.00 20.73  ? 152 ASP A N   1 
ATOM   769  C CA  . ASP A 1 94  ? -12.425 -17.065 9.652   1.00 22.12  ? 152 ASP A CA  1 
ATOM   770  C C   . ASP A 1 94  ? -13.126 -18.419 9.713   1.00 23.08  ? 152 ASP A C   1 
ATOM   771  O O   . ASP A 1 94  ? -14.299 -18.546 9.357   1.00 21.20  ? 152 ASP A O   1 
ATOM   772  C CB  . ASP A 1 94  ? -13.427 -15.913 9.502   1.00 21.60  ? 152 ASP A CB  1 
ATOM   773  C CG  . ASP A 1 94  ? -14.242 -15.651 10.764  1.00 20.51  ? 152 ASP A CG  1 
ATOM   774  O OD1 . ASP A 1 94  ? -14.102 -16.376 11.775  1.00 19.14  ? 152 ASP A OD1 1 
ATOM   775  O OD2 . ASP A 1 94  ? -15.048 -14.702 10.740  1.00 19.41  ? 152 ASP A OD2 1 
ATOM   776  N N   . ASN A 1 95  ? -12.387 -19.421 10.186  1.00 25.45  ? 153 ASN A N   1 
ATOM   777  C CA  A ASN A 1 95  ? -12.845 -20.808 10.168  0.50 25.80  ? 153 ASN A CA  1 
ATOM   778  C CA  B ASN A 1 95  ? -12.858 -20.806 10.155  0.50 26.51  ? 153 ASN A CA  1 
ATOM   779  C C   . ASN A 1 95  ? -14.126 -21.016 10.982  1.00 27.27  ? 153 ASN A C   1 
ATOM   780  O O   . ASN A 1 95  ? -14.983 -21.812 10.610  1.00 28.79  ? 153 ASN A O   1 
ATOM   781  C CB  A ASN A 1 95  ? -11.732 -21.737 10.682  0.50 25.26  ? 153 ASN A CB  1 
ATOM   782  C CB  B ASN A 1 95  ? -11.751 -21.780 10.596  0.50 27.32  ? 153 ASN A CB  1 
ATOM   783  C CG  A ASN A 1 95  ? -11.838 -23.148 10.131  0.50 24.51  ? 153 ASN A CG  1 
ATOM   784  C CG  B ASN A 1 95  ? -11.473 -21.726 12.088  0.50 29.17  ? 153 ASN A CG  1 
ATOM   785  O OD1 A ASN A 1 95  ? -12.236 -23.352 8.983   0.50 23.14  ? 153 ASN A OD1 1 
ATOM   786  O OD1 B ASN A 1 95  ? -11.385 -20.651 12.680  0.50 33.89  ? 153 ASN A OD1 1 
ATOM   787  N ND2 A ASN A 1 95  ? -11.459 -24.129 10.943  0.50 21.81  ? 153 ASN A ND2 1 
ATOM   788  N ND2 B ASN A 1 95  ? -11.331 -22.896 12.704  0.50 31.76  ? 153 ASN A ND2 1 
ATOM   789  N N   . ASN A 1 96  ? -14.247 -20.291 12.090  1.00 27.75  ? 154 ASN A N   1 
ATOM   790  C CA  . ASN A 1 96  ? -15.421 -20.398 12.968  1.00 28.27  ? 154 ASN A CA  1 
ATOM   791  C C   . ASN A 1 96  ? -16.523 -19.363 12.665  1.00 29.02  ? 154 ASN A C   1 
ATOM   792  O O   . ASN A 1 96  ? -17.549 -19.329 13.349  1.00 29.34  ? 154 ASN A O   1 
ATOM   793  C CB  . ASN A 1 96  ? -15.001 -20.342 14.451  1.00 29.07  ? 154 ASN A CB  1 
ATOM   794  C CG  . ASN A 1 96  ? -14.081 -19.169 14.769  1.00 31.00  ? 154 ASN A CG  1 
ATOM   795  O OD1 . ASN A 1 96  ? -13.674 -18.425 13.878  1.00 34.02  ? 154 ASN A OD1 1 
ATOM   796  N ND2 . ASN A 1 96  ? -13.742 -19.009 16.043  1.00 31.05  ? 154 ASN A ND2 1 
ATOM   797  N N   . CYS A 1 97  ? -16.309 -18.534 11.641  1.00 27.46  ? 155 CYS A N   1 
ATOM   798  C CA  . CYS A 1 97  ? -17.325 -17.593 11.151  1.00 26.32  ? 155 CYS A CA  1 
ATOM   799  C C   . CYS A 1 97  ? -17.825 -16.624 12.227  1.00 24.44  ? 155 CYS A C   1 
ATOM   800  O O   . CYS A 1 97  ? -19.022 -16.349 12.326  1.00 25.56  ? 155 CYS A O   1 
ATOM   801  C CB  . CYS A 1 97  ? -18.499 -18.363 10.539  1.00 28.22  ? 155 CYS A CB  1 
ATOM   802  S SG  . CYS A 1 97  ? -17.977 -19.672 9.418   1.00 34.27  ? 155 CYS A SG  1 
ATOM   803  N N   . THR A 1 98  ? -16.896 -16.100 13.021  1.00 21.65  ? 156 THR A N   1 
ATOM   804  C CA  . THR A 1 98  ? -17.220 -15.198 14.130  1.00 21.02  ? 156 THR A CA  1 
ATOM   805  C C   . THR A 1 98  ? -17.161 -13.720 13.760  1.00 20.34  ? 156 THR A C   1 
ATOM   806  O O   . THR A 1 98  ? -17.697 -12.879 14.480  1.00 18.58  ? 156 THR A O   1 
ATOM   807  C CB  . THR A 1 98  ? -16.246 -15.413 15.295  1.00 21.19  ? 156 THR A CB  1 
ATOM   808  O OG1 . THR A 1 98  ? -14.907 -15.146 14.856  1.00 18.32  ? 156 THR A OG1 1 
ATOM   809  C CG2 . THR A 1 98  ? -16.332 -16.841 15.796  1.00 19.31  ? 156 THR A CG2 1 
ATOM   810  N N   . GLY A 1 99  ? -16.500 -13.406 12.647  1.00 18.35  ? 157 GLY A N   1 
ATOM   811  C CA  . GLY A 1 99  ? -16.223 -12.021 12.278  1.00 18.70  ? 157 GLY A CA  1 
ATOM   812  C C   . GLY A 1 99  ? -14.977 -11.461 12.947  1.00 18.12  ? 157 GLY A C   1 
ATOM   813  O O   . GLY A 1 99  ? -14.662 -10.281 12.779  1.00 18.59  ? 157 GLY A O   1 
ATOM   814  N N   . TYR A 1 100 ? -14.267 -12.306 13.699  1.00 17.99  ? 158 TYR A N   1 
ATOM   815  C CA  . TYR A 1 100 ? -13.025 -11.915 14.362  1.00 17.35  ? 158 TYR A CA  1 
ATOM   816  C C   . TYR A 1 100 ? -11.881 -12.830 13.972  1.00 17.79  ? 158 TYR A C   1 
ATOM   817  O O   . TYR A 1 100 ? -12.077 -14.017 13.713  1.00 16.48  ? 158 TYR A O   1 
ATOM   818  C CB  . TYR A 1 100 ? -13.161 -11.977 15.879  1.00 18.60  ? 158 TYR A CB  1 
ATOM   819  C CG  . TYR A 1 100 ? -14.258 -11.115 16.445  1.00 18.08  ? 158 TYR A CG  1 
ATOM   820  C CD1 . TYR A 1 100 ? -14.111 -9.733  16.530  1.00 18.48  ? 158 TYR A CD1 1 
ATOM   821  C CD2 . TYR A 1 100 ? -15.441 -11.680 16.894  1.00 19.14  ? 158 TYR A CD2 1 
ATOM   822  C CE1 . TYR A 1 100 ? -15.119 -8.936  17.056  1.00 18.70  ? 158 TYR A CE1 1 
ATOM   823  C CE2 . TYR A 1 100 ? -16.454 -10.896 17.422  1.00 21.22  ? 158 TYR A CE2 1 
ATOM   824  C CZ  . TYR A 1 100 ? -16.286 -9.525  17.500  1.00 20.76  ? 158 TYR A CZ  1 
ATOM   825  O OH  . TYR A 1 100 ? -17.296 -8.749  18.018  1.00 22.15  ? 158 TYR A OH  1 
ATOM   826  N N   . LEU A 1 101 ? -10.686 -12.256 13.936  1.00 16.76  ? 159 LEU A N   1 
ATOM   827  C CA  . LEU A 1 101 ? -9.450  -13.026 13.908  1.00 16.96  ? 159 LEU A CA  1 
ATOM   828  C C   . LEU A 1 101 ? -8.594  -12.448 15.025  1.00 16.94  ? 159 LEU A C   1 
ATOM   829  O O   . LEU A 1 101 ? -8.635  -11.237 15.275  1.00 17.35  ? 159 LEU A O   1 
ATOM   830  C CB  . LEU A 1 101 ? -8.749  -12.896 12.553  1.00 15.68  ? 159 LEU A CB  1 
ATOM   831  C CG  . LEU A 1 101 ? -9.457  -13.530 11.348  1.00 17.34  ? 159 LEU A CG  1 
ATOM   832  C CD1 . LEU A 1 101 ? -8.889  -13.021 10.026  1.00 18.34  ? 159 LEU A CD1 1 
ATOM   833  C CD2 . LEU A 1 101 ? -9.373  -15.056 11.410  1.00 17.32  ? 159 LEU A CD2 1 
ATOM   834  N N   . THR A 1 102 ? -7.848  -13.303 15.719  1.00 17.25  ? 160 THR A N   1 
ATOM   835  C CA  . THR A 1 102 ? -6.936  -12.833 16.757  1.00 16.73  ? 160 THR A CA  1 
ATOM   836  C C   . THR A 1 102 ? -5.787  -12.060 16.128  1.00 16.20  ? 160 THR A C   1 
ATOM   837  O O   . THR A 1 102 ? -5.547  -12.158 14.922  1.00 13.29  ? 160 THR A O   1 
ATOM   838  C CB  . THR A 1 102 ? -6.340  -13.987 17.588  1.00 17.49  ? 160 THR A CB  1 
ATOM   839  O OG1 . THR A 1 102 ? -5.524  -14.821 16.751  1.00 16.40  ? 160 THR A OG1 1 
ATOM   840  C CG2 . THR A 1 102 ? -7.449  -14.811 18.233  1.00 19.50  ? 160 THR A CG2 1 
ATOM   841  N N   . LYS A 1 103 ? -5.067  -11.299 16.951  1.00 16.63  ? 161 LYS A N   1 
ATOM   842  C CA  . LYS A 1 103 ? -3.884  -10.583 16.475  1.00 17.30  ? 161 LYS A CA  1 
ATOM   843  C C   . LYS A 1 103 ? -2.848  -11.551 15.916  1.00 16.07  ? 161 LYS A C   1 
ATOM   844  O O   . LYS A 1 103 ? -2.227  -11.272 14.895  1.00 18.19  ? 161 LYS A O   1 
ATOM   845  C CB  . LYS A 1 103 ? -3.263  -9.726  17.584  1.00 17.25  ? 161 LYS A CB  1 
ATOM   846  C CG  . LYS A 1 103 ? -3.998  -8.420  17.802  1.00 17.70  ? 161 LYS A CG  1 
ATOM   847  C CD  . LYS A 1 103 ? -3.336  -7.567  18.876  1.00 18.54  ? 161 LYS A CD  1 
ATOM   848  C CE  . LYS A 1 103 ? -3.995  -6.194  18.969  1.00 18.87  ? 161 LYS A CE  1 
ATOM   849  N NZ  . LYS A 1 103 ? -3.634  -5.457  20.220  1.00 17.55  ? 161 LYS A NZ  1 
ATOM   850  N N   . SER A 1 104 ? -2.670  -12.690 16.581  1.00 16.25  ? 162 SER A N   1 
ATOM   851  C CA  . SER A 1 104 ? -1.695  -13.678 16.137  1.00 16.81  ? 162 SER A CA  1 
ATOM   852  C C   . SER A 1 104 ? -2.100  -14.289 14.789  1.00 15.35  ? 162 SER A C   1 
ATOM   853  O O   . SER A 1 104 ? -1.257  -14.511 13.921  1.00 14.38  ? 162 SER A O   1 
ATOM   854  C CB  . SER A 1 104 ? -1.517  -14.768 17.199  1.00 18.62  ? 162 SER A CB  1 
ATOM   855  O OG  . SER A 1 104 ? -0.461  -15.646 16.842  1.00 23.12  ? 162 SER A OG  1 
ATOM   856  N N   . GLN A 1 105 ? -3.393  -14.543 14.616  1.00 13.76  ? 163 GLN A N   1 
ATOM   857  C CA  . GLN A 1 105 ? -3.913  -15.073 13.357  1.00 13.92  ? 163 GLN A CA  1 
ATOM   858  C C   . GLN A 1 105 ? -3.674  -14.090 12.215  1.00 14.98  ? 163 GLN A C   1 
ATOM   859  O O   . GLN A 1 105 ? -3.174  -14.461 11.150  1.00 14.37  ? 163 GLN A O   1 
ATOM   860  C CB  . GLN A 1 105 ? -5.409  -15.385 13.483  1.00 14.50  ? 163 GLN A CB  1 
ATOM   861  C CG  . GLN A 1 105 ? -5.712  -16.700 14.194  1.00 13.59  ? 163 GLN A CG  1 
ATOM   862  C CD  . GLN A 1 105 ? -7.191  -16.894 14.483  1.00 12.07  ? 163 GLN A CD  1 
ATOM   863  O OE1 . GLN A 1 105 ? -7.947  -15.929 14.600  1.00 14.54  ? 163 GLN A OE1 1 
ATOM   864  N NE2 . GLN A 1 105 ? -7.610  -18.149 14.614  1.00 13.78  ? 163 GLN A NE2 1 
ATOM   865  N N   . MET A 1 106 ? -4.013  -12.831 12.461  1.00 14.29  ? 164 MET A N   1 
ATOM   866  C CA  A MET A 1 106 ? -3.819  -11.749 11.494  0.50 13.37  ? 164 MET A CA  1 
ATOM   867  C CA  B MET A 1 106 ? -3.822  -11.808 11.446  0.50 14.09  ? 164 MET A CA  1 
ATOM   868  C C   . MET A 1 106 ? -2.339  -11.578 11.164  1.00 13.35  ? 164 MET A C   1 
ATOM   869  O O   . MET A 1 106 ? -1.964  -11.367 10.011  1.00 14.18  ? 164 MET A O   1 
ATOM   870  C CB  A MET A 1 106 ? -4.357  -10.432 12.061  0.50 13.26  ? 164 MET A CB  1 
ATOM   871  C CB  B MET A 1 106 ? -4.536  -10.521 11.839  0.50 14.36  ? 164 MET A CB  1 
ATOM   872  C CG  A MET A 1 106 ? -5.871  -10.384 12.262  0.50 12.40  ? 164 MET A CG  1 
ATOM   873  C CG  B MET A 1 106 ? -6.042  -10.690 11.808  0.50 15.49  ? 164 MET A CG  1 
ATOM   874  S SD  A MET A 1 106 ? -6.797  -10.206 10.726  0.50 12.69  ? 164 MET A SD  1 
ATOM   875  S SD  B MET A 1 106 ? -6.968  -9.186  12.109  0.50 16.27  ? 164 MET A SD  1 
ATOM   876  C CE  A MET A 1 106 ? -6.392  -8.522  10.265  0.50 14.68  ? 164 MET A CE  1 
ATOM   877  C CE  B MET A 1 106 ? -6.640  -8.260  10.611  0.50 16.72  ? 164 MET A CE  1 
ATOM   878  N N   . LYS A 1 107 ? -1.501  -11.645 12.198  1.00 13.41  ? 165 LYS A N   1 
ATOM   879  C CA  . LYS A 1 107 ? -0.057  -11.536 12.020  1.00 14.67  ? 165 LYS A CA  1 
ATOM   880  C C   . LYS A 1 107 ? 0.440   -12.657 11.123  1.00 13.90  ? 165 LYS A C   1 
ATOM   881  O O   . LYS A 1 107 ? 1.231   -12.419 10.223  1.00 14.35  ? 165 LYS A O   1 
ATOM   882  C CB  . LYS A 1 107 ? 0.683   -11.577 13.358  1.00 14.39  ? 165 LYS A CB  1 
ATOM   883  C CG  . LYS A 1 107 ? 2.208   -11.461 13.241  1.00 17.20  ? 165 LYS A CG  1 
ATOM   884  C CD  . LYS A 1 107 ? 2.911   -11.735 14.562  1.00 20.89  ? 165 LYS A CD  1 
ATOM   885  C CE  . LYS A 1 107 ? 2.930   -13.219 14.898  1.00 25.10  ? 165 LYS A CE  1 
ATOM   886  N NZ  . LYS A 1 107 ? 3.653   -14.030 13.877  1.00 30.35  ? 165 LYS A NZ  1 
ATOM   887  N N   . ASN A 1 108 ? -0.030  -13.879 11.360  1.00 13.32  ? 166 ASN A N   1 
ATOM   888  C CA  . ASN A 1 108 ? 0.413   -15.013 10.555  1.00 14.41  ? 166 ASN A CA  1 
ATOM   889  C C   . ASN A 1 108 ? 0.049   -14.844 9.084   1.00 13.85  ? 166 ASN A C   1 
ATOM   890  O O   . ASN A 1 108 ? 0.879   -15.054 8.208   1.00 14.50  ? 166 ASN A O   1 
ATOM   891  C CB  . ASN A 1 108 ? -0.122  -16.333 11.132  1.00 15.55  ? 166 ASN A CB  1 
ATOM   892  C CG  . ASN A 1 108 ? 0.672   -16.796 12.343  1.00 18.82  ? 166 ASN A CG  1 
ATOM   893  O OD1 . ASN A 1 108 ? 1.823   -16.394 12.540  1.00 22.88  ? 166 ASN A OD1 1 
ATOM   894  N ND2 . ASN A 1 108 ? 0.072   -17.669 13.149  1.00 22.03  ? 166 ASN A ND2 1 
ATOM   895  N N   . ILE A 1 109 ? -1.175  -14.400 8.822   1.00 12.67  ? 167 ILE A N   1 
ATOM   896  C CA  . ILE A 1 109 ? -1.616  -14.146 7.454   1.00 13.15  ? 167 ILE A CA  1 
ATOM   897  C C   . ILE A 1 109 ? -0.736  -13.090 6.782   1.00 12.92  ? 167 ILE A C   1 
ATOM   898  O O   . ILE A 1 109 ? -0.230  -13.298 5.678   1.00 13.70  ? 167 ILE A O   1 
ATOM   899  C CB  . ILE A 1 109 ? -3.093  -13.689 7.430   1.00 11.92  ? 167 ILE A CB  1 
ATOM   900  C CG1 . ILE A 1 109 ? -4.010  -14.843 7.857   1.00 16.07  ? 167 ILE A CG1 1 
ATOM   901  C CG2 . ILE A 1 109 ? -3.477  -13.187 6.045   1.00 10.38  ? 167 ILE A CG2 1 
ATOM   902  C CD1 . ILE A 1 109 ? -5.344  -14.379 8.469   1.00 14.93  ? 167 ILE A CD1 1 
ATOM   903  N N   . LEU A 1 110 ? -0.548  -11.972 7.474   1.00 12.62  ? 168 LEU A N   1 
ATOM   904  C CA  . LEU A 1 110 ? 0.142   -10.809 6.928   1.00 12.03  ? 168 LEU A CA  1 
ATOM   905  C C   . LEU A 1 110 ? 1.648   -11.035 6.729   1.00 12.05  ? 168 LEU A C   1 
ATOM   906  O O   . LEU A 1 110 ? 2.260   -10.395 5.877   1.00 12.41  ? 168 LEU A O   1 
ATOM   907  C CB  . LEU A 1 110 ? -0.107  -9.593  7.833   1.00 12.59  ? 168 LEU A CB  1 
ATOM   908  C CG  . LEU A 1 110 ? -1.535  -9.021  7.817   1.00 14.16  ? 168 LEU A CG  1 
ATOM   909  C CD1 . LEU A 1 110 ? -1.732  -8.041  8.967   1.00 14.02  ? 168 LEU A CD1 1 
ATOM   910  C CD2 . LEU A 1 110 ? -1.847  -8.332  6.487   1.00 15.60  ? 168 LEU A CD2 1 
ATOM   911  N N   . THR A 1 111 ? 2.233   -11.951 7.502   1.00 12.83  ? 169 THR A N   1 
ATOM   912  C CA  . THR A 1 111 ? 3.679   -12.216 7.446   1.00 13.65  ? 169 THR A CA  1 
ATOM   913  C C   . THR A 1 111 ? 4.079   -13.475 6.660   1.00 14.30  ? 169 THR A C   1 
ATOM   914  O O   . THR A 1 111 ? 5.273   -13.728 6.470   1.00 14.72  ? 169 THR A O   1 
ATOM   915  C CB  . THR A 1 111 ? 4.255   -12.358 8.874   1.00 14.57  ? 169 THR A CB  1 
ATOM   916  O OG1 . THR A 1 111 ? 3.625   -13.462 9.538   1.00 15.58  ? 169 THR A OG1 1 
ATOM   917  C CG2 . THR A 1 111 ? 4.035   -11.094 9.678   1.00 13.74  ? 169 THR A CG2 1 
ATOM   918  N N   . THR A 1 112 ? 3.102   -14.260 6.207   1.00 14.25  ? 170 THR A N   1 
ATOM   919  C CA  . THR A 1 112 ? 3.377   -15.562 5.586   1.00 15.73  ? 170 THR A CA  1 
ATOM   920  C C   . THR A 1 112 ? 3.193   -15.572 4.068   1.00 17.01  ? 170 THR A C   1 
ATOM   921  O O   . THR A 1 112 ? 3.940   -16.247 3.355   1.00 20.97  ? 170 THR A O   1 
ATOM   922  C CB  . THR A 1 112 ? 2.482   -16.656 6.198   1.00 15.76  ? 170 THR A CB  1 
ATOM   923  O OG1 . THR A 1 112 ? 2.690   -16.710 7.613   1.00 16.03  ? 170 THR A OG1 1 
ATOM   924  C CG2 . THR A 1 112 ? 2.783   -18.025 5.587   1.00 17.46  ? 170 THR A CG2 1 
ATOM   925  N N   . TRP A 1 113 ? 2.200   -14.839 3.577   1.00 16.30  ? 171 TRP A N   1 
ATOM   926  C CA  . TRP A 1 113 ? 1.893   -14.829 2.152   1.00 15.97  ? 171 TRP A CA  1 
ATOM   927  C C   . TRP A 1 113 ? 1.937   -13.418 1.575   1.00 15.94  ? 171 TRP A C   1 
ATOM   928  O O   . TRP A 1 113 ? 2.062   -12.440 2.320   1.00 14.91  ? 171 TRP A O   1 
ATOM   929  C CB  . TRP A 1 113 ? 0.522   -15.458 1.935   1.00 16.05  ? 171 TRP A CB  1 
ATOM   930  C CG  . TRP A 1 113 ? 0.482   -16.904 2.348   1.00 16.89  ? 171 TRP A CG  1 
ATOM   931  C CD1 . TRP A 1 113 ? 1.137   -17.944 1.751   1.00 17.23  ? 171 TRP A CD1 1 
ATOM   932  C CD2 . TRP A 1 113 ? -0.249  -17.464 3.438   1.00 15.59  ? 171 TRP A CD2 1 
ATOM   933  N NE1 . TRP A 1 113 ? 0.852   -19.120 2.403   1.00 16.55  ? 171 TRP A NE1 1 
ATOM   934  C CE2 . TRP A 1 113 ? 0.000   -18.854 3.442   1.00 14.88  ? 171 TRP A CE2 1 
ATOM   935  C CE3 . TRP A 1 113 ? -1.097  -16.928 4.412   1.00 16.14  ? 171 TRP A CE3 1 
ATOM   936  C CZ2 . TRP A 1 113 ? -0.565  -19.712 4.383   1.00 16.39  ? 171 TRP A CZ2 1 
ATOM   937  C CZ3 . TRP A 1 113 ? -1.661  -17.786 5.345   1.00 17.15  ? 171 TRP A CZ3 1 
ATOM   938  C CH2 . TRP A 1 113 ? -1.390  -19.161 5.324   1.00 16.51  ? 171 TRP A CH2 1 
ATOM   939  N N   . GLY A 1 114 ? 1.842   -13.327 0.248   1.00 15.61  ? 172 GLY A N   1 
ATOM   940  C CA  . GLY A 1 114 ? 1.816   -12.037 -0.453  1.00 16.67  ? 172 GLY A CA  1 
ATOM   941  C C   . GLY A 1 114 ? 3.102   -11.245 -0.314  1.00 16.27  ? 172 GLY A C   1 
ATOM   942  O O   . GLY A 1 114 ? 4.198   -11.816 -0.323  1.00 16.04  ? 172 GLY A O   1 
ATOM   943  N N   . ASP A 1 115 ? 2.965   -9.928  -0.185  1.00 14.59  ? 173 ASP A N   1 
ATOM   944  C CA  . ASP A 1 115 ? 4.104   -9.039  0.059   1.00 14.76  ? 173 ASP A CA  1 
ATOM   945  C C   . ASP A 1 115 ? 4.325   -8.997  1.560   1.00 13.22  ? 173 ASP A C   1 
ATOM   946  O O   . ASP A 1 115 ? 4.013   -8.007  2.227   1.00 12.48  ? 173 ASP A O   1 
ATOM   947  C CB  . ASP A 1 115 ? 3.825   -7.634  -0.477  1.00 14.54  ? 173 ASP A CB  1 
ATOM   948  C CG  . ASP A 1 115 ? 3.759   -7.583  -1.985  1.00 16.19  ? 173 ASP A CG  1 
ATOM   949  O OD1 . ASP A 1 115 ? 4.271   -8.508  -2.656  1.00 14.54  ? 173 ASP A OD1 1 
ATOM   950  O OD2 . ASP A 1 115 ? 3.207   -6.594  -2.510  1.00 14.08  ? 173 ASP A OD2 1 
ATOM   951  N N   . ALA A 1 116 ? 4.855   -10.093 2.085   1.00 14.71  ? 174 ALA A N   1 
ATOM   952  C CA  . ALA A 1 116 ? 4.863   -10.345 3.516   1.00 15.33  ? 174 ALA A CA  1 
ATOM   953  C C   . ALA A 1 116 ? 5.445   -9.182  4.305   1.00 14.53  ? 174 ALA A C   1 
ATOM   954  O O   . ALA A 1 116 ? 6.497   -8.639  3.960   1.00 14.03  ? 174 ALA A O   1 
ATOM   955  C CB  . ALA A 1 116 ? 5.629   -11.635 3.822   1.00 15.00  ? 174 ALA A CB  1 
ATOM   956  N N   . LEU A 1 117 ? 4.733   -8.793  5.356   1.00 14.50  ? 175 LEU A N   1 
ATOM   957  C CA  . LEU A 1 117 ? 5.232   -7.822  6.315   1.00 14.39  ? 175 LEU A CA  1 
ATOM   958  C C   . LEU A 1 117 ? 6.212   -8.522  7.245   1.00 13.93  ? 175 LEU A C   1 
ATOM   959  O O   . LEU A 1 117 ? 6.181   -9.745  7.372   1.00 16.44  ? 175 LEU A O   1 
ATOM   960  C CB  . LEU A 1 117 ? 4.081   -7.259  7.151   1.00 14.02  ? 175 LEU A CB  1 
ATOM   961  C CG  . LEU A 1 117 ? 2.977   -6.488  6.414   1.00 14.24  ? 175 LEU A CG  1 
ATOM   962  C CD1 . LEU A 1 117 ? 1.900   -6.055  7.395   1.00 15.98  ? 175 LEU A CD1 1 
ATOM   963  C CD2 . LEU A 1 117 ? 3.549   -5.284  5.676   1.00 16.62  ? 175 LEU A CD2 1 
ATOM   964  N N   . THR A 1 118 ? 7.081   -7.753  7.889   1.00 16.47  ? 176 THR A N   1 
ATOM   965  C CA  . THR A 1 118 ? 7.881   -8.286  8.988   1.00 16.37  ? 176 THR A CA  1 
ATOM   966  C C   . THR A 1 118 ? 6.955   -8.478  10.178  1.00 17.18  ? 176 THR A C   1 
ATOM   967  O O   . THR A 1 118 ? 5.893   -7.856  10.251  1.00 15.57  ? 176 THR A O   1 
ATOM   968  C CB  . THR A 1 118 ? 9.048   -7.352  9.390   1.00 16.11  ? 176 THR A CB  1 
ATOM   969  O OG1 . THR A 1 118 ? 8.535   -6.154  9.987   1.00 17.20  ? 176 THR A OG1 1 
ATOM   970  C CG2 . THR A 1 118 ? 9.922   -7.003  8.185   1.00 18.67  ? 176 THR A CG2 1 
ATOM   971  N N   . ASP A 1 119 ? 7.357   -9.339  11.111  1.00 19.38  ? 177 ASP A N   1 
ATOM   972  C CA  . ASP A 1 119 ? 6.571   -9.583  12.320  1.00 19.38  ? 177 ASP A CA  1 
ATOM   973  C C   . ASP A 1 119 ? 6.267   -8.270  13.041  1.00 19.15  ? 177 ASP A C   1 
ATOM   974  O O   . ASP A 1 119 ? 5.122   -8.028  13.424  1.00 17.10  ? 177 ASP A O   1 
ATOM   975  C CB  . ASP A 1 119 ? 7.301   -10.549 13.259  1.00 21.62  ? 177 ASP A CB  1 
ATOM   976  C CG  . ASP A 1 119 ? 7.312   -11.985 12.742  1.00 25.89  ? 177 ASP A CG  1 
ATOM   977  O OD1 . ASP A 1 119 ? 6.574   -12.297 11.784  1.00 28.68  ? 177 ASP A OD1 1 
ATOM   978  O OD2 . ASP A 1 119 ? 8.065   -12.810 13.300  1.00 30.67  ? 177 ASP A OD2 1 
ATOM   979  N N   . GLN A 1 120 ? 7.280   -7.415  13.200  1.00 19.69  ? 178 GLN A N   1 
ATOM   980  C CA  . GLN A 1 120 ? 7.099   -6.159  13.933  1.00 19.50  ? 178 GLN A CA  1 
ATOM   981  C C   . GLN A 1 120 ? 6.142   -5.200  13.216  1.00 18.38  ? 178 GLN A C   1 
ATOM   982  O O   . GLN A 1 120 ? 5.318   -4.553  13.862  1.00 18.83  ? 178 GLN A O   1 
ATOM   983  C CB  . GLN A 1 120 ? 8.441   -5.469  14.205  1.00 21.22  ? 178 GLN A CB  1 
ATOM   984  C CG  . GLN A 1 120 ? 8.373   -4.398  15.296  1.00 23.25  ? 178 GLN A CG  1 
ATOM   985  C CD  . GLN A 1 120 ? 7.971   -4.962  16.653  1.00 27.39  ? 178 GLN A CD  1 
ATOM   986  O OE1 . GLN A 1 120 ? 8.567   -5.923  17.139  1.00 31.10  ? 178 GLN A OE1 1 
ATOM   987  N NE2 . GLN A 1 120 ? 6.954   -4.364  17.267  1.00 30.23  ? 178 GLN A NE2 1 
ATOM   988  N N   . GLU A 1 121 ? 6.259   -5.105  11.893  1.00 17.25  ? 179 GLU A N   1 
ATOM   989  C CA  . GLU A 1 121 ? 5.332   -4.300  11.079  1.00 17.46  ? 179 GLU A CA  1 
ATOM   990  C C   . GLU A 1 121 ? 3.881   -4.743  11.244  1.00 15.72  ? 179 GLU A C   1 
ATOM   991  O O   . GLU A 1 121 ? 2.983   -3.914  11.408  1.00 14.64  ? 179 GLU A O   1 
ATOM   992  C CB  . GLU A 1 121 ? 5.704   -4.385  9.597   1.00 18.13  ? 179 GLU A CB  1 
ATOM   993  C CG  . GLU A 1 121 ? 6.930   -3.571  9.229   1.00 17.78  ? 179 GLU A CG  1 
ATOM   994  C CD  . GLU A 1 121 ? 7.383   -3.778  7.794   1.00 19.59  ? 179 GLU A CD  1 
ATOM   995  O OE1 . GLU A 1 121 ? 7.046   -4.819  7.178   1.00 17.25  ? 179 GLU A OE1 1 
ATOM   996  O OE2 . GLU A 1 121 ? 8.088   -2.882  7.281   1.00 20.07  ? 179 GLU A OE2 1 
ATOM   997  N N   . ALA A 1 122 ? 3.660   -6.052  11.187  1.00 14.89  ? 180 ALA A N   1 
ATOM   998  C CA  . ALA A 1 122 ? 2.322   -6.619  11.342  1.00 15.66  ? 180 ALA A CA  1 
ATOM   999  C C   . ALA A 1 122 ? 1.753   -6.328  12.723  1.00 15.01  ? 180 ALA A C   1 
ATOM   1000 O O   . ALA A 1 122 ? 0.640   -5.831  12.844  1.00 13.48  ? 180 ALA A O   1 
ATOM   1001 C CB  . ALA A 1 122 ? 2.338   -8.127  11.081  1.00 14.27  ? 180 ALA A CB  1 
ATOM   1002 N N   . ILE A 1 123 ? 2.517   -6.627  13.768  1.00 16.95  ? 181 ILE A N   1 
ATOM   1003 C CA  . ILE A 1 123 ? 2.020   -6.416  15.132  1.00 18.28  ? 181 ILE A CA  1 
ATOM   1004 C C   . ILE A 1 123 ? 1.830   -4.927  15.454  1.00 18.19  ? 181 ILE A C   1 
ATOM   1005 O O   . ILE A 1 123 ? 0.865   -4.559  16.122  1.00 18.98  ? 181 ILE A O   1 
ATOM   1006 C CB  . ILE A 1 123 ? 2.907   -7.106  16.195  1.00 21.84  ? 181 ILE A CB  1 
ATOM   1007 C CG1 . ILE A 1 123 ? 2.258   -7.025  17.585  1.00 24.88  ? 181 ILE A CG1 1 
ATOM   1008 C CG2 . ILE A 1 123 ? 4.276   -6.472  16.254  1.00 23.95  ? 181 ILE A CG2 1 
ATOM   1009 C CD1 . ILE A 1 123 ? 0.738   -7.282  17.612  1.00 27.46  ? 181 ILE A CD1 1 
ATOM   1010 N N   . ASP A 1 124 ? 2.723   -4.072  14.960  1.00 16.89  ? 182 ASP A N   1 
ATOM   1011 C CA  . ASP A 1 124 ? 2.572   -2.630  15.169  1.00 17.11  ? 182 ASP A CA  1 
ATOM   1012 C C   . ASP A 1 124 ? 1.299   -2.117  14.490  1.00 16.38  ? 182 ASP A C   1 
ATOM   1013 O O   . ASP A 1 124 ? 0.550   -1.333  15.080  1.00 16.58  ? 182 ASP A O   1 
ATOM   1014 C CB  . ASP A 1 124 ? 3.808   -1.855  14.683  1.00 17.84  ? 182 ASP A CB  1 
ATOM   1015 C CG  . ASP A 1 124 ? 5.034   -2.059  15.573  1.00 19.99  ? 182 ASP A CG  1 
ATOM   1016 O OD1 . ASP A 1 124 ? 4.919   -2.641  16.677  1.00 22.94  ? 182 ASP A OD1 1 
ATOM   1017 O OD2 . ASP A 1 124 ? 6.133   -1.631  15.160  1.00 22.75  ? 182 ASP A OD2 1 
ATOM   1018 N N   . ALA A 1 125 ? 1.038   -2.573  13.263  1.00 14.98  ? 183 ALA A N   1 
ATOM   1019 C CA  . ALA A 1 125 ? -0.180  -2.197  12.556  1.00 15.51  ? 183 ALA A CA  1 
ATOM   1020 C C   . ALA A 1 125 ? -1.429  -2.658  13.308  1.00 15.06  ? 183 ALA A C   1 
ATOM   1021 O O   . ALA A 1 125 ? -2.382  -1.896  13.471  1.00 15.90  ? 183 ALA A O   1 
ATOM   1022 C CB  . ALA A 1 125 ? -0.172  -2.763  11.120  1.00 15.54  ? 183 ALA A CB  1 
ATOM   1023 N N   . LEU A 1 126 ? -1.413  -3.902  13.782  1.00 15.36  ? 184 LEU A N   1 
ATOM   1024 C CA  . LEU A 1 126 ? -2.556  -4.469  14.499  1.00 14.85  ? 184 LEU A CA  1 
ATOM   1025 C C   . LEU A 1 126 ? -2.794  -3.763  15.839  1.00 15.96  ? 184 LEU A C   1 
ATOM   1026 O O   . LEU A 1 126 ? -3.936  -3.431  16.178  1.00 15.98  ? 184 LEU A O   1 
ATOM   1027 C CB  . LEU A 1 126 ? -2.367  -5.979  14.683  1.00 13.05  ? 184 LEU A CB  1 
ATOM   1028 C CG  . LEU A 1 126 ? -2.407  -6.776  13.361  1.00 12.91  ? 184 LEU A CG  1 
ATOM   1029 C CD1 . LEU A 1 126 ? -1.842  -8.179  13.557  1.00 13.80  ? 184 LEU A CD1 1 
ATOM   1030 C CD2 . LEU A 1 126 ? -3.819  -6.838  12.808  1.00 17.45  ? 184 LEU A CD2 1 
ATOM   1031 N N   . ASN A 1 127 ? -1.713  -3.501  16.572  1.00 16.08  ? 185 ASN A N   1 
ATOM   1032 C CA  . ASN A 1 127 ? -1.795  -2.802  17.862  1.00 18.01  ? 185 ASN A CA  1 
ATOM   1033 C C   . ASN A 1 127 ? -2.269  -1.357  17.720  1.00 19.37  ? 185 ASN A C   1 
ATOM   1034 O O   . ASN A 1 127 ? -2.966  -0.842  18.596  1.00 19.47  ? 185 ASN A O   1 
ATOM   1035 C CB  . ASN A 1 127 ? -0.441  -2.834  18.591  1.00 17.81  ? 185 ASN A CB  1 
ATOM   1036 C CG  . ASN A 1 127 ? -0.120  -4.202  19.195  1.00 16.30  ? 185 ASN A CG  1 
ATOM   1037 O OD1 . ASN A 1 127 ? -1.007  -5.027  19.419  1.00 19.77  ? 185 ASN A OD1 1 
ATOM   1038 N ND2 . ASN A 1 127 ? 1.156   -4.437  19.471  1.00 15.14  ? 185 ASN A ND2 1 
ATOM   1039 N N   . ALA A 1 128 ? -1.898  -0.710  16.617  1.00 19.90  ? 186 ALA A N   1 
ATOM   1040 C CA  . ALA A 1 128 ? -2.370  0.642   16.312  1.00 20.55  ? 186 ALA A CA  1 
ATOM   1041 C C   . ALA A 1 128 ? -3.883  0.685   16.088  1.00 22.05  ? 186 ALA A C   1 
ATOM   1042 O O   . ALA A 1 128 ? -4.538  1.675   16.432  1.00 22.20  ? 186 ALA A O   1 
ATOM   1043 C CB  . ALA A 1 128 ? -1.647  1.193   15.091  1.00 19.85  ? 186 ALA A CB  1 
ATOM   1044 N N   . PHE A 1 129 ? -4.429  -0.379  15.507  1.00 21.79  ? 187 PHE A N   1 
ATOM   1045 C CA  . PHE A 1 129 ? -5.863  -0.466  15.232  1.00 22.50  ? 187 PHE A CA  1 
ATOM   1046 C C   . PHE A 1 129 ? -6.692  -0.848  16.459  1.00 23.03  ? 187 PHE A C   1 
ATOM   1047 O O   . PHE A 1 129 ? -7.772  -0.293  16.666  1.00 23.99  ? 187 PHE A O   1 
ATOM   1048 C CB  . PHE A 1 129 ? -6.146  -1.461  14.099  1.00 22.68  ? 187 PHE A CB  1 
ATOM   1049 C CG  . PHE A 1 129 ? -7.609  -1.740  13.895  1.00 22.29  ? 187 PHE A CG  1 
ATOM   1050 C CD1 . PHE A 1 129 ? -8.446  -0.770  13.354  1.00 22.87  ? 187 PHE A CD1 1 
ATOM   1051 C CD2 . PHE A 1 129 ? -8.154  -2.969  14.250  1.00 22.06  ? 187 PHE A CD2 1 
ATOM   1052 C CE1 . PHE A 1 129 ? -9.803  -1.018  13.176  1.00 22.08  ? 187 PHE A CE1 1 
ATOM   1053 C CE2 . PHE A 1 129 ? -9.506  -3.227  14.072  1.00 22.87  ? 187 PHE A CE2 1 
ATOM   1054 C CZ  . PHE A 1 129 ? -10.332 -2.251  13.532  1.00 23.54  ? 187 PHE A CZ  1 
ATOM   1055 N N   . SER A 1 130 ? -6.208  -1.804  17.253  1.00 23.73  ? 188 SER A N   1 
ATOM   1056 C CA  . SER A 1 130 ? -6.989  -2.329  18.378  1.00 23.78  ? 188 SER A CA  1 
ATOM   1057 C C   . SER A 1 130 ? -6.167  -2.625  19.625  1.00 23.77  ? 188 SER A C   1 
ATOM   1058 O O   . SER A 1 130 ? -5.077  -3.198  19.547  1.00 20.47  ? 188 SER A O   1 
ATOM   1059 C CB  . SER A 1 130 ? -7.703  -3.610  17.962  1.00 24.84  ? 188 SER A CB  1 
ATOM   1060 O OG  . SER A 1 130 ? -8.334  -4.227  19.072  1.00 25.73  ? 188 SER A OG  1 
ATOM   1061 N N   . SER A 1 131 ? -6.733  -2.249  20.772  1.00 24.75  ? 189 SER A N   1 
ATOM   1062 C CA  A SER A 1 131 ? -6.141  -2.533  22.076  0.50 24.76  ? 189 SER A CA  1 
ATOM   1063 C CA  B SER A 1 131 ? -6.132  -2.535  22.070  0.50 24.11  ? 189 SER A CA  1 
ATOM   1064 C C   . SER A 1 131 ? -6.410  -3.974  22.503  1.00 24.80  ? 189 SER A C   1 
ATOM   1065 O O   . SER A 1 131 ? -5.702  -4.520  23.347  1.00 24.42  ? 189 SER A O   1 
ATOM   1066 C CB  A SER A 1 131 ? -6.716  -1.589  23.133  0.50 25.12  ? 189 SER A CB  1 
ATOM   1067 C CB  B SER A 1 131 ? -6.676  -1.571  23.124  0.50 23.81  ? 189 SER A CB  1 
ATOM   1068 O OG  A SER A 1 131 ? -6.535  -0.234  22.766  0.50 26.47  ? 189 SER A OG  1 
ATOM   1069 O OG  B SER A 1 131 ? -8.092  -1.595  23.152  0.50 20.82  ? 189 SER A OG  1 
ATOM   1070 N N   . GLU A 1 132 ? -7.447  -4.580  21.922  1.00 24.51  ? 190 GLU A N   1 
ATOM   1071 C CA  . GLU A 1 132 ? -7.858  -5.939  22.290  1.00 25.29  ? 190 GLU A CA  1 
ATOM   1072 C C   . GLU A 1 132 ? -7.417  -6.985  21.267  1.00 23.26  ? 190 GLU A C   1 
ATOM   1073 O O   . GLU A 1 132 ? -7.130  -6.666  20.112  1.00 21.44  ? 190 GLU A O   1 
ATOM   1074 C CB  . GLU A 1 132 ? -9.375  -6.011  22.540  1.00 26.28  ? 190 GLU A CB  1 
ATOM   1075 C CG  . GLU A 1 132 ? -10.264 -5.588  21.382  1.00 29.75  ? 190 GLU A CG  1 
ATOM   1076 C CD  . GLU A 1 132 ? -11.693 -5.305  21.818  1.00 31.68  ? 190 GLU A CD  1 
ATOM   1077 O OE1 . GLU A 1 132 ? -12.223 -6.059  22.663  1.00 37.87  ? 190 GLU A OE1 1 
ATOM   1078 O OE2 . GLU A 1 132 ? -12.288 -4.328  21.307  1.00 37.84  ? 190 GLU A OE2 1 
ATOM   1079 N N   . ASP A 1 133 ? -7.361  -8.239  21.702  1.00 23.06  ? 191 ASP A N   1 
ATOM   1080 C CA  . ASP A 1 133 ? -6.767  -9.297  20.889  1.00 22.66  ? 191 ASP A CA  1 
ATOM   1081 C C   . ASP A 1 133 ? -7.658  -9.740  19.729  1.00 20.39  ? 191 ASP A C   1 
ATOM   1082 O O   . ASP A 1 133 ? -7.150  -10.093 18.669  1.00 21.24  ? 191 ASP A O   1 
ATOM   1083 C CB  . ASP A 1 133 ? -6.400  -10.504 21.745  1.00 24.41  ? 191 ASP A CB  1 
ATOM   1084 C CG  . ASP A 1 133 ? -5.499  -11.469 21.013  1.00 27.21  ? 191 ASP A CG  1 
ATOM   1085 O OD1 . ASP A 1 133 ? -4.295  -11.166 20.877  1.00 33.17  ? 191 ASP A OD1 1 
ATOM   1086 O OD2 . ASP A 1 133 ? -5.999  -12.520 20.556  1.00 31.21  ? 191 ASP A OD2 1 
ATOM   1087 N N   . ASN A 1 134 ? -8.973  -9.741  19.938  1.00 19.19  ? 192 ASN A N   1 
ATOM   1088 C CA  . ASN A 1 134 ? -9.919  -10.016 18.856  1.00 18.70  ? 192 ASN A CA  1 
ATOM   1089 C C   . ASN A 1 134 ? -10.007 -8.839  17.902  1.00 18.17  ? 192 ASN A C   1 
ATOM   1090 O O   . ASN A 1 134 ? -10.349 -7.730  18.309  1.00 17.36  ? 192 ASN A O   1 
ATOM   1091 C CB  . ASN A 1 134 ? -11.324 -10.302 19.396  1.00 20.58  ? 192 ASN A CB  1 
ATOM   1092 C CG  . ASN A 1 134 ? -11.558 -11.773 19.688  1.00 17.45  ? 192 ASN A CG  1 
ATOM   1093 O OD1 . ASN A 1 134 ? -10.840 -12.648 19.198  1.00 20.59  ? 192 ASN A OD1 1 
ATOM   1094 N ND2 . ASN A 1 134 ? -12.587 -12.050 20.476  1.00 23.34  ? 192 ASN A ND2 1 
ATOM   1095 N N   . ILE A 1 135 ? -9.708  -9.082  16.632  1.00 17.32  ? 193 ILE A N   1 
ATOM   1096 C CA  . ILE A 1 135 ? -9.793  -8.038  15.624  1.00 16.70  ? 193 ILE A CA  1 
ATOM   1097 C C   . ILE A 1 135 ? -11.010 -8.261  14.752  1.00 15.98  ? 193 ILE A C   1 
ATOM   1098 O O   . ILE A 1 135 ? -11.134 -9.300  14.102  1.00 13.80  ? 193 ILE A O   1 
ATOM   1099 C CB  . ILE A 1 135 ? -8.567  -8.016  14.704  1.00 16.63  ? 193 ILE A CB  1 
ATOM   1100 C CG1 . ILE A 1 135 ? -7.277  -7.837  15.512  1.00 19.43  ? 193 ILE A CG1 1 
ATOM   1101 C CG2 . ILE A 1 135 ? -8.720  -6.906  13.643  1.00 17.00  ? 193 ILE A CG2 1 
ATOM   1102 C CD1 . ILE A 1 135 ? -7.073  -6.454  16.044  1.00 19.43  ? 193 ILE A CD1 1 
ATOM   1103 N N   . ASP A 1 136 ? -11.900 -7.278  14.746  1.00 17.17  ? 194 ASP A N   1 
ATOM   1104 C CA  . ASP A 1 136 ? -12.987 -7.222  13.785  1.00 16.44  ? 194 ASP A CA  1 
ATOM   1105 C C   . ASP A 1 136 ? -12.370 -6.864  12.433  1.00 16.79  ? 194 ASP A C   1 
ATOM   1106 O O   . ASP A 1 136 ? -12.065 -5.700  12.170  1.00 15.80  ? 194 ASP A O   1 
ATOM   1107 C CB  . ASP A 1 136 ? -14.011 -6.168  14.225  1.00 18.22  ? 194 ASP A CB  1 
ATOM   1108 C CG  . ASP A 1 136 ? -15.238 -6.135  13.339  1.00 19.26  ? 194 ASP A CG  1 
ATOM   1109 O OD1 . ASP A 1 136 ? -15.093 -6.269  12.111  1.00 18.41  ? 194 ASP A OD1 1 
ATOM   1110 O OD2 . ASP A 1 136 ? -16.354 -5.949  13.874  1.00 23.73  ? 194 ASP A OD2 1 
ATOM   1111 N N   . TYR A 1 137 ? -12.174 -7.871  11.586  1.00 16.25  ? 195 TYR A N   1 
ATOM   1112 C CA  . TYR A 1 137 ? -11.416 -7.667  10.344  1.00 15.29  ? 195 TYR A CA  1 
ATOM   1113 C C   . TYR A 1 137 ? -12.172 -6.831  9.309   1.00 14.61  ? 195 TYR A C   1 
ATOM   1114 O O   . TYR A 1 137 ? -11.550 -6.210  8.446   1.00 13.57  ? 195 TYR A O   1 
ATOM   1115 C CB  . TYR A 1 137 ? -10.917 -8.992  9.742   1.00 14.47  ? 195 TYR A CB  1 
ATOM   1116 C CG  . TYR A 1 137 ? -11.965 -10.051 9.489   1.00 14.11  ? 195 TYR A CG  1 
ATOM   1117 C CD1 . TYR A 1 137 ? -12.768 -10.001 8.364   1.00 12.36  ? 195 TYR A CD1 1 
ATOM   1118 C CD2 . TYR A 1 137 ? -12.133 -11.116 10.368  1.00 14.07  ? 195 TYR A CD2 1 
ATOM   1119 C CE1 . TYR A 1 137 ? -13.725 -10.975 8.115   1.00 12.75  ? 195 TYR A CE1 1 
ATOM   1120 C CE2 . TYR A 1 137 ? -13.092 -12.105 10.127  1.00 14.53  ? 195 TYR A CE2 1 
ATOM   1121 C CZ  . TYR A 1 137 ? -13.886 -12.017 9.000   1.00 15.16  ? 195 TYR A CZ  1 
ATOM   1122 O OH  . TYR A 1 137 ? -14.833 -12.971 8.736   1.00 15.16  ? 195 TYR A OH  1 
ATOM   1123 N N   . LYS A 1 138 ? -13.501 -6.797  9.393   1.00 16.05  ? 196 LYS A N   1 
ATOM   1124 C CA  . LYS A 1 138 ? -14.280 -5.884  8.547   1.00 17.63  ? 196 LYS A CA  1 
ATOM   1125 C C   . LYS A 1 138 ? -13.913 -4.437  8.868   1.00 16.97  ? 196 LYS A C   1 
ATOM   1126 O O   . LYS A 1 138 ? -13.628 -3.648  7.969   1.00 16.53  ? 196 LYS A O   1 
ATOM   1127 C CB  . LYS A 1 138 ? -15.788 -6.104  8.718   1.00 18.58  ? 196 LYS A CB  1 
ATOM   1128 C CG  . LYS A 1 138 ? -16.638 -5.200  7.828   1.00 20.08  ? 196 LYS A CG  1 
ATOM   1129 C CD  . LYS A 1 138 ? -18.099 -5.627  7.797   1.00 21.99  ? 196 LYS A CD  1 
ATOM   1130 C CE  . LYS A 1 138 ? -18.977 -4.570  7.117   1.00 25.69  ? 196 LYS A CE  1 
ATOM   1131 N NZ  . LYS A 1 138 ? -18.530 -4.259  5.730   1.00 30.83  ? 196 LYS A NZ  1 
ATOM   1132 N N   . LEU A 1 139 ? -13.918 -4.102  10.155  1.00 16.50  ? 197 LEU A N   1 
ATOM   1133 C CA  . LEU A 1 139 ? -13.536 -2.771  10.607  1.00 15.62  ? 197 LEU A CA  1 
ATOM   1134 C C   . LEU A 1 139 ? -12.078 -2.442  10.282  1.00 14.00  ? 197 LEU A C   1 
ATOM   1135 O O   . LEU A 1 139 ? -11.755 -1.297  9.965   1.00 14.26  ? 197 LEU A O   1 
ATOM   1136 C CB  . LEU A 1 139 ? -13.779 -2.617  12.111  1.00 17.34  ? 197 LEU A CB  1 
ATOM   1137 C CG  . LEU A 1 139 ? -15.232 -2.633  12.597  1.00 17.10  ? 197 LEU A CG  1 
ATOM   1138 C CD1 . LEU A 1 139 ? -15.287 -2.405  14.108  1.00 19.07  ? 197 LEU A CD1 1 
ATOM   1139 C CD2 . LEU A 1 139 ? -16.080 -1.596  11.869  1.00 17.66  ? 197 LEU A CD2 1 
ATOM   1140 N N   . PHE A 1 140 ? -11.207 -3.443  10.369  1.00 14.29  ? 198 PHE A N   1 
ATOM   1141 C CA  . PHE A 1 140 ? -9.789  -3.263  10.068  1.00 13.46  ? 198 PHE A CA  1 
ATOM   1142 C C   . PHE A 1 140 ? -9.605  -2.872  8.610   1.00 12.12  ? 198 PHE A C   1 
ATOM   1143 O O   . PHE A 1 140 ? -8.875  -1.932  8.303   1.00 14.38  ? 198 PHE A O   1 
ATOM   1144 C CB  . PHE A 1 140 ? -9.002  -4.540  10.386  1.00 14.50  ? 198 PHE A CB  1 
ATOM   1145 C CG  . PHE A 1 140 ? -7.532  -4.446  10.072  1.00 12.91  ? 198 PHE A CG  1 
ATOM   1146 C CD1 . PHE A 1 140 ? -6.671  -3.740  10.904  1.00 14.26  ? 198 PHE A CD1 1 
ATOM   1147 C CD2 . PHE A 1 140 ? -7.007  -5.073  8.951   1.00 14.10  ? 198 PHE A CD2 1 
ATOM   1148 C CE1 . PHE A 1 140 ? -5.315  -3.660  10.623  1.00 14.99  ? 198 PHE A CE1 1 
ATOM   1149 C CE2 . PHE A 1 140 ? -5.653  -4.988  8.657   1.00 13.97  ? 198 PHE A CE2 1 
ATOM   1150 C CZ  . PHE A 1 140 ? -4.802  -4.282  9.499   1.00 15.00  ? 198 PHE A CZ  1 
ATOM   1151 N N   . CYS A 1 141 ? -10.285 -3.587  7.718   1.00 12.21  ? 199 CYS A N   1 
ATOM   1152 C CA  . CYS A 1 141 ? -10.234 -3.304  6.286   1.00 12.94  ? 199 CYS A CA  1 
ATOM   1153 C C   . CYS A 1 141 ? -10.808 -1.925  5.950   1.00 12.87  ? 199 CYS A C   1 
ATOM   1154 O O   . CYS A 1 141 ? -10.234 -1.186  5.160   1.00 12.65  ? 199 CYS A O   1 
ATOM   1155 C CB  . CYS A 1 141 ? -10.979 -4.382  5.498   1.00 12.85  ? 199 CYS A CB  1 
ATOM   1156 S SG  . CYS A 1 141 ? -10.149 -5.978  5.491   1.00 14.82  ? 199 CYS A SG  1 
ATOM   1157 N N   . GLU A 1 142 ? -11.939 -1.583  6.554   1.00 13.41  ? 200 GLU A N   1 
ATOM   1158 C CA  . GLU A 1 142 ? -12.516 -0.251  6.379   1.00 14.95  ? 200 GLU A CA  1 
ATOM   1159 C C   . GLU A 1 142 ? -11.539 0.829   6.845   1.00 14.78  ? 200 GLU A C   1 
ATOM   1160 O O   . GLU A 1 142 ? -11.396 1.873   6.196   1.00 16.79  ? 200 GLU A O   1 
ATOM   1161 C CB  . GLU A 1 142 ? -13.858 -0.152  7.117   1.00 15.52  ? 200 GLU A CB  1 
ATOM   1162 C CG  . GLU A 1 142 ? -14.963 -0.953  6.422   1.00 18.08  ? 200 GLU A CG  1 
ATOM   1163 C CD  . GLU A 1 142 ? -16.211 -1.184  7.273   1.00 21.87  ? 200 GLU A CD  1 
ATOM   1164 O OE1 . GLU A 1 142 ? -16.244 -0.780  8.455   1.00 20.02  ? 200 GLU A OE1 1 
ATOM   1165 O OE2 . GLU A 1 142 ? -17.169 -1.793  6.748   1.00 26.38  ? 200 GLU A OE2 1 
ATOM   1166 N N   . ASP A 1 143 ? -10.843 0.557   7.945   1.00 15.58  ? 201 ASP A N   1 
ATOM   1167 C CA  . ASP A 1 143 ? -9.876  1.500   8.500   1.00 15.36  ? 201 ASP A CA  1 
ATOM   1168 C C   . ASP A 1 143 ? -8.665  1.704   7.596   1.00 15.00  ? 201 ASP A C   1 
ATOM   1169 O O   . ASP A 1 143 ? -8.312  2.844   7.303   1.00 15.11  ? 201 ASP A O   1 
ATOM   1170 C CB  . ASP A 1 143 ? -9.416  1.066   9.896   1.00 15.67  ? 201 ASP A CB  1 
ATOM   1171 C CG  . ASP A 1 143 ? -8.485  2.084   10.549  1.00 18.84  ? 201 ASP A CG  1 
ATOM   1172 O OD1 . ASP A 1 143 ? -8.986  3.079   11.100  1.00 21.01  ? 201 ASP A OD1 1 
ATOM   1173 O OD2 . ASP A 1 143 ? -7.251  1.889   10.507  1.00 19.46  ? 201 ASP A OD2 1 
ATOM   1174 N N   . ILE A 1 144 ? -8.050  0.614   7.137   1.00 14.19  ? 202 ILE A N   1 
ATOM   1175 C CA  A ILE A 1 144 ? -6.775  0.713   6.412   0.50 13.92  ? 202 ILE A CA  1 
ATOM   1176 C CA  B ILE A 1 144 ? -6.788  0.684   6.411   0.50 14.86  ? 202 ILE A CA  1 
ATOM   1177 C C   . ILE A 1 144 ? -6.921  1.356   5.039   1.00 13.74  ? 202 ILE A C   1 
ATOM   1178 O O   . ILE A 1 144 ? -5.960  1.912   4.514   1.00 14.58  ? 202 ILE A O   1 
ATOM   1179 C CB  A ILE A 1 144 ? -6.016  -0.650  6.290   0.50 13.05  ? 202 ILE A CB  1 
ATOM   1180 C CB  B ILE A 1 144 ? -6.153  -0.730  6.272   0.50 14.64  ? 202 ILE A CB  1 
ATOM   1181 C CG1 A ILE A 1 144 ? -6.754  -1.640  5.380   0.50 11.87  ? 202 ILE A CG1 1 
ATOM   1182 C CG1 B ILE A 1 144 ? -4.633  -0.632  6.311   0.50 14.54  ? 202 ILE A CG1 1 
ATOM   1183 C CG2 A ILE A 1 144 ? -5.795  -1.258  7.661   0.50 11.34  ? 202 ILE A CG2 1 
ATOM   1184 C CG2 B ILE A 1 144 ? -6.651  -1.448  5.018   0.50 14.58  ? 202 ILE A CG2 1 
ATOM   1185 C CD1 A ILE A 1 144 ? -5.955  -2.911  5.104   0.50 10.89  ? 202 ILE A CD1 1 
ATOM   1186 C CD1 B ILE A 1 144 ? -4.078  -0.348  7.700   0.50 12.49  ? 202 ILE A CD1 1 
ATOM   1187 N N   . LEU A 1 145 ? -8.121  1.309   4.463   1.00 16.09  ? 203 LEU A N   1 
ATOM   1188 C CA  . LEU A 1 145 ? -8.364  1.947   3.168   1.00 17.38  ? 203 LEU A CA  1 
ATOM   1189 C C   . LEU A 1 145 ? -8.409  3.469   3.246   1.00 18.61  ? 203 LEU A C   1 
ATOM   1190 O O   . LEU A 1 145 ? -8.286  4.136   2.221   1.00 21.67  ? 203 LEU A O   1 
ATOM   1191 C CB  . LEU A 1 145 ? -9.660  1.436   2.539   1.00 18.02  ? 203 LEU A CB  1 
ATOM   1192 C CG  . LEU A 1 145 ? -9.577  0.057   1.884   1.00 20.94  ? 203 LEU A CG  1 
ATOM   1193 C CD1 . LEU A 1 145 ? -10.968 -0.420  1.497   1.00 20.56  ? 203 LEU A CD1 1 
ATOM   1194 C CD2 . LEU A 1 145 ? -8.656  0.076   0.674   1.00 21.57  ? 203 LEU A CD2 1 
ATOM   1195 N N   . GLN A 1 146 ? -8.587  4.021   4.443   1.00 18.38  ? 204 GLN A N   1 
ATOM   1196 C CA  . GLN A 1 146 ? -8.725  5.471   4.599   1.00 21.06  ? 204 GLN A CA  1 
ATOM   1197 C C   . GLN A 1 146 ? -7.375  6.174   4.701   1.00 21.88  ? 204 GLN A C   1 
ATOM   1198 O O   . GLN A 1 146 ? -6.340  5.559   4.960   1.00 22.35  ? 204 GLN A O   1 
ATOM   1199 C CB  . GLN A 1 146 ? -9.591  5.796   5.815   1.00 20.98  ? 204 GLN A CB  1 
ATOM   1200 C CG  . GLN A 1 146 ? -11.014 5.281   5.680   1.00 21.84  ? 204 GLN A CG  1 
ATOM   1201 C CD  . GLN A 1 146 ? -11.870 5.586   6.890   1.00 21.63  ? 204 GLN A CD  1 
ATOM   1202 O OE1 . GLN A 1 146 ? -12.063 6.743   7.247   1.00 18.32  ? 204 GLN A OE1 1 
ATOM   1203 N NE2 . GLN A 1 146 ? -12.406 4.545   7.514   1.00 21.13  ? 204 GLN A NE2 1 
ATOM   1204 O OXT . GLN A 1 146 ? -7.295  7.389   4.512   1.00 22.23  ? 204 GLN A OXT 1 
HETATM 1205 C C1A . SAC B 2 1   ? -4.751  -9.417  -3.960  1.00 21.48  ? 803 SAC T C1A 1 
HETATM 1206 C C2A . SAC B 2 1   ? -4.278  -10.270 -5.096  1.00 23.32  ? 803 SAC T C2A 1 
HETATM 1207 O OAC . SAC B 2 1   ? -4.160  -8.383  -3.613  1.00 19.24  ? 803 SAC T OAC 1 
HETATM 1208 N N   . SAC B 2 1   ? -5.870  -9.862  -3.322  1.00 19.26  ? 803 SAC T N   1 
HETATM 1209 C CA  . SAC B 2 1   ? -6.423  -9.037  -2.262  1.00 18.42  ? 803 SAC T CA  1 
HETATM 1210 C C   . SAC B 2 1   ? -5.380  -8.730  -1.146  1.00 16.86  ? 803 SAC T C   1 
HETATM 1211 O O   . SAC B 2 1   ? -5.463  -7.910  -0.293  1.00 16.59  ? 803 SAC T O   1 
HETATM 1212 C CB  . SAC B 2 1   ? -7.696  -9.711  -1.807  1.00 18.06  ? 803 SAC T CB  1 
HETATM 1213 O OG  . SAC B 2 1   ? -8.688  -9.442  -2.867  1.00 20.97  ? 803 SAC T OG  1 
ATOM   1214 N N   . LEU B 2 2   ? -4.777  -10.010 -0.587  1.00 15.31  ? 804 LEU T N   1 
ATOM   1215 C CA  . LEU B 2 2   ? -3.831  -9.861  0.501   1.00 14.23  ? 804 LEU T CA  1 
ATOM   1216 C C   . LEU B 2 2   ? -2.767  -8.803  0.211   1.00 12.33  ? 804 LEU T C   1 
ATOM   1217 O O   . LEU B 2 2   ? -2.457  -8.033  1.057   1.00 12.71  ? 804 LEU T O   1 
ATOM   1218 C CB  . LEU B 2 2   ? -3.147  -11.179 0.813   1.00 14.89  ? 804 LEU T CB  1 
ATOM   1219 C CG  . LEU B 2 2   ? -2.079  -11.167 1.899   1.00 13.94  ? 804 LEU T CG  1 
ATOM   1220 C CD1 . LEU B 2 2   ? -2.576  -10.598 3.175   1.00 13.88  ? 804 LEU T CD1 1 
ATOM   1221 C CD2 . LEU B 2 2   ? -1.555  -12.569 2.105   1.00 14.58  ? 804 LEU T CD2 1 
ATOM   1222 N N   . MET B 2 3   ? -2.207  -8.817  -0.984  1.00 12.76  ? 805 MET T N   1 
ATOM   1223 C CA  . MET B 2 3   ? -1.237  -7.769  -1.366  1.00 13.30  ? 805 MET T CA  1 
ATOM   1224 C C   . MET B 2 3   ? -1.806  -6.336  -1.301  1.00 10.66  ? 805 MET T C   1 
ATOM   1225 O O   . MET B 2 3   ? -1.080  -5.404  -0.988  1.00 10.14  ? 805 MET T O   1 
ATOM   1226 C CB  . MET B 2 3   ? -0.662  -8.043  -2.758  1.00 13.24  ? 805 MET T CB  1 
ATOM   1227 C CG  . MET B 2 3   ? 0.395   -9.145  -2.782  1.00 19.16  ? 805 MET T CG  1 
ATOM   1228 S SD  . MET B 2 3   ? 1.066   -9.429  -4.437  1.00 26.11  ? 805 MET T SD  1 
ATOM   1229 C CE  . MET B 2 3   ? 1.810   -7.854  -4.796  1.00 24.37  ? 805 MET T CE  1 
ATOM   1230 N N   . ARG B 2 4   ? -3.083  -6.159  -1.617  1.00 9.98   ? 806 ARG T N   1 
ATOM   1231 C CA  . ARG B 2 4   ? -3.747  -4.865  -1.423  1.00 10.51  ? 806 ARG T CA  1 
ATOM   1232 C C   . ARG B 2 4   ? -3.831  -4.481  0.055   1.00 11.00  ? 806 ARG T C   1 
ATOM   1233 O O   . ARG B 2 4   ? -3.607  -3.318  0.414   1.00 10.12  ? 806 ARG T O   1 
ATOM   1234 C CB  . ARG B 2 4   ? -5.152  -4.853  -2.050  1.00 11.10  ? 806 ARG T CB  1 
ATOM   1235 C CG  . ARG B 2 4   ? -5.209  -5.141  -3.573  1.00 11.73  ? 806 ARG T CG  1 
ATOM   1236 C CD  . ARG B 2 4   ? -4.191  -4.341  -4.392  1.00 9.60   ? 806 ARG T CD  1 
ATOM   1237 N NE  . ARG B 2 4   ? -4.307  -2.903  -4.146  1.00 11.25  ? 806 ARG T NE  1 
ATOM   1238 C CZ  . ARG B 2 4   ? -3.290  -2.048  -4.042  1.00 13.58  ? 806 ARG T CZ  1 
ATOM   1239 N NH1 . ARG B 2 4   ? -2.027  -2.447  -4.167  1.00 12.21  ? 806 ARG T NH1 1 
ATOM   1240 N NH2 . ARG B 2 4   ? -3.551  -0.769  -3.792  1.00 13.40  ? 806 ARG T NH2 1 
ATOM   1241 N N   . VAL B 2 5   ? -4.163  -5.447  0.913   1.00 10.60  ? 807 VAL T N   1 
ATOM   1242 C CA  . VAL B 2 5   ? -4.217  -5.191  2.350   1.00 11.24  ? 807 VAL T CA  1 
ATOM   1243 C C   . VAL B 2 5   ? -2.844  -4.759  2.856   1.00 11.19  ? 807 VAL T C   1 
ATOM   1244 O O   . VAL B 2 5   ? -2.720  -3.747  3.553   1.00 9.99   ? 807 VAL T O   1 
ATOM   1245 C CB  . VAL B 2 5   ? -4.694  -6.419  3.151   1.00 12.20  ? 807 VAL T CB  1 
ATOM   1246 C CG1 . VAL B 2 5   ? -4.448  -6.211  4.643   1.00 12.24  ? 807 VAL T CG1 1 
ATOM   1247 C CG2 . VAL B 2 5   ? -6.169  -6.680  2.893   1.00 11.82  ? 807 VAL T CG2 1 
ATOM   1248 N N   . GLN B 2 6   ? -1.820  -5.521  2.488   1.00 10.20  ? 808 GLN T N   1 
ATOM   1249 C CA  . GLN B 2 6   ? -0.444  -5.208  2.888   1.00 11.10  ? 808 GLN T CA  1 
ATOM   1250 C C   . GLN B 2 6   ? 0.001   -3.845  2.347   1.00 11.35  ? 808 GLN T C   1 
ATOM   1251 O O   . GLN B 2 6   ? 0.664   -3.074  3.050   1.00 12.31  ? 808 GLN T O   1 
ATOM   1252 C CB  . GLN B 2 6   ? 0.502   -6.320  2.424   1.00 10.46  ? 808 GLN T CB  1 
ATOM   1253 C CG  . GLN B 2 6   ? 0.279   -7.644  3.162   1.00 11.75  ? 808 GLN T CG  1 
ATOM   1254 C CD  . GLN B 2 6   ? 0.788   -8.854  2.404   1.00 13.12  ? 808 GLN T CD  1 
ATOM   1255 O OE1 . GLN B 2 6   ? 0.757   -8.891  1.172   1.00 10.67  ? 808 GLN T OE1 1 
ATOM   1256 N NE2 . GLN B 2 6   ? 1.242   -9.867  3.141   1.00 11.55  ? 808 GLN T NE2 1 
ATOM   1257 N N   . ALA B 2 7   ? -0.390  -3.537  1.111   1.00 10.29  ? 809 ALA T N   1 
ATOM   1258 C CA  . ALA B 2 7   ? -0.064  -2.241  0.504   1.00 10.24  ? 809 ALA T CA  1 
ATOM   1259 C C   . ALA B 2 7   ? -0.662  -1.069  1.273   1.00 10.07  ? 809 ALA T C   1 
ATOM   1260 O O   . ALA B 2 7   ? -0.005  -0.039  1.475   1.00 9.67   ? 809 ALA T O   1 
ATOM   1261 C CB  . ALA B 2 7   ? -0.517  -2.208  -0.954  1.00 11.53  ? 809 ALA T CB  1 
ATOM   1262 N N   . HIS B 2 8   ? -1.913  -1.212  1.697   1.00 10.30  ? 810 HIS T N   1 
ATOM   1263 C CA  . HIS B 2 8   ? -2.556  -0.160  2.474   1.00 10.88  ? 810 HIS T CA  1 
ATOM   1264 C C   . HIS B 2 8   ? -1.981  -0.048  3.882   1.00 9.17   ? 810 HIS T C   1 
ATOM   1265 O O   . HIS B 2 8   ? -1.868  1.046   4.411   1.00 10.76  ? 810 HIS T O   1 
ATOM   1266 C CB  . HIS B 2 8   ? -4.073  -0.330  2.475   1.00 12.32  ? 810 HIS T CB  1 
ATOM   1267 C CG  . HIS B 2 8   ? -4.712  0.116   1.195   1.00 12.30  ? 810 HIS T CG  1 
ATOM   1268 N ND1 . HIS B 2 8   ? -5.004  1.436   0.937   1.00 12.87  ? 810 HIS T ND1 1 
ATOM   1269 C CD2 . HIS B 2 8   ? -5.082  -0.573  0.089   1.00 14.13  ? 810 HIS T CD2 1 
ATOM   1270 C CE1 . HIS B 2 8   ? -5.547  1.539   -0.262  1.00 12.04  ? 810 HIS T CE1 1 
ATOM   1271 N NE2 . HIS B 2 8   ? -5.612  0.334   -0.797  1.00 15.05  ? 810 HIS T NE2 1 
ATOM   1272 N N   . ILE B 2 9   ? -1.566  -1.164  4.466   1.00 9.30   ? 811 ILE T N   1 
ATOM   1273 C CA  . ILE B 2 9   ? -0.894  -1.116  5.763   1.00 10.39  ? 811 ILE T CA  1 
ATOM   1274 C C   . ILE B 2 9   ? 0.415   -0.328  5.655   1.00 11.37  ? 811 ILE T C   1 
ATOM   1275 O O   . ILE B 2 9   ? 0.679   0.551   6.475   1.00 12.64  ? 811 ILE T O   1 
ATOM   1276 C CB  . ILE B 2 9   ? -0.645  -2.519  6.351   1.00 10.27  ? 811 ILE T CB  1 
ATOM   1277 C CG1 . ILE B 2 9   ? -1.980  -3.199  6.703   1.00 9.82   ? 811 ILE T CG1 1 
ATOM   1278 C CG2 . ILE B 2 9   ? 0.227   -2.422  7.604   1.00 9.50   ? 811 ILE T CG2 1 
ATOM   1279 C CD1 . ILE B 2 9   ? -1.844  -4.672  7.141   1.00 9.03   ? 811 ILE T CD1 1 
ATOM   1280 N N   . ARG B 2 10  ? 1.223   -0.621  4.637   1.00 9.68   ? 812 ARG T N   1 
ATOM   1281 C CA  . ARG B 2 10  ? 2.472   0.119   4.425   1.00 12.16  ? 812 ARG T CA  1 
ATOM   1282 C C   . ARG B 2 10  ? 2.213   1.603   4.172   1.00 11.28  ? 812 ARG T C   1 
ATOM   1283 O O   . ARG B 2 10  ? 2.983   2.445   4.622   1.00 12.71  ? 812 ARG T O   1 
ATOM   1284 C CB  . ARG B 2 10  ? 3.302   -0.486  3.291   1.00 12.01  ? 812 ARG T CB  1 
ATOM   1285 C CG  . ARG B 2 10  ? 3.919   -1.829  3.627   1.00 10.81  ? 812 ARG T CG  1 
ATOM   1286 C CD  . ARG B 2 10  ? 4.971   -2.235  2.602   1.00 13.06  ? 812 ARG T CD  1 
ATOM   1287 N NE  . ARG B 2 10  ? 5.644   -3.477  2.970   1.00 13.65  ? 812 ARG T NE  1 
ATOM   1288 C CZ  . ARG B 2 10  ? 5.180   -4.698  2.715   1.00 12.01  ? 812 ARG T CZ  1 
ATOM   1289 N NH1 . ARG B 2 10  ? 4.047   -4.884  2.046   1.00 13.50  ? 812 ARG T NH1 1 
ATOM   1290 N NH2 . ARG B 2 10  ? 5.877   -5.744  3.115   1.00 15.83  ? 812 ARG T NH2 1 
ATOM   1291 N N   . LYS B 2 11  ? 1.133   1.913   3.453   1.00 11.92  ? 813 LYS T N   1 
ATOM   1292 C CA  . LYS B 2 11  ? 0.689   3.300   3.264   1.00 12.60  ? 813 LYS T CA  1 
ATOM   1293 C C   . LYS B 2 11  ? 0.397   3.962   4.614   1.00 15.17  ? 813 LYS T C   1 
ATOM   1294 O O   . LYS B 2 11  ? 0.883   5.062   4.904   1.00 13.73  ? 813 LYS T O   1 
ATOM   1295 C CB  . LYS B 2 11  ? -0.549  3.323   2.366   1.00 12.42  ? 813 LYS T CB  1 
ATOM   1296 C CG  . LYS B 2 11  ? -1.210  4.681   2.182   1.00 9.64   ? 813 LYS T CG  1 
ATOM   1297 C CD  . LYS B 2 11  ? -2.668  4.535   1.766   1.00 11.76  ? 813 LYS T CD  1 
ATOM   1298 C CE  . LYS B 2 11  ? -3.560  4.123   2.944   1.00 11.29  ? 813 LYS T CE  1 
ATOM   1299 N NZ  . LYS B 2 11  ? -4.986  3.952   2.526   1.00 10.43  ? 813 LYS T NZ  1 
ATOM   1300 N N   . ARG B 2 12  ? -0.397  3.281   5.433   1.00 15.59  ? 814 ARG T N   1 
ATOM   1301 C CA  . ARG B 2 12  ? -0.732  3.776   6.772   1.00 17.73  ? 814 ARG T CA  1 
ATOM   1302 C C   . ARG B 2 12  ? 0.511   4.003   7.649   1.00 18.09  ? 814 ARG T C   1 
ATOM   1303 O O   . ARG B 2 12  ? 0.523   4.934   8.449   1.00 20.68  ? 814 ARG T O   1 
ATOM   1304 C CB  . ARG B 2 12  ? -1.715  2.824   7.463   1.00 18.09  ? 814 ARG T CB  1 
ATOM   1305 C CG  . ARG B 2 12  ? -3.104  2.758   6.812   1.00 22.13  ? 814 ARG T CG  1 
ATOM   1306 C CD  . ARG B 2 12  ? -3.896  4.043   6.994   1.00 27.67  ? 814 ARG T CD  1 
ATOM   1307 N NE  . ARG B 2 12  ? -4.297  4.243   8.387   1.00 27.26  ? 814 ARG T NE  1 
ATOM   1308 C CZ  . ARG B 2 12  ? -5.528  4.527   8.806   1.00 29.60  ? 814 ARG T CZ  1 
ATOM   1309 N NH1 . ARG B 2 12  ? -6.529  4.692   7.952   1.00 31.27  ? 814 ARG T NH1 1 
ATOM   1310 N NH2 . ARG B 2 12  ? -5.757  4.678   10.105  1.00 29.72  ? 814 ARG T NH2 1 
ATOM   1311 N N   . MET B 2 13  ? 1.543   3.168   7.487   1.00 20.62  ? 815 MET T N   1 
ATOM   1312 C CA  . MET B 2 13  ? 2.821   3.308   8.226   1.00 22.43  ? 815 MET T CA  1 
ATOM   1313 C C   . MET B 2 13  ? 3.500   4.657   8.012   1.00 24.36  ? 815 MET T C   1 
ATOM   1314 O O   . MET B 2 13  ? 4.183   5.163   8.903   1.00 24.44  ? 815 MET T O   1 
ATOM   1315 C CB  . MET B 2 13  ? 3.838   2.241   7.794   1.00 23.28  ? 815 MET T CB  1 
ATOM   1316 C CG  . MET B 2 13  ? 3.510   0.814   8.145   1.00 23.32  ? 815 MET T CG  1 
ATOM   1317 S SD  . MET B 2 13  ? 4.810   -0.314  7.575   1.00 24.71  ? 815 MET T SD  1 
ATOM   1318 C CE  . MET B 2 13  ? 3.945   -1.879  7.615   1.00 24.04  ? 815 MET T CE  1 
ATOM   1319 N N   . VAL B 2 14  ? 3.346   5.213   6.814   1.00 25.35  ? 816 VAL T N   1 
ATOM   1320 C CA  . VAL B 2 14  ? 3.972   6.482   6.455   1.00 27.77  ? 816 VAL T CA  1 
ATOM   1321 C C   . VAL B 2 14  ? 3.132   7.669   6.936   1.00 30.09  ? 816 VAL T C   1 
ATOM   1322 O O   . VAL B 2 14  ? 3.676   8.689   7.368   1.00 31.53  ? 816 VAL T O   1 
ATOM   1323 C CB  . VAL B 2 14  ? 4.186   6.570   4.924   1.00 26.34  ? 816 VAL T CB  1 
ATOM   1324 C CG1 . VAL B 2 14  ? 4.743   7.921   4.528   1.00 28.69  ? 816 VAL T CG1 1 
ATOM   1325 C CG2 . VAL B 2 14  ? 5.117   5.468   4.464   1.00 25.43  ? 816 VAL T CG2 1 
ATOM   1326 N N   . ALA B 2 15  ? 1.811   7.531   6.844   1.00 32.11  ? 817 ALA T N   1 
ATOM   1327 C CA  . ALA B 2 15  ? 0.878   8.583   7.249   1.00 33.09  ? 817 ALA T CA  1 
ATOM   1328 C C   . ALA B 2 15  ? -0.551  8.047   7.291   1.00 35.32  ? 817 ALA T C   1 
ATOM   1329 O O   . ALA B 2 15  ? -0.969  7.277   6.419   1.00 35.94  ? 817 ALA T O   1 
ATOM   1330 C CB  . ALA B 2 15  ? 0.967   9.766   6.297   1.00 33.93  ? 817 ALA T CB  1 
ATOM   1331 O OXT . ALA B 2 15  ? -1.320  8.372   8.198   1.00 36.85  ? 817 ALA T OXT 1 
HETATM 1332 O O   . HOH C 3 .   ? -2.726  -1.250  21.301  1.00 34.85  ? 205 HOH A O   1 
HETATM 1333 O O   . HOH C 3 .   ? 14.988  1.431   -4.685  1.00 27.40  ? 206 HOH A O   1 
HETATM 1334 O O   . HOH C 3 .   ? 1.586   -5.117  -1.125  1.00 19.66  ? 207 HOH A O   1 
HETATM 1335 O O   . HOH C 3 .   ? 9.632   12.502  0.469   1.00 20.01  ? 208 HOH A O   1 
HETATM 1336 O O   . HOH C 3 .   ? -12.686 -16.318 13.686  1.00 24.38  ? 209 HOH A O   1 
HETATM 1337 O O   . HOH C 3 .   ? -3.303  -12.958 19.308  1.00 31.92  ? 210 HOH A O   1 
HETATM 1338 O O   . HOH C 3 .   ? -3.527  2.745   -4.097  1.00 26.29  ? 211 HOH A O   1 
HETATM 1339 O O   . HOH C 3 .   ? 8.234   -5.398  4.899   1.00 23.87  ? 212 HOH A O   1 
HETATM 1340 O O   . HOH C 3 .   ? 18.056  15.736  -8.069  1.00 34.80  ? 213 HOH A O   1 
HETATM 1341 O O   . HOH C 3 .   ? -11.011 -11.149 -2.056  1.00 36.04  ? 214 HOH A O   1 
HETATM 1342 O O   . HOH C 3 .   ? -0.770  -4.110  -8.572  1.00 27.94  ? 215 HOH A O   1 
HETATM 1343 O O   . HOH C 3 .   ? 5.005   -6.683  -11.986 1.00 24.53  ? 216 HOH A O   1 
HETATM 1344 O O   . HOH C 3 .   ? 9.175   -4.832  -5.016  1.00 32.87  ? 217 HOH A O   1 
HETATM 1345 O O   . HOH C 3 .   ? -6.520  2.453   -11.196 1.00 35.01  ? 218 HOH A O   1 
HETATM 1346 O O   . HOH C 3 .   ? -4.114  -7.179  22.299  1.00 35.18  ? 219 HOH A O   1 
HETATM 1347 O O   . HOH C 3 .   ? -15.720 -8.657  10.856  1.00 33.55  ? 220 HOH A O   1 
HETATM 1348 O O   . HOH C 3 .   ? 16.060  8.642   -4.328  1.00 26.36  ? 221 HOH A O   1 
HETATM 1349 O O   . HOH C 3 .   ? 13.538  -5.558  -17.634 1.00 26.57  ? 222 HOH A O   1 
HETATM 1350 O O   . HOH C 3 .   ? -6.281  2.570   -3.806  1.00 29.54  ? 223 HOH A O   1 
HETATM 1351 O O   . HOH C 3 .   ? -10.364 -9.601  22.585  1.00 39.31  ? 224 HOH A O   1 
HETATM 1352 O O   . HOH C 3 .   ? -4.565  -17.323 17.409  1.00 34.79  ? 225 HOH A O   1 
HETATM 1353 O O   . HOH C 3 .   ? 12.356  -0.240  -21.140 1.00 38.24  ? 226 HOH A O   1 
HETATM 1354 O O   . HOH C 3 .   ? 11.141  -10.287 -5.247  1.00 49.08  ? 227 HOH A O   1 
HETATM 1355 O O   . HOH C 3 .   ? -1.848  -17.490 15.744  1.00 47.00  ? 228 HOH A O   1 
HETATM 1356 O O   . HOH C 3 .   ? 13.745  13.961  2.389   1.00 31.99  ? 229 HOH A O   1 
HETATM 1357 O O   . HOH C 3 .   ? -11.088 -15.201 18.015  1.00 42.35  ? 230 HOH A O   1 
HETATM 1358 O O   . HOH C 3 .   ? 7.642   3.667   2.252   1.00 25.20  ? 231 HOH A O   1 
HETATM 1359 O O   . HOH C 3 .   ? 8.962   12.828  4.552   1.00 31.30  ? 232 HOH A O   1 
HETATM 1360 O O   . HOH C 3 .   ? 10.965  19.647  -2.323  1.00 28.39  ? 233 HOH A O   1 
HETATM 1361 O O   . HOH C 3 .   ? -18.732 -0.832  9.564   1.00 30.17  ? 234 HOH A O   1 
HETATM 1362 O O   . HOH C 3 .   ? -2.841  -9.642  23.137  1.00 49.45  ? 235 HOH A O   1 
HETATM 1363 O O   . HOH C 3 .   ? 5.298   -9.521  -7.098  1.00 34.58  ? 236 HOH A O   1 
HETATM 1364 O O   . HOH C 3 .   ? -11.471 3.298   11.816  1.00 46.28  ? 237 HOH A O   1 
HETATM 1365 O O   . HOH C 3 .   ? 18.694  8.099   -7.518  1.00 46.30  ? 238 HOH A O   1 
HETATM 1366 O O   . HOH C 3 .   ? -1.903  15.222  -3.279  1.00 36.89  ? 239 HOH A O   1 
HETATM 1367 O O   . HOH C 3 .   ? -9.870  -21.691 4.936   1.00 36.11  ? 240 HOH A O   1 
HETATM 1368 O O   . HOH C 3 .   ? 9.793   -10.775 10.670  1.00 36.74  ? 241 HOH A O   1 
HETATM 1369 O O   . HOH C 3 .   ? 3.247   -1.364  10.718  1.00 31.35  ? 242 HOH A O   1 
HETATM 1370 O O   . HOH C 3 .   ? -1.396  -4.738  -6.147  1.00 23.24  ? 243 HOH A O   1 
HETATM 1371 O O   . HOH C 3 .   ? 10.408  -4.549  11.036  1.00 39.53  ? 244 HOH A O   1 
HETATM 1372 O O   . HOH C 3 .   ? 2.612   21.671  -2.281  1.00 42.54  ? 245 HOH A O   1 
HETATM 1373 O O   . HOH C 3 .   ? -16.360 -8.532  -3.646  1.00 55.32  ? 246 HOH A O   1 
HETATM 1374 O O   . HOH C 3 .   ? 7.886   -8.760  1.684   1.00 42.12  ? 247 HOH A O   1 
HETATM 1375 O O   . HOH C 3 .   ? 21.302  10.913  -12.787 1.00 44.97  ? 248 HOH A O   1 
HETATM 1376 O O   . HOH C 3 .   ? 16.092  13.300  1.173   1.00 40.40  ? 249 HOH A O   1 
HETATM 1377 O O   . HOH C 3 .   ? -3.254  -0.068  11.584  1.00 36.40  ? 250 HOH A O   1 
HETATM 1378 O O   . HOH C 3 .   ? -13.592 -9.054  21.655  1.00 42.01  ? 251 HOH A O   1 
HETATM 1379 O O   . HOH C 3 .   ? 11.629  11.540  4.586   1.00 29.59  ? 252 HOH A O   1 
HETATM 1380 O O   . HOH C 3 .   ? -14.274 0.154   -1.751  1.00 37.28  ? 253 HOH A O   1 
HETATM 1381 O O   . HOH C 3 .   ? 0.990   22.105  -9.853  1.00 49.31  ? 254 HOH A O   1 
HETATM 1382 O O   . HOH C 3 .   ? 16.585  4.464   -1.802  1.00 29.88  ? 255 HOH A O   1 
HETATM 1383 O O   . HOH C 3 .   ? -17.314 -1.472  4.209   1.00 46.63  ? 256 HOH A O   1 
HETATM 1384 O O   . HOH C 3 .   ? 16.764  15.805  -3.244  1.00 46.35  ? 257 HOH A O   1 
HETATM 1385 O O   . HOH C 3 .   ? -13.136 0.812   11.012  1.00 29.67  ? 258 HOH A O   1 
HETATM 1386 O O   . HOH C 3 .   ? -3.716  2.456   -12.953 1.00 47.75  ? 259 HOH A O   1 
HETATM 1387 O O   . HOH C 3 .   ? -0.054  -2.315  -11.624 1.00 30.18  ? 260 HOH A O   1 
HETATM 1388 O O   . HOH C 3 .   ? 14.131  13.725  -13.978 1.00 32.73  ? 261 HOH A O   1 
HETATM 1389 O O   . HOH C 3 .   ? -11.777 -4.702  16.263  0.50 24.96  ? 262 HOH A O   1 
HETATM 1390 O O   . HOH C 3 .   ? -9.088  -0.245  20.565  1.00 42.85  ? 263 HOH A O   1 
HETATM 1391 O O   . HOH C 3 .   ? 12.560  -2.571  -3.410  1.00 65.22  ? 264 HOH A O   1 
HETATM 1392 O O   . HOH C 3 .   ? 0.141   14.617  0.366   1.00 39.90  ? 265 HOH A O   1 
HETATM 1393 O O   . HOH C 3 .   ? -2.229  13.619  -1.311  1.00 38.95  ? 266 HOH A O   1 
HETATM 1394 O O   . HOH C 3 .   ? -6.148  1.549   19.506  1.00 68.55  ? 267 HOH A O   1 
HETATM 1395 O O   . HOH C 3 .   ? -10.964 -17.994 13.378  1.00 40.80  ? 268 HOH A O   1 
HETATM 1396 O O   . HOH C 3 .   ? 1.875   -18.997 15.348  1.00 38.10  ? 269 HOH A O   1 
HETATM 1397 O O   . HOH C 3 .   ? -4.471  0.755   21.515  1.00 53.62  ? 270 HOH A O   1 
HETATM 1398 O O   . HOH C 3 .   ? 14.558  17.261  -8.089  1.00 34.88  ? 271 HOH A O   1 
HETATM 1399 O O   . HOH C 3 .   ? -1.105  21.306  -1.815  1.00 64.81  ? 272 HOH A O   1 
HETATM 1400 O O   . HOH C 3 .   ? 15.286  -3.814  -13.901 1.00 35.57  ? 273 HOH A O   1 
HETATM 1401 O O   . HOH C 3 .   ? 9.899   2.833   0.667   1.00 31.93  ? 274 HOH A O   1 
HETATM 1402 O O   . HOH C 3 .   ? -7.897  -15.430 1.669   1.00 40.53  ? 275 HOH A O   1 
HETATM 1403 O O   . HOH C 3 .   ? 9.855   -0.075  -1.473  1.00 40.18  ? 276 HOH A O   1 
HETATM 1404 O O   . HOH C 3 .   ? 3.408   -2.782  18.867  1.00 30.46  ? 277 HOH A O   1 
HETATM 1405 O O   . HOH C 3 .   ? 1.198   0.920   16.523  1.00 45.36  ? 278 HOH A O   1 
HETATM 1406 O O   . HOH C 3 .   ? -6.052  -0.486  10.706  1.00 43.10  ? 279 HOH A O   1 
HETATM 1407 O O   . HOH C 3 .   ? 21.428  15.740  -6.621  1.00 50.98  ? 280 HOH A O   1 
HETATM 1408 O O   . HOH C 3 .   ? 10.104  -8.226  12.806  1.00 34.67  ? 281 HOH A O   1 
HETATM 1409 O O   . HOH C 3 .   ? 6.947   -1.575  12.625  1.00 50.38  ? 282 HOH A O   1 
HETATM 1410 O O   . HOH C 3 .   ? 8.478   -9.885  -11.805 1.00 49.65  ? 283 HOH A O   1 
HETATM 1411 O O   . HOH C 3 .   ? -3.909  2.201   -10.514 1.00 42.97  ? 284 HOH A O   1 
HETATM 1412 O O   . HOH C 3 .   ? 7.658   -2.286  4.744   1.00 27.85  ? 285 HOH A O   1 
HETATM 1413 O O   . HOH C 3 .   ? -6.094  0.590   25.328  1.00 42.30  ? 286 HOH A O   1 
HETATM 1414 O O   . HOH C 3 .   ? 7.524   0.243   4.227   1.00 42.99  ? 287 HOH A O   1 
HETATM 1415 O O   . HOH C 3 .   ? -10.492 1.376   -13.496 1.00 47.18  ? 288 HOH A O   1 
HETATM 1416 O O   . HOH C 3 .   ? 8.646   -0.758  15.554  1.00 53.27  ? 289 HOH A O   1 
HETATM 1417 O O   . HOH C 3 .   ? -7.876  -8.921  24.524  1.00 41.92  ? 290 HOH A O   1 
HETATM 1418 O O   . HOH C 3 .   ? 7.831   -11.818 7.531   1.00 41.62  ? 291 HOH A O   1 
HETATM 1419 O O   . HOH C 3 .   ? -4.822  7.816   3.270   1.00 55.49  ? 292 HOH A O   1 
HETATM 1420 O O   . HOH C 3 .   ? -6.669  19.480  -4.282  1.00 50.85  ? 293 HOH A O   1 
HETATM 1421 O O   . HOH C 3 .   ? 17.669  -3.910  -15.401 1.00 35.32  ? 294 HOH A O   1 
HETATM 1422 O O   . HOH C 3 .   ? 6.515   -10.173 -2.568  1.00 42.92  ? 295 HOH A O   1 
HETATM 1423 O O   . HOH C 3 .   ? 10.575  21.708  -3.997  1.00 43.90  ? 296 HOH A O   1 
HETATM 1424 O O   . HOH C 3 .   ? 5.478   -8.762  -10.139 1.00 45.64  ? 297 HOH A O   1 
HETATM 1425 O O   . HOH C 3 .   ? -18.938 -3.007  2.798   1.00 44.39  ? 298 HOH A O   1 
HETATM 1426 O O   . HOH C 3 .   ? 15.461  5.857   -15.963 1.00 40.62  ? 299 HOH A O   1 
HETATM 1427 O O   . HOH C 3 .   ? -16.742 -5.249  16.445  1.00 43.39  ? 300 HOH A O   1 
HETATM 1428 O O   . HOH C 3 .   ? -7.533  16.571  -5.049  1.00 71.02  ? 301 HOH A O   1 
HETATM 1429 O O   . HOH C 3 .   ? 9.013   -11.349 -9.470  1.00 38.57  ? 302 HOH A O   1 
HETATM 1430 O O   . HOH C 3 .   ? 11.757  -9.922  -9.324  1.00 40.18  ? 303 HOH A O   1 
HETATM 1431 O O   . HOH C 3 .   ? 12.661  -11.826 -7.648  1.00 36.35  ? 304 HOH A O   1 
HETATM 1432 O O   . HOH C 3 .   ? -10.306 3.949   -13.172 1.00 49.66  ? 305 HOH A O   1 
HETATM 1433 O O   . HOH C 3 .   ? -0.576  -11.195 19.618  1.00 47.41  ? 306 HOH A O   1 
HETATM 1434 O O   . HOH C 3 .   ? 5.174   -14.645 11.703  1.00 36.93  ? 307 HOH A O   1 
HETATM 1435 O O   . HOH C 3 .   ? -10.206 -19.434 15.829  0.50 22.19  ? 308 HOH A O   1 
HETATM 1436 O O   . HOH C 3 .   ? -11.705 -15.357 -0.038  1.00 37.32  ? 309 HOH A O   1 
HETATM 1437 O O   . HOH C 3 .   ? 17.426  3.544   -13.636 1.00 37.48  ? 310 HOH A O   1 
HETATM 1438 O O   . HOH C 3 .   ? 5.709   15.564  3.753   1.00 50.82  ? 311 HOH A O   1 
HETATM 1439 O O   . HOH C 3 .   ? -5.029  9.798   -2.012  1.00 48.80  ? 312 HOH A O   1 
HETATM 1440 O O   . HOH C 3 .   ? -20.955 -3.405  4.497   1.00 46.95  ? 313 HOH A O   1 
HETATM 1441 O O   . HOH C 3 .   ? -7.405  -3.378  -6.732  1.00 41.81  ? 314 HOH A O   1 
HETATM 1442 O O   . HOH C 3 .   ? -8.494  2.002   15.471  1.00 45.96  ? 315 HOH A O   1 
HETATM 1443 O O   . HOH C 3 .   ? 7.556   -14.249 5.088   1.00 66.01  ? 316 HOH A O   1 
HETATM 1444 O O   . HOH C 3 .   ? 4.652   18.072  -12.610 1.00 57.18  ? 317 HOH A O   1 
HETATM 1445 O O   . HOH C 3 .   ? -10.568 -4.976  -7.661  1.00 43.67  ? 318 HOH A O   1 
HETATM 1446 O O   . HOH C 3 .   ? 18.548  7.664   -4.348  1.00 32.89  ? 319 HOH A O   1 
HETATM 1447 O O   . HOH C 3 .   ? 19.845  2.594   -12.415 1.00 47.16  ? 320 HOH A O   1 
HETATM 1448 O O   . HOH C 3 .   ? 6.783   -15.789 7.814   1.00 50.78  ? 321 HOH A O   1 
HETATM 1449 O O   . HOH C 3 .   ? -17.169 -11.948 7.902   1.00 54.72  ? 322 HOH A O   1 
HETATM 1450 O O   . HOH C 3 .   ? 20.526  0.740   -8.455  1.00 61.21  ? 323 HOH A O   1 
HETATM 1451 O O   . HOH C 3 .   ? -8.151  5.617   -6.419  1.00 42.87  ? 324 HOH A O   1 
HETATM 1452 O O   . HOH C 3 .   ? -19.017 -12.791 9.687   1.00 60.26  ? 325 HOH A O   1 
HETATM 1453 O O   . HOH C 3 .   ? -3.390  0.206   -14.397 1.00 50.30  ? 326 HOH A O   1 
HETATM 1454 O O   . HOH C 3 .   ? 12.584  7.409   3.495   1.00 48.88  ? 327 HOH A O   1 
HETATM 1455 O O   . HOH C 3 .   ? -18.480 -8.594  13.372  1.00 46.82  ? 328 HOH A O   1 
HETATM 1456 O O   . HOH C 3 .   ? 16.213  7.609   -18.555 1.00 49.89  ? 329 HOH A O   1 
HETATM 1457 O O   . HOH C 3 .   ? 18.038  4.080   -16.649 1.00 49.73  ? 330 HOH A O   1 
HETATM 1458 O O   . HOH C 3 .   ? 12.191  -6.117  -7.505  1.00 38.48  ? 331 HOH A O   1 
HETATM 1459 O O   . HOH C 3 .   ? 12.329  -2.156  -6.025  1.00 46.38  ? 332 HOH A O   1 
HETATM 1460 O O   . HOH C 3 .   ? 5.130   -14.448 -0.082  1.00 49.77  ? 333 HOH A O   1 
HETATM 1461 O O   . HOH C 3 .   ? 4.577   -18.122 1.306   1.00 70.62  ? 334 HOH A O   1 
HETATM 1462 O O   . HOH C 3 .   ? -5.788  17.040  -7.095  1.00 58.15  ? 335 HOH A O   1 
HETATM 1463 O O   . HOH C 3 .   ? 1.719   -15.681 -1.131  1.00 39.97  ? 336 HOH A O   1 
HETATM 1464 O O   . HOH C 3 .   ? 0.143   7.837   4.017   1.00 41.91  ? 337 HOH A O   1 
HETATM 1465 O O   . HOH C 3 .   ? 17.864  14.415  -1.023  1.00 44.14  ? 338 HOH A O   1 
HETATM 1466 O O   . HOH C 3 .   ? 9.636   15.509  4.239   1.00 61.76  ? 339 HOH A O   1 
HETATM 1467 O O   . HOH C 3 .   ? -13.868 -15.034 17.663  1.00 34.20  ? 340 HOH A O   1 
HETATM 1468 O O   . HOH C 3 .   ? -18.892 -10.494 14.773  1.00 45.09  ? 341 HOH A O   1 
HETATM 1469 O O   . HOH C 3 .   ? 20.091  15.114  -3.802  1.00 53.13  ? 342 HOH A O   1 
HETATM 1470 O O   . HOH C 3 .   ? 8.959   -0.837  8.623   1.00 50.14  ? 343 HOH A O   1 
HETATM 1471 O O   . HOH C 3 .   ? -10.480 -16.310 15.663  1.00 46.81  ? 344 HOH A O   1 
HETATM 1472 O O   . HOH C 3 .   ? 2.127   15.222  -16.432 1.00 66.70  ? 345 HOH A O   1 
HETATM 1473 O O   . HOH C 3 .   ? -14.792 -7.076  20.254  1.00 55.73  ? 346 HOH A O   1 
HETATM 1474 O O   . HOH C 3 .   ? -19.828 0.664   7.823   1.00 40.87  ? 347 HOH A O   1 
HETATM 1475 O O   . HOH C 3 .   ? -0.168  -15.874 -3.054  1.00 78.44  ? 348 HOH A O   1 
HETATM 1476 O O   . HOH C 3 .   ? 1.261   -13.769 -3.986  1.00 48.67  ? 349 HOH A O   1 
HETATM 1477 O O   . HOH C 3 .   ? -3.408  2.649   11.812  1.00 41.91  ? 350 HOH A O   1 
HETATM 1478 O O   . HOH C 3 .   ? 13.466  19.873  -1.619  1.00 35.98  ? 351 HOH A O   1 
HETATM 1479 O O   . HOH C 3 .   ? -17.696 -9.370  8.537   1.00 49.82  ? 352 HOH A O   1 
HETATM 1480 O O   . HOH C 3 .   ? 9.697   -7.148  -3.626  1.00 45.98  ? 353 HOH A O   1 
HETATM 1481 O O   . HOH C 3 .   ? 11.905  -7.597  -5.153  1.00 41.85  ? 354 HOH A O   1 
HETATM 1482 O O   . HOH C 3 .   ? -11.091 2.451   14.999  1.00 46.95  ? 355 HOH A O   1 
HETATM 1483 O O   . HOH C 3 .   ? -1.741  -5.063  -10.889 1.00 48.22  ? 356 HOH A O   1 
HETATM 1484 O O   . HOH C 3 .   ? 8.678   -13.341 2.322   1.00 54.78  ? 357 HOH A O   1 
HETATM 1485 O O   . HOH C 3 .   ? 12.371  4.321   2.449   1.00 43.73  ? 358 HOH A O   1 
HETATM 1486 O O   . HOH C 3 .   ? -5.471  2.838   23.955  1.00 53.83  ? 359 HOH A O   1 
HETATM 1487 O O   . HOH C 3 .   ? 18.439  11.684  -2.277  1.00 54.70  ? 360 HOH A O   1 
HETATM 1488 O O   . HOH C 3 .   ? -5.592  1.705   12.628  1.00 52.28  ? 361 HOH A O   1 
HETATM 1489 O O   . HOH C 3 .   ? -4.803  19.102  -8.378  1.00 34.20  ? 362 HOH A O   1 
HETATM 1490 O O   . HOH C 3 .   ? -9.256  -4.402  -3.562  1.00 41.61  ? 363 HOH A O   1 
HETATM 1491 O O   . HOH C 3 .   ? 0.396   -9.798  16.207  1.00 39.96  ? 364 HOH A O   1 
HETATM 1492 O O   . HOH C 3 .   ? -8.919  -15.232 -0.698  1.00 57.08  ? 365 HOH A O   1 
HETATM 1493 O O   . HOH C 3 .   ? -2.450  19.019  -9.371  1.00 41.02  ? 366 HOH A O   1 
HETATM 1494 O O   . HOH C 3 .   ? -1.731  21.477  -9.034  1.00 37.20  ? 367 HOH A O   1 
HETATM 1495 O O   . HOH C 3 .   ? 10.820  -3.992  -7.336  1.00 42.78  ? 368 HOH A O   1 
HETATM 1496 O O   . HOH C 3 .   ? -1.041  -13.349 -1.658  1.00 46.82  ? 369 HOH A O   1 
HETATM 1497 O O   . HOH C 3 .   ? 3.128   -7.213  -13.841 1.00 41.18  ? 370 HOH A O   1 
HETATM 1498 O O   . HOH C 3 .   ? -17.673 -15.102 8.196   1.00 53.73  ? 371 HOH A O   1 
HETATM 1499 O O   . HOH C 3 .   ? 0.178   22.806  0.079   1.00 55.53  ? 372 HOH A O   1 
HETATM 1500 O O   . HOH C 3 .   ? 7.093   17.774  2.556   1.00 43.69  ? 373 HOH A O   1 
HETATM 1501 O O   . HOH C 3 .   ? -10.727 -5.025  18.285  0.50 33.22  ? 374 HOH A O   1 
HETATM 1502 O O   . HOH C 3 .   ? -12.876 -21.275 6.593   1.00 63.69  ? 375 HOH A O   1 
HETATM 1503 O O   . HOH C 3 .   ? -6.609  -1.761  -8.755  1.00 55.33  ? 376 HOH A O   1 
HETATM 1504 O O   . HOH C 3 .   ? 23.988  11.538  -3.907  1.00 63.64  ? 377 HOH A O   1 
HETATM 1505 O O   . HOH C 3 .   ? -11.203 2.208   -4.775  1.00 43.48  ? 378 HOH A O   1 
HETATM 1506 O O   . HOH C 3 .   ? -2.895  -0.190  -10.994 1.00 69.54  ? 379 HOH A O   1 
HETATM 1507 O O   . HOH C 3 .   ? -12.960 -16.548 16.349  1.00 39.59  ? 380 HOH A O   1 
HETATM 1508 O O   . HOH C 3 .   ? -2.943  19.366  -1.906  1.00 66.17  ? 381 HOH A O   1 
HETATM 1509 O O   . HOH C 3 .   ? -7.141  3.798   13.431  1.00 72.52  ? 382 HOH A O   1 
HETATM 1510 O O   . HOH C 3 .   ? -1.395  22.786  -6.725  1.00 61.69  ? 383 HOH A O   1 
HETATM 1511 O O   . HOH C 3 .   ? -5.979  8.060   -12.040 1.00 81.88  ? 384 HOH A O   1 
HETATM 1512 O O   . HOH C 3 .   ? -6.515  5.506   -12.708 1.00 62.52  ? 385 HOH A O   1 
HETATM 1513 O O   . HOH C 3 .   ? 5.436   11.119  6.147   1.00 62.37  ? 386 HOH A O   1 
HETATM 1514 O O   . HOH C 3 .   ? -10.242 13.517  -8.146  1.00 93.56  ? 387 HOH A O   1 
HETATM 1515 O O   . HOH C 3 .   ? 8.100   -4.048  -17.255 1.00 64.30  ? 388 HOH A O   1 
HETATM 1516 O O   . HOH C 3 .   ? 3.667   20.783  -10.181 1.00 93.00  ? 389 HOH A O   1 
HETATM 1517 O O   . HOH C 3 .   ? 9.550   0.178   1.098   1.00 69.61  ? 390 HOH A O   1 
HETATM 1518 O O   . HOH C 3 .   ? -16.066 -17.533 6.168   1.00 54.15  ? 391 HOH A O   1 
HETATM 1519 O O   . HOH C 3 .   ? 1.928   -16.214 15.265  1.00 92.18  ? 392 HOH A O   1 
HETATM 1520 O O   . HOH C 3 .   ? 8.484   -9.679  -4.335  1.00 48.03  ? 393 HOH A O   1 
HETATM 1521 O O   . HOH C 3 .   ? -7.510  -17.918 18.280  1.00 104.10 ? 394 HOH A O   1 
HETATM 1522 O O   . HOH C 3 .   ? 2.339   17.585  -13.299 1.00 62.91  ? 395 HOH A O   1 
HETATM 1523 O O   . HOH C 3 .   ? -7.928  7.258   1.725   1.00 52.29  ? 396 HOH A O   1 
HETATM 1524 O O   . HOH C 3 .   ? -7.266  -0.079  -10.754 1.00 62.44  ? 397 HOH A O   1 
HETATM 1525 O O   . HOH C 3 .   ? -9.583  12.162  -10.944 1.00 81.77  ? 398 HOH A O   1 
HETATM 1526 O O   . HOH C 3 .   ? -19.125 -6.723  4.770   1.00 57.66  ? 399 HOH A O   1 
HETATM 1527 O O   . HOH C 3 .   ? 3.029   11.939  5.140   1.00 74.68  ? 400 HOH A O   1 
HETATM 1528 O O   . HOH C 3 .   ? 2.538   -0.526  18.022  1.00 60.46  ? 401 HOH A O   1 
HETATM 1529 O O   . HOH C 3 .   ? -14.907 -19.865 5.872   1.00 49.05  ? 402 HOH A O   1 
HETATM 1530 O O   . HOH C 3 .   ? 10.602  17.778  -12.394 1.00 65.50  ? 403 HOH A O   1 
HETATM 1531 O O   . HOH C 3 .   ? -9.451  -20.918 15.411  0.50 38.99  ? 404 HOH A O   1 
HETATM 1532 O O   . HOH C 3 .   ? 19.994  17.860  -3.042  1.00 54.03  ? 405 HOH A O   1 
HETATM 1533 O O   . HOH C 3 .   ? 1.033   -12.108 17.700  1.00 45.36  ? 406 HOH A O   1 
HETATM 1534 O O   . HOH C 3 .   ? -12.524 2.903   9.557   1.00 51.00  ? 407 HOH A O   1 
HETATM 1535 O O   . HOH C 3 .   ? -13.219 -14.498 -2.145  1.00 50.43  ? 408 HOH A O   1 
HETATM 1536 O O   . HOH C 3 .   ? -4.676  17.656  -3.025  1.00 71.14  ? 409 HOH A O   1 
HETATM 1537 O O   . HOH D 3 .   ? 1.952   0.564   -0.263  1.00 20.30  ? 5   HOH T O   1 
HETATM 1538 O O   . HOH D 3 .   ? 3.182   -3.148  -0.181  1.00 22.21  ? 28  HOH T O   1 
HETATM 1539 O O   . HOH D 3 .   ? -2.419  -11.303 -2.717  1.00 26.99  ? 35  HOH T O   1 
HETATM 1540 O O   . HOH D 3 .   ? -8.860  -6.948  -4.045  1.00 35.52  ? 36  HOH T O   1 
HETATM 1541 O O   . HOH D 3 .   ? -5.563  6.131   1.040   1.00 32.62  ? 38  HOH T O   1 
HETATM 1542 O O   . HOH D 3 .   ? 5.622   2.189   4.747   1.00 34.54  ? 47  HOH T O   1 
HETATM 1543 O O   . HOH D 3 .   ? -7.155  -12.153 -4.546  1.00 39.03  ? 51  HOH T O   1 
HETATM 1544 O O   . HOH D 3 .   ? -4.957  -12.726 -1.847  1.00 36.91  ? 54  HOH T O   1 
HETATM 1545 O O   . HOH D 3 .   ? -2.692  -7.151  -5.663  1.00 26.92  ? 76  HOH T O   1 
HETATM 1546 O O   . HOH D 3 .   ? -7.159  -14.226 -2.426  1.00 52.88  ? 114 HOH T O   1 
HETATM 1547 O O   . HOH D 3 .   ? -7.060  -7.281  -6.271  1.00 38.62  ? 138 HOH T O   1 
HETATM 1548 O O   . HOH D 3 .   ? 0.666   1.541   11.127  0.50 22.37  ? 143 HOH T O   1 
HETATM 1549 O O   . HOH D 3 .   ? -1.521  11.252  7.596   1.00 66.07  ? 151 HOH T O   1 
HETATM 1550 O O   . HOH D 3 .   ? -5.883  -14.495 -4.815  1.00 77.76  ? 166 HOH T O   1 
HETATM 1551 O O   . HOH D 3 .   ? 2.622   9.268   10.101  1.00 52.59  ? 179 HOH T O   1 
HETATM 1552 O O   . HOH D 3 .   ? -3.721  7.090   6.148   1.00 41.45  ? 180 HOH T O   1 
HETATM 1553 O O   . HOH D 3 .   ? -4.835  -6.890  -7.273  1.00 45.20  ? 183 HOH T O   1 
HETATM 1554 O O   . HOH D 3 .   ? -9.024  -12.722 -1.488  1.00 85.23  ? 216 HOH T O   1 
HETATM 1555 O O   . HOH D 3 .   ? -2.384  7.540   3.936   1.00 58.87  ? 225 HOH T O   1 
HETATM 1556 O O   . HOH D 3 .   ? -4.334  8.543   8.503   1.00 54.69  ? 233 HOH T O   1 
HETATM 1557 O O   . HOH D 3 .   ? 6.148   -3.633  -1.455  1.00 45.20  ? 236 HOH T O   1 
HETATM 1558 O O   . HOH D 3 .   ? 4.155   4.501   11.790  1.00 47.90  ? 244 HOH T O   1 
HETATM 1559 O O   . HOH D 3 .   ? 0.827   0.415   9.598   0.50 31.21  ? 246 HOH T O   1 
# 
